data_4IYE
# 
_entry.id   4IYE 
# 
_audit_conform.dict_name       mmcif_pdbx.dic 
_audit_conform.dict_version    5.399 
_audit_conform.dict_location   http://mmcif.pdb.org/dictionaries/ascii/mmcif_pdbx.dic 
# 
loop_
_database_2.database_id 
_database_2.database_code 
_database_2.pdbx_database_accession 
_database_2.pdbx_DOI 
PDB   4IYE         pdb_00004iye 10.2210/pdb4iye/pdb 
RCSB  RCSB077365   ?            ?                   
WWPDB D_1000077365 ?            ?                   
# 
loop_
_pdbx_audit_revision_history.ordinal 
_pdbx_audit_revision_history.data_content_type 
_pdbx_audit_revision_history.major_revision 
_pdbx_audit_revision_history.minor_revision 
_pdbx_audit_revision_history.revision_date 
1 'Structure model' 1 0 2013-05-08 
2 'Structure model' 1 1 2013-08-28 
3 'Structure model' 1 2 2023-09-20 
4 'Structure model' 1 3 2024-11-27 
# 
_pdbx_audit_revision_details.ordinal             1 
_pdbx_audit_revision_details.revision_ordinal    1 
_pdbx_audit_revision_details.data_content_type   'Structure model' 
_pdbx_audit_revision_details.provider            repository 
_pdbx_audit_revision_details.type                'Initial release' 
_pdbx_audit_revision_details.description         ? 
_pdbx_audit_revision_details.details             ? 
# 
loop_
_pdbx_audit_revision_group.ordinal 
_pdbx_audit_revision_group.revision_ordinal 
_pdbx_audit_revision_group.data_content_type 
_pdbx_audit_revision_group.group 
1 2 'Structure model' 'Database references'    
2 3 'Structure model' 'Data collection'        
3 3 'Structure model' 'Database references'    
4 3 'Structure model' 'Derived calculations'   
5 3 'Structure model' 'Refinement description' 
6 4 'Structure model' 'Structure summary'      
# 
loop_
_pdbx_audit_revision_category.ordinal 
_pdbx_audit_revision_category.revision_ordinal 
_pdbx_audit_revision_category.data_content_type 
_pdbx_audit_revision_category.category 
1 3 'Structure model' chem_comp_atom                
2 3 'Structure model' chem_comp_bond                
3 3 'Structure model' database_2                    
4 3 'Structure model' pdbx_initial_refinement_model 
5 3 'Structure model' struct_ref_seq_dif            
6 3 'Structure model' struct_site                   
7 4 'Structure model' pdbx_entry_details            
8 4 'Structure model' pdbx_modification_feature     
# 
loop_
_pdbx_audit_revision_item.ordinal 
_pdbx_audit_revision_item.revision_ordinal 
_pdbx_audit_revision_item.data_content_type 
_pdbx_audit_revision_item.item 
1 3 'Structure model' '_database_2.pdbx_DOI'                
2 3 'Structure model' '_database_2.pdbx_database_accession' 
3 3 'Structure model' '_struct_ref_seq_dif.details'         
4 3 'Structure model' '_struct_site.pdbx_auth_asym_id'      
5 3 'Structure model' '_struct_site.pdbx_auth_comp_id'      
6 3 'Structure model' '_struct_site.pdbx_auth_seq_id'       
# 
_pdbx_database_status.status_code                     REL 
_pdbx_database_status.entry_id                        4IYE 
_pdbx_database_status.recvd_initial_deposition_date   2013-01-28 
_pdbx_database_status.deposit_site                    RCSB 
_pdbx_database_status.process_site                    RCSB 
_pdbx_database_status.status_code_sf                  REL 
_pdbx_database_status.status_code_mr                  ? 
_pdbx_database_status.SG_entry                        ? 
_pdbx_database_status.status_code_cs                  ? 
_pdbx_database_status.methods_development_category    ? 
_pdbx_database_status.pdb_format_compatible           Y 
_pdbx_database_status.status_code_nmr_data            ? 
# 
loop_
_pdbx_database_related.db_name 
_pdbx_database_related.db_id 
_pdbx_database_related.details 
_pdbx_database_related.content_type 
PDB 2VLW 'Crystal structure of the muscarinic toxin MT7 diiodotyr51 derivative'                                   unspecified 
PDB 3FEV 'Crystal structure of the chimeric muscarinic toxin MT7 with loop 1 from MT1'                            unspecified 
PDB 3NEQ 'Crystal structure of the chimeric muscarinic toxin MT7 with loop 3 from MT1'                            unspecified 
PDB 4DO8 'Crystal structure of the muscarinic toxin MT1'                                                          unspecified 
PDB 1FF4 'X-RAY STRUCTURE OF MUSCARINIC TOXIN 2 AT 1.5 ANGSTROM RESOLUTION'                                       unspecified 
PDB 2H5F 'Denmotoxin: A the three-finger toxin from colubrid snake Boiga dendrophila with bird-specific activity' unspecified 
PDB 2H7Z 'Crystal structure of irditoxin'                                                                         unspecified 
# 
loop_
_audit_author.name 
_audit_author.pdbx_ordinal 
'Stura, E.A.'   1 
'Vera, L.'      2 
'Maiga, A.A.'   3 
'Marchetti, C.' 4 
'Lorphelin, A.' 5 
'Bellanger, L.' 6 
'Servant, D.'   7 
'Gilles, N.'    8 
# 
loop_
_citation.id 
_citation.title 
_citation.journal_abbrev 
_citation.journal_volume 
_citation.page_first 
_citation.page_last 
_citation.year 
_citation.journal_id_ASTM 
_citation.country 
_citation.journal_id_ISSN 
_citation.journal_id_CSD 
_citation.book_publisher 
_citation.pdbx_database_id_PubMed 
_citation.pdbx_database_id_DOI 
primary 
'Crystallization of recombinant green mamba rho-Da1a toxin during a lyophilization procedure and its structure determination.' 
'Acta Crystallogr.,Sect.F' 69 704 709 2013 ? DK 1744-3091 ? ? 23722859 10.1107/S1744309113011470 
1       'Crystallization of Da1a from Green mamba venom during lyophilization' 'Acta Crystallogr.,Sect.F' ?  ?   ?   ?    ? DK 
1744-3091 ? ? ?        ?                         
# 
loop_
_citation_author.citation_id 
_citation_author.name 
_citation_author.ordinal 
_citation_author.identifier_ORCID 
primary 'Maiga, A.'     1 ? 
primary 'Vera, L.'      2 ? 
primary 'Marchetti, C.' 3 ? 
primary 'Lorphelin, A.' 4 ? 
primary 'Bellanger, L.' 5 ? 
primary 'Mourier, G.'   6 ? 
primary 'Servent, D.'   7 ? 
primary 'Gilles, N.'    8 ? 
primary 'Stura, E.A.'   9 ? 
# 
loop_
_entity.id 
_entity.type 
_entity.src_method 
_entity.pdbx_description 
_entity.formula_weight 
_entity.pdbx_number_of_molecules 
_entity.pdbx_ec 
_entity.pdbx_mutation 
_entity.pdbx_fragment 
_entity.details 
1 polymer     man 'Toxin AdTx1'           7300.272 1  ? K34A Rho-Da1a ? 
2 non-polymer syn 1,2-ETHANEDIOL          62.068   1  ? ?    ?        ? 
3 non-polymer syn 'DI(HYDROXYETHYL)ETHER' 106.120  2  ? ?    ?        ? 
4 water       nat water                   18.015   70 ? ?    ?        ? 
# 
_entity_name_com.entity_id   1 
_entity_name_com.name        Rho-EPTX-Da1a 
# 
_entity_poly.entity_id                      1 
_entity_poly.type                           'polypeptide(L)' 
_entity_poly.nstd_linkage                   no 
_entity_poly.nstd_monomer                   no 
_entity_poly.pdbx_seq_one_letter_code       GLTCVTSKSIFGITTEDCPDGQNLCFKRRHYVVPAIYDSTRGCAATCPIPENYDSIHCCKTDKCNE 
_entity_poly.pdbx_seq_one_letter_code_can   GLTCVTSKSIFGITTEDCPDGQNLCFKRRHYVVPAIYDSTRGCAATCPIPENYDSIHCCKTDKCNE 
_entity_poly.pdbx_strand_id                 A 
_entity_poly.pdbx_target_identifier         ? 
# 
loop_
_pdbx_entity_nonpoly.entity_id 
_pdbx_entity_nonpoly.name 
_pdbx_entity_nonpoly.comp_id 
2 1,2-ETHANEDIOL          EDO 
3 'DI(HYDROXYETHYL)ETHER' PEG 
4 water                   HOH 
# 
loop_
_entity_poly_seq.entity_id 
_entity_poly_seq.num 
_entity_poly_seq.mon_id 
_entity_poly_seq.hetero 
1 1  GLY n 
1 2  LEU n 
1 3  THR n 
1 4  CYS n 
1 5  VAL n 
1 6  THR n 
1 7  SER n 
1 8  LYS n 
1 9  SER n 
1 10 ILE n 
1 11 PHE n 
1 12 GLY n 
1 13 ILE n 
1 14 THR n 
1 15 THR n 
1 16 GLU n 
1 17 ASP n 
1 18 CYS n 
1 19 PRO n 
1 20 ASP n 
1 21 GLY n 
1 22 GLN n 
1 23 ASN n 
1 24 LEU n 
1 25 CYS n 
1 26 PHE n 
1 27 LYS n 
1 28 ARG n 
1 29 ARG n 
1 30 HIS n 
1 31 TYR n 
1 32 VAL n 
1 33 VAL n 
1 34 PRO n 
1 35 ALA n 
1 36 ILE n 
1 37 TYR n 
1 38 ASP n 
1 39 SER n 
1 40 THR n 
1 41 ARG n 
1 42 GLY n 
1 43 CYS n 
1 44 ALA n 
1 45 ALA n 
1 46 THR n 
1 47 CYS n 
1 48 PRO n 
1 49 ILE n 
1 50 PRO n 
1 51 GLU n 
1 52 ASN n 
1 53 TYR n 
1 54 ASP n 
1 55 SER n 
1 56 ILE n 
1 57 HIS n 
1 58 CYS n 
1 59 CYS n 
1 60 LYS n 
1 61 THR n 
1 62 ASP n 
1 63 LYS n 
1 64 CYS n 
1 65 ASN n 
1 66 GLU n 
# 
_entity_src_gen.entity_id                          1 
_entity_src_gen.pdbx_src_id                        1 
_entity_src_gen.pdbx_alt_source_flag               sample 
_entity_src_gen.pdbx_seq_type                      ? 
_entity_src_gen.pdbx_beg_seq_num                   ? 
_entity_src_gen.pdbx_end_seq_num                   ? 
_entity_src_gen.gene_src_common_name               'Eastern green mamba' 
_entity_src_gen.gene_src_genus                     ? 
_entity_src_gen.pdbx_gene_src_gene                 ? 
_entity_src_gen.gene_src_species                   ? 
_entity_src_gen.gene_src_strain                    angusticeps 
_entity_src_gen.gene_src_tissue                    ? 
_entity_src_gen.gene_src_tissue_fraction           ? 
_entity_src_gen.gene_src_details                   ? 
_entity_src_gen.pdbx_gene_src_fragment             ? 
_entity_src_gen.pdbx_gene_src_scientific_name      'Dendroaspis angusticeps' 
_entity_src_gen.pdbx_gene_src_ncbi_taxonomy_id     8618 
_entity_src_gen.pdbx_gene_src_variant              ? 
_entity_src_gen.pdbx_gene_src_cell_line            ? 
_entity_src_gen.pdbx_gene_src_atcc                 ? 
_entity_src_gen.pdbx_gene_src_organ                'Venom gland' 
_entity_src_gen.pdbx_gene_src_organelle            ? 
_entity_src_gen.pdbx_gene_src_cell                 ? 
_entity_src_gen.pdbx_gene_src_cellular_location    ? 
_entity_src_gen.host_org_common_name               ? 
_entity_src_gen.pdbx_host_org_scientific_name      'Escherichia coli' 
_entity_src_gen.pdbx_host_org_ncbi_taxonomy_id     562 
_entity_src_gen.host_org_genus                     ? 
_entity_src_gen.pdbx_host_org_gene                 ? 
_entity_src_gen.pdbx_host_org_organ                ? 
_entity_src_gen.host_org_species                   ? 
_entity_src_gen.pdbx_host_org_tissue               ? 
_entity_src_gen.pdbx_host_org_tissue_fraction      ? 
_entity_src_gen.pdbx_host_org_strain               BL21 
_entity_src_gen.pdbx_host_org_variant              ? 
_entity_src_gen.pdbx_host_org_cell_line            ? 
_entity_src_gen.pdbx_host_org_atcc                 ? 
_entity_src_gen.pdbx_host_org_culture_collection   ? 
_entity_src_gen.pdbx_host_org_cell                 ? 
_entity_src_gen.pdbx_host_org_organelle            ? 
_entity_src_gen.pdbx_host_org_cellular_location    ? 
_entity_src_gen.pdbx_host_org_vector_type          ? 
_entity_src_gen.pdbx_host_org_vector               ? 
_entity_src_gen.host_org_details                   ? 
_entity_src_gen.expression_system_id               ? 
_entity_src_gen.plasmid_name                       'pENTRE plasmid' 
_entity_src_gen.plasmid_details                    
'The synthetic gene corresponds to the ENLYFQG-rho-Da1a protein flanked by the attB1 and attB2 sequences' 
_entity_src_gen.pdbx_description                   ? 
# 
loop_
_chem_comp.id 
_chem_comp.type 
_chem_comp.mon_nstd_flag 
_chem_comp.name 
_chem_comp.pdbx_synonyms 
_chem_comp.formula 
_chem_comp.formula_weight 
ALA 'L-peptide linking' y ALANINE                 ?                 'C3 H7 N O2'     89.093  
ARG 'L-peptide linking' y ARGININE                ?                 'C6 H15 N4 O2 1' 175.209 
ASN 'L-peptide linking' y ASPARAGINE              ?                 'C4 H8 N2 O3'    132.118 
ASP 'L-peptide linking' y 'ASPARTIC ACID'         ?                 'C4 H7 N O4'     133.103 
CYS 'L-peptide linking' y CYSTEINE                ?                 'C3 H7 N O2 S'   121.158 
EDO non-polymer         . 1,2-ETHANEDIOL          'ETHYLENE GLYCOL' 'C2 H6 O2'       62.068  
GLN 'L-peptide linking' y GLUTAMINE               ?                 'C5 H10 N2 O3'   146.144 
GLU 'L-peptide linking' y 'GLUTAMIC ACID'         ?                 'C5 H9 N O4'     147.129 
GLY 'peptide linking'   y GLYCINE                 ?                 'C2 H5 N O2'     75.067  
HIS 'L-peptide linking' y HISTIDINE               ?                 'C6 H10 N3 O2 1' 156.162 
HOH non-polymer         . WATER                   ?                 'H2 O'           18.015  
ILE 'L-peptide linking' y ISOLEUCINE              ?                 'C6 H13 N O2'    131.173 
LEU 'L-peptide linking' y LEUCINE                 ?                 'C6 H13 N O2'    131.173 
LYS 'L-peptide linking' y LYSINE                  ?                 'C6 H15 N2 O2 1' 147.195 
PEG non-polymer         . 'DI(HYDROXYETHYL)ETHER' ?                 'C4 H10 O3'      106.120 
PHE 'L-peptide linking' y PHENYLALANINE           ?                 'C9 H11 N O2'    165.189 
PRO 'L-peptide linking' y PROLINE                 ?                 'C5 H9 N O2'     115.130 
SER 'L-peptide linking' y SERINE                  ?                 'C3 H7 N O3'     105.093 
THR 'L-peptide linking' y THREONINE               ?                 'C4 H9 N O3'     119.119 
TYR 'L-peptide linking' y TYROSINE                ?                 'C9 H11 N O3'    181.189 
VAL 'L-peptide linking' y VALINE                  ?                 'C5 H11 N O2'    117.146 
# 
loop_
_pdbx_poly_seq_scheme.asym_id 
_pdbx_poly_seq_scheme.entity_id 
_pdbx_poly_seq_scheme.seq_id 
_pdbx_poly_seq_scheme.mon_id 
_pdbx_poly_seq_scheme.ndb_seq_num 
_pdbx_poly_seq_scheme.pdb_seq_num 
_pdbx_poly_seq_scheme.auth_seq_num 
_pdbx_poly_seq_scheme.pdb_mon_id 
_pdbx_poly_seq_scheme.auth_mon_id 
_pdbx_poly_seq_scheme.pdb_strand_id 
_pdbx_poly_seq_scheme.pdb_ins_code 
_pdbx_poly_seq_scheme.hetero 
A 1 1  GLY 1  0  0  GLY GLY A . n 
A 1 2  LEU 2  1  1  LEU LEU A . n 
A 1 3  THR 3  2  2  THR THR A . n 
A 1 4  CYS 4  3  3  CYS CYS A . n 
A 1 5  VAL 5  4  4  VAL VAL A . n 
A 1 6  THR 6  5  5  THR THR A . n 
A 1 7  SER 7  6  6  SER SER A . n 
A 1 8  LYS 8  7  7  LYS LYS A . n 
A 1 9  SER 9  8  8  SER SER A . n 
A 1 10 ILE 10 9  9  ILE ILE A . n 
A 1 11 PHE 11 10 10 PHE PHE A . n 
A 1 12 GLY 12 11 11 GLY GLY A . n 
A 1 13 ILE 13 12 12 ILE ILE A . n 
A 1 14 THR 14 13 13 THR THR A . n 
A 1 15 THR 15 14 14 THR THR A . n 
A 1 16 GLU 16 15 15 GLU GLU A . n 
A 1 17 ASP 17 16 16 ASP ASP A . n 
A 1 18 CYS 18 17 17 CYS CYS A . n 
A 1 19 PRO 19 18 18 PRO PRO A . n 
A 1 20 ASP 20 19 19 ASP ASP A . n 
A 1 21 GLY 21 20 20 GLY GLY A . n 
A 1 22 GLN 22 21 21 GLN GLN A . n 
A 1 23 ASN 23 22 22 ASN ASN A . n 
A 1 24 LEU 24 23 23 LEU LEU A . n 
A 1 25 CYS 25 24 24 CYS CYS A . n 
A 1 26 PHE 26 25 25 PHE PHE A . n 
A 1 27 LYS 27 26 26 LYS LYS A . n 
A 1 28 ARG 28 27 27 ARG ARG A . n 
A 1 29 ARG 29 28 28 ARG ARG A . n 
A 1 30 HIS 30 29 29 HIS HIS A . n 
A 1 31 TYR 31 30 30 TYR TYR A . n 
A 1 32 VAL 32 31 31 VAL VAL A . n 
A 1 33 VAL 33 32 32 VAL VAL A . n 
A 1 34 PRO 34 33 33 PRO PRO A . n 
A 1 35 ALA 35 34 34 ALA ALA A . n 
A 1 36 ILE 36 35 35 ILE ILE A . n 
A 1 37 TYR 37 36 36 TYR TYR A . n 
A 1 38 ASP 38 37 37 ASP ASP A . n 
A 1 39 SER 39 38 38 SER SER A . n 
A 1 40 THR 40 39 39 THR THR A . n 
A 1 41 ARG 41 40 40 ARG ARG A . n 
A 1 42 GLY 42 41 41 GLY GLY A . n 
A 1 43 CYS 43 42 42 CYS CYS A . n 
A 1 44 ALA 44 43 43 ALA ALA A . n 
A 1 45 ALA 45 44 44 ALA ALA A . n 
A 1 46 THR 46 45 45 THR THR A . n 
A 1 47 CYS 47 46 46 CYS CYS A . n 
A 1 48 PRO 48 47 47 PRO PRO A . n 
A 1 49 ILE 49 48 48 ILE ILE A . n 
A 1 50 PRO 50 49 49 PRO PRO A . n 
A 1 51 GLU 51 50 50 GLU GLU A . n 
A 1 52 ASN 52 51 51 ASN ASN A . n 
A 1 53 TYR 53 52 52 TYR TYR A . n 
A 1 54 ASP 54 53 53 ASP ASP A . n 
A 1 55 SER 55 54 54 SER SER A . n 
A 1 56 ILE 56 55 55 ILE ILE A . n 
A 1 57 HIS 57 56 56 HIS HIS A . n 
A 1 58 CYS 58 57 57 CYS CYS A . n 
A 1 59 CYS 59 58 58 CYS CYS A . n 
A 1 60 LYS 60 59 59 LYS LYS A . n 
A 1 61 THR 61 60 60 THR THR A . n 
A 1 62 ASP 62 61 61 ASP ASP A . n 
A 1 63 LYS 63 62 62 LYS LYS A . n 
A 1 64 CYS 64 63 63 CYS CYS A . n 
A 1 65 ASN 65 64 64 ASN ASN A . n 
A 1 66 GLU 66 65 65 GLU GLU A . n 
# 
loop_
_pdbx_nonpoly_scheme.asym_id 
_pdbx_nonpoly_scheme.entity_id 
_pdbx_nonpoly_scheme.mon_id 
_pdbx_nonpoly_scheme.ndb_seq_num 
_pdbx_nonpoly_scheme.pdb_seq_num 
_pdbx_nonpoly_scheme.auth_seq_num 
_pdbx_nonpoly_scheme.pdb_mon_id 
_pdbx_nonpoly_scheme.auth_mon_id 
_pdbx_nonpoly_scheme.pdb_strand_id 
_pdbx_nonpoly_scheme.pdb_ins_code 
B 2 EDO 1  101 1  EDO EDO A . 
C 3 PEG 1  102 2  PEG PEG A . 
D 3 PEG 1  103 3  PEG PEG A . 
E 4 HOH 1  201 1  HOH HOH A . 
E 4 HOH 2  202 2  HOH HOH A . 
E 4 HOH 3  203 3  HOH HOH A . 
E 4 HOH 4  204 4  HOH HOH A . 
E 4 HOH 5  205 5  HOH HOH A . 
E 4 HOH 6  206 6  HOH HOH A . 
E 4 HOH 7  207 7  HOH HOH A . 
E 4 HOH 8  208 8  HOH HOH A . 
E 4 HOH 9  209 9  HOH HOH A . 
E 4 HOH 10 210 10 HOH HOH A . 
E 4 HOH 11 211 11 HOH HOH A . 
E 4 HOH 12 212 12 HOH HOH A . 
E 4 HOH 13 213 13 HOH HOH A . 
E 4 HOH 14 214 14 HOH HOH A . 
E 4 HOH 15 215 15 HOH HOH A . 
E 4 HOH 16 216 16 HOH HOH A . 
E 4 HOH 17 217 17 HOH HOH A . 
E 4 HOH 18 218 18 HOH HOH A . 
E 4 HOH 19 219 19 HOH HOH A . 
E 4 HOH 20 220 20 HOH HOH A . 
E 4 HOH 21 221 21 HOH HOH A . 
E 4 HOH 22 222 22 HOH HOH A . 
E 4 HOH 23 223 23 HOH HOH A . 
E 4 HOH 24 224 24 HOH HOH A . 
E 4 HOH 25 225 25 HOH HOH A . 
E 4 HOH 26 226 26 HOH HOH A . 
E 4 HOH 27 227 27 HOH HOH A . 
E 4 HOH 28 228 28 HOH HOH A . 
E 4 HOH 29 229 29 HOH HOH A . 
E 4 HOH 30 230 30 HOH HOH A . 
E 4 HOH 31 231 31 HOH HOH A . 
E 4 HOH 32 232 32 HOH HOH A . 
E 4 HOH 33 233 33 HOH HOH A . 
E 4 HOH 34 234 34 HOH HOH A . 
E 4 HOH 35 235 35 HOH HOH A . 
E 4 HOH 36 236 36 HOH HOH A . 
E 4 HOH 37 237 37 HOH HOH A . 
E 4 HOH 38 238 38 HOH HOH A . 
E 4 HOH 39 239 39 HOH HOH A . 
E 4 HOH 40 240 40 HOH HOH A . 
E 4 HOH 41 241 41 HOH HOH A . 
E 4 HOH 42 242 42 HOH HOH A . 
E 4 HOH 43 243 43 HOH HOH A . 
E 4 HOH 44 244 44 HOH HOH A . 
E 4 HOH 45 245 45 HOH HOH A . 
E 4 HOH 46 246 46 HOH HOH A . 
E 4 HOH 47 247 47 HOH HOH A . 
E 4 HOH 48 248 48 HOH HOH A . 
E 4 HOH 49 249 49 HOH HOH A . 
E 4 HOH 50 250 50 HOH HOH A . 
E 4 HOH 51 251 51 HOH HOH A . 
E 4 HOH 52 252 52 HOH HOH A . 
E 4 HOH 53 253 53 HOH HOH A . 
E 4 HOH 54 254 54 HOH HOH A . 
E 4 HOH 55 255 55 HOH HOH A . 
E 4 HOH 56 256 56 HOH HOH A . 
E 4 HOH 57 257 57 HOH HOH A . 
E 4 HOH 58 258 58 HOH HOH A . 
E 4 HOH 59 259 60 HOH HOH A . 
E 4 HOH 60 260 61 HOH HOH A . 
E 4 HOH 61 261 62 HOH HOH A . 
E 4 HOH 62 262 63 HOH HOH A . 
E 4 HOH 63 263 64 HOH HOH A . 
E 4 HOH 64 264 65 HOH HOH A . 
E 4 HOH 65 265 66 HOH HOH A . 
E 4 HOH 66 266 67 HOH HOH A . 
E 4 HOH 67 267 68 HOH HOH A . 
E 4 HOH 68 268 69 HOH HOH A . 
E 4 HOH 69 269 70 HOH HOH A . 
E 4 HOH 70 270 71 HOH HOH A . 
# 
loop_
_software.name 
_software.classification 
_software.version 
_software.citation_id 
_software.pdbx_ordinal 
DNA    'data collection' .        ? 1 
MOLREP phasing           .        ? 2 
REFMAC refinement        5.7.0029 ? 3 
XDS    'data reduction'  .        ? 4 
XDS    'data scaling'    .        ? 5 
# 
_cell.entry_id           4IYE 
_cell.length_a           37.370 
_cell.length_b           37.370 
_cell.length_c           66.050 
_cell.angle_alpha        90.00 
_cell.angle_beta         90.00 
_cell.angle_gamma        120.00 
_cell.Z_PDB              6 
_cell.pdbx_unique_axis   ? 
_cell.length_a_esd       ? 
_cell.length_b_esd       ? 
_cell.length_c_esd       ? 
_cell.angle_alpha_esd    ? 
_cell.angle_beta_esd     ? 
_cell.angle_gamma_esd    ? 
# 
_symmetry.entry_id                         4IYE 
_symmetry.space_group_name_H-M             'P 31 2 1' 
_symmetry.pdbx_full_space_group_name_H-M   ? 
_symmetry.cell_setting                     ? 
_symmetry.Int_Tables_number                152 
_symmetry.space_group_name_Hall            ? 
# 
_exptl.entry_id          4IYE 
_exptl.method            'X-RAY DIFFRACTION' 
_exptl.crystals_number   1 
# 
_exptl_crystal.id                    1 
_exptl_crystal.density_meas          ? 
_exptl_crystal.density_Matthews      1.82 
_exptl_crystal.density_percent_sol   32.56 
_exptl_crystal.description           ? 
_exptl_crystal.F_000                 ? 
_exptl_crystal.preparation           ? 
# 
_exptl_crystal_grow.crystal_id      1 
_exptl_crystal_grow.method          Lyophilization 
_exptl_crystal_grow.temp            273 
_exptl_crystal_grow.temp_details    ? 
_exptl_crystal_grow.pH              8 
_exptl_crystal_grow.pdbx_details    
;Crystallization during lyophilization due to increased concentration and low temperature. Cryoconditions: 27% PEG8K, 15% MPEG550, 10% glycerol, 0.09 M Tris-HCl, pH 8.0, Lyophilization, temperature 273K
;
_exptl_crystal_grow.pdbx_pH_range   ? 
# 
_diffrn.id                     1 
_diffrn.ambient_temp           100 
_diffrn.ambient_temp_details   ? 
_diffrn.crystal_id             1 
# 
_diffrn_detector.diffrn_id              1 
_diffrn_detector.detector               CCD 
_diffrn_detector.type                   'ADSC QUANTUM 4' 
_diffrn_detector.pdbx_collection_date   2010-06-21 
_diffrn_detector.details                mirrors 
# 
_diffrn_radiation.diffrn_id                        1 
_diffrn_radiation.wavelength_id                    1 
_diffrn_radiation.pdbx_monochromatic_or_laue_m_l   M 
_diffrn_radiation.monochromator                    'Si 111 CHANNEL' 
_diffrn_radiation.pdbx_diffrn_protocol             'SINGLE WAVELENGTH' 
_diffrn_radiation.pdbx_scattering_type             x-ray 
# 
_diffrn_radiation_wavelength.id           1 
_diffrn_radiation_wavelength.wavelength   0.9334 
_diffrn_radiation_wavelength.wt           1.0 
# 
_diffrn_source.diffrn_id                   1 
_diffrn_source.source                      SYNCHROTRON 
_diffrn_source.type                        'ESRF BEAMLINE ID14-1' 
_diffrn_source.pdbx_synchrotron_site       ESRF 
_diffrn_source.pdbx_synchrotron_beamline   ID14-1 
_diffrn_source.pdbx_wavelength             ? 
_diffrn_source.pdbx_wavelength_list        0.9334 
# 
_reflns.entry_id                     4IYE 
_reflns.observed_criterion_sigma_I   -4 
_reflns.observed_criterion_sigma_F   0.0 
_reflns.d_resolution_low             32.36 
_reflns.d_resolution_high            1.95 
_reflns.number_obs                   3937 
_reflns.number_all                   4193 
_reflns.percent_possible_obs         93.9 
_reflns.pdbx_Rmerge_I_obs            0.171 
_reflns.pdbx_Rsym_value              0.160 
_reflns.pdbx_netI_over_sigmaI        11.43 
_reflns.B_iso_Wilson_estimate        25.325 
_reflns.pdbx_redundancy              8.44 
_reflns.R_free_details               ? 
_reflns.limit_h_max                  ? 
_reflns.limit_h_min                  ? 
_reflns.limit_k_max                  ? 
_reflns.limit_k_min                  ? 
_reflns.limit_l_max                  ? 
_reflns.limit_l_min                  ? 
_reflns.observed_criterion_F_max     ? 
_reflns.observed_criterion_F_min     ? 
_reflns.pdbx_chi_squared             ? 
_reflns.pdbx_scaling_rejects         ? 
_reflns.pdbx_ordinal                 1 
_reflns.pdbx_diffrn_id               1 
# 
loop_
_reflns_shell.d_res_high 
_reflns_shell.d_res_low 
_reflns_shell.percent_possible_all 
_reflns_shell.Rmerge_I_obs 
_reflns_shell.pdbx_Rsym_value 
_reflns_shell.meanI_over_sigI_obs 
_reflns_shell.pdbx_redundancy 
_reflns_shell.percent_possible_obs 
_reflns_shell.number_unique_all 
_reflns_shell.number_measured_all 
_reflns_shell.number_measured_obs 
_reflns_shell.number_unique_obs 
_reflns_shell.pdbx_chi_squared 
_reflns_shell.pdbx_ordinal 
_reflns_shell.pdbx_diffrn_id 
1.95 2.07  69.1  1.088 0.947 1.12  2.89  ? 660 ? ? ? ? 1 1 
2.07 2.21  92.1  0.690 0.603 1.96  4.00  ? 620 ? ? ? ? 2 1 
2.21 2.39  99.5  0.580 0.525 3.15  6.16  ? 571 ? ? ? ? 3 1 
2.39 2.61  100.0 0.438 0.425 6.07  10.64 ? 533 ? ? ? ? 4 1 
2.61 2.92  100.0 0.316 0.303 9.17  11.79 ? 499 ? ? ? ? 5 1 
2.92 3.37  100.0 0.175 0.166 15.54 11.61 ? 439 ? ? ? ? 6 1 
3.37 4.11  100.0 0.089 0.083 26.84 11.39 ? 378 ? ? ? ? 7 1 
4.11 5.77  100.0 0.066 0.060 32.97 11.04 ? 297 ? ? ? ? 8 1 
5.77 32.36 100.0 0.060 0.055 35.85 9.67  ? 196 ? ? ? ? 9 1 
# 
_refine.entry_id                                 4IYE 
_refine.ls_number_reflns_obs                     3738 
_refine.ls_number_reflns_all                     3937 
_refine.pdbx_ls_sigma_I                          -3 
_refine.pdbx_ls_sigma_F                          0 
_refine.pdbx_data_cutoff_high_absF               ? 
_refine.pdbx_data_cutoff_low_absF                ? 
_refine.pdbx_data_cutoff_high_rms_absF           ? 
_refine.ls_d_res_low                             32.36 
_refine.ls_d_res_high                            1.951 
_refine.ls_percent_reflns_obs                    93.89 
_refine.ls_R_factor_obs                          0.17445 
_refine.ls_R_factor_all                          0.17545 
_refine.ls_R_factor_R_work                       0.17033 
_refine.ls_R_factor_R_free                       0.25188 
_refine.ls_R_factor_R_free_error                 ? 
_refine.ls_R_factor_R_free_error_details         ? 
_refine.ls_percent_reflns_R_free                 5.0 
_refine.ls_number_reflns_R_free                  197 
_refine.ls_number_parameters                     ? 
_refine.ls_number_restraints                     ? 
_refine.occupancy_min                            ? 
_refine.occupancy_max                            ? 
_refine.correlation_coeff_Fo_to_Fc               0.959 
_refine.correlation_coeff_Fo_to_Fc_free          0.899 
_refine.B_iso_mean                               25.704 
_refine.aniso_B[1][1]                            1.63 
_refine.aniso_B[2][2]                            1.63 
_refine.aniso_B[3][3]                            -5.28 
_refine.aniso_B[1][2]                            1.63 
_refine.aniso_B[1][3]                            -0.00 
_refine.aniso_B[2][3]                            -0.00 
_refine.solvent_model_details                    MASK 
_refine.solvent_model_param_ksol                 ? 
_refine.solvent_model_param_bsol                 ? 
_refine.pdbx_solvent_vdw_probe_radii             1.20 
_refine.pdbx_solvent_ion_probe_radii             0.80 
_refine.pdbx_solvent_shrinkage_radii             0.80 
_refine.pdbx_ls_cross_valid_method               THROUGHOUT 
_refine.details                                  'HYDROGENS HAVE BEEN ADDED IN THE RIDING POSITIONS' 
_refine.pdbx_starting_model                      'PDB ENTRY 1FF4 without loop 1 tip' 
_refine.pdbx_method_to_determine_struct          'MOLECULAR REPLACEMENT' 
_refine.pdbx_isotropic_thermal_model             'Anisotropic TLS' 
_refine.pdbx_stereochemistry_target_values       'MAXIMUM LIKELIHOOD' 
_refine.pdbx_stereochem_target_val_spec_case     ? 
_refine.pdbx_R_Free_selection_details            RANDOM 
_refine.pdbx_overall_ESU_R                       ? 
_refine.pdbx_overall_ESU_R_Free                  0.204 
_refine.overall_SU_ML                            0.156 
_refine.pdbx_overall_phase_error                 ? 
_refine.overall_SU_B                             12.031 
_refine.overall_SU_R_Cruickshank_DPI             ? 
_refine.ls_redundancy_reflns_obs                 ? 
_refine.B_iso_min                                ? 
_refine.B_iso_max                                ? 
_refine.overall_SU_R_free                        ? 
_refine.ls_wR_factor_R_free                      ? 
_refine.ls_wR_factor_R_work                      ? 
_refine.overall_FOM_free_R_set                   ? 
_refine.overall_FOM_work_R_set                   ? 
_refine.pdbx_diffrn_id                           1 
_refine.pdbx_refine_id                           'X-RAY DIFFRACTION' 
_refine.pdbx_TLS_residual_ADP_flag               ? 
_refine.pdbx_overall_SU_R_free_Cruickshank_DPI   ? 
_refine.pdbx_overall_SU_R_Blow_DPI               ? 
_refine.pdbx_overall_SU_R_free_Blow_DPI          ? 
# 
_refine_hist.pdbx_refine_id                   'X-RAY DIFFRACTION' 
_refine_hist.cycle_id                         LAST 
_refine_hist.pdbx_number_atoms_protein        505 
_refine_hist.pdbx_number_atoms_nucleic_acid   0 
_refine_hist.pdbx_number_atoms_ligand         18 
_refine_hist.number_atoms_solvent             70 
_refine_hist.number_atoms_total               593 
_refine_hist.d_res_high                       1.951 
_refine_hist.d_res_low                        32.36 
# 
loop_
_refine_ls_restr.type 
_refine_ls_restr.dev_ideal 
_refine_ls_restr.dev_ideal_target 
_refine_ls_restr.weight 
_refine_ls_restr.number 
_refine_ls_restr.pdbx_restraint_function 
_refine_ls_restr.pdbx_refine_id 
r_bond_refined_d       0.016  0.019  ? 540  ? 'X-RAY DIFFRACTION' 
r_bond_other_d         0.002  0.020  ? 498  ? 'X-RAY DIFFRACTION' 
r_angle_refined_deg    1.648  1.977  ? 729  ? 'X-RAY DIFFRACTION' 
r_angle_other_deg      1.233  3.014  ? 1150 ? 'X-RAY DIFFRACTION' 
r_dihedral_angle_1_deg 7.225  5.000  ? 67   ? 'X-RAY DIFFRACTION' 
r_dihedral_angle_2_deg 37.032 24.348 ? 23   ? 'X-RAY DIFFRACTION' 
r_dihedral_angle_3_deg 14.462 15.000 ? 85   ? 'X-RAY DIFFRACTION' 
r_dihedral_angle_4_deg 9.449  15.000 ? 3    ? 'X-RAY DIFFRACTION' 
r_chiral_restr         0.080  0.200  ? 80   ? 'X-RAY DIFFRACTION' 
r_gen_planes_refined   0.007  0.021  ? 595  ? 'X-RAY DIFFRACTION' 
r_gen_planes_other     0.003  0.020  ? 112  ? 'X-RAY DIFFRACTION' 
r_rigid_bond_restr     5.042  3.000  ? 522  ? 'X-RAY DIFFRACTION' 
r_sphericity_bonded    12.756 5.000  ? 507  ? 'X-RAY DIFFRACTION' 
# 
loop_
_refine_ls_shell.pdbx_total_number_of_bins_used 
_refine_ls_shell.d_res_high 
_refine_ls_shell.d_res_low 
_refine_ls_shell.number_reflns_R_work 
_refine_ls_shell.R_factor_R_work 
_refine_ls_shell.percent_reflns_obs 
_refine_ls_shell.R_factor_R_free 
_refine_ls_shell.R_factor_R_free_error 
_refine_ls_shell.percent_reflns_R_free 
_refine_ls_shell.number_reflns_R_free 
_refine_ls_shell.number_reflns_all 
_refine_ls_shell.R_factor_all 
_refine_ls_shell.number_reflns_obs 
_refine_ls_shell.redundancy_reflns_obs 
_refine_ls_shell.pdbx_refine_id 
20 1.951 2.002 172 0.29 60.33  0.51 . . 9  . . 172 . 'X-RAY DIFFRACTION' 
20 2.002 2.055 .   0.26 73.15  0.15 . . 11 . . 207 . 'X-RAY DIFFRACTION' 
20 2.055 2.115 .   0.23 88.09  0.41 . . 12 . . 232 . 'X-RAY DIFFRACTION' 
20 2.115 2.178 .   0.23 92.67  0.29 . . 13 . . 240 . 'X-RAY DIFFRACTION' 
20 2.178 2.250 .   0.20 98.91  0.18 . . 13 . . 259 . 'X-RAY DIFFRACTION' 
20 2.250 2.326 .   0.20 99.63  0.31 . . 14 . . 255 . 'X-RAY DIFFRACTION' 
20 2.326 2.414 .   0.19 100.00 0.46 . . 11 . . 225 . 'X-RAY DIFFRACTION' 
20 2.414 2.509 .   0.17 100.00 0.36 . . 13 . . 241 . 'X-RAY DIFFRACTION' 
20 2.509 2.638 .   0.17 100.00 0.19 . . 12 . . 222 . 'X-RAY DIFFRACTION' 
20 2.638 2.746 .   0.17 100.00 0.22 . . 11 . . 206 . 'X-RAY DIFFRACTION' 
20 2.746 2.911 .   0.16 100.00 0.24 . . 11 . . 213 . 'X-RAY DIFFRACTION' 
20 2.911 3.065 .   0.13 100.00 0.14 . . 10 . . 191 . 'X-RAY DIFFRACTION' 
20 3.065 3.291 .   0.13 100.00 0.21 . . 10 . . 191 . 'X-RAY DIFFRACTION' 
20 3.291 3.529 .   0.11 100.00 0.27 . . 9  . . 165 . 'X-RAY DIFFRACTION' 
20 3.529 3.873 .   0.11 100.00 0.15 . . 8  . . 162 . 'X-RAY DIFFRACTION' 
20 3.873 4.291 .   0.11 100.00 0.20 . . 8  . . 148 . 'X-RAY DIFFRACTION' 
20 4.291 4.934 .   0.12 100.00 0.25 . . 7  . . 133 . 'X-RAY DIFFRACTION' 
20 4.934 5.913 .   0.14 100.00 0.24 . . 6  . . 115 . 'X-RAY DIFFRACTION' 
20 5.913 7.888 .   0.17 100.00 0.18 . . 5  . . 99  . 'X-RAY DIFFRACTION' 
20 7.888 32.36 .   0.17 100.00 0.08 . . 4  . . 62  . 'X-RAY DIFFRACTION' 
# 
_struct.entry_id                  4IYE 
_struct.title                     'Crystal structure of AdTx1 (rho-Da1a) from eastern green mamba (Dendroaspis angusticeps)' 
_struct.pdbx_model_details        ? 
_struct.pdbx_CASP_flag            ? 
_struct.pdbx_model_type_details   ? 
# 
_struct_keywords.entry_id        4IYE 
_struct_keywords.pdbx_keywords   TOXIN 
_struct_keywords.text            
;Snake three-finger toxin family, Type A muscarinic toxin subfamily, Allosteric antagonist of the alpha-1A adrenergic receptor (ADRA1A), Acts as a relaxant of smooth muscle, alpha-1A adrenergic receptor, g-rhoDa1a K34A, Expressed by the venom gland, TOXIN
;
# 
loop_
_struct_asym.id 
_struct_asym.pdbx_blank_PDB_chainid_flag 
_struct_asym.pdbx_modified 
_struct_asym.entity_id 
_struct_asym.details 
A N N 1 ? 
B N N 2 ? 
C N N 3 ? 
D N N 3 ? 
E N N 4 ? 
# 
_struct_ref.id                         1 
_struct_ref.db_name                    UNP 
_struct_ref.db_code                    TXAD1_DENAN 
_struct_ref.pdbx_db_accession          P85092 
_struct_ref.entity_id                  1 
_struct_ref.pdbx_seq_one_letter_code   LTCVTSKSIFGITTEDCPDGQNLCFKRRHYVVPKIYDSTRGCAATCPIPENYDSIHCCKTDKCNE 
_struct_ref.pdbx_align_begin           1 
_struct_ref.pdbx_db_isoform            ? 
# 
_struct_ref_seq.align_id                      1 
_struct_ref_seq.ref_id                        1 
_struct_ref_seq.pdbx_PDB_id_code              4IYE 
_struct_ref_seq.pdbx_strand_id                A 
_struct_ref_seq.seq_align_beg                 2 
_struct_ref_seq.pdbx_seq_align_beg_ins_code   ? 
_struct_ref_seq.seq_align_end                 66 
_struct_ref_seq.pdbx_seq_align_end_ins_code   ? 
_struct_ref_seq.pdbx_db_accession             P85092 
_struct_ref_seq.db_align_beg                  1 
_struct_ref_seq.pdbx_db_align_beg_ins_code    ? 
_struct_ref_seq.db_align_end                  65 
_struct_ref_seq.pdbx_db_align_end_ins_code    ? 
_struct_ref_seq.pdbx_auth_seq_align_beg       1 
_struct_ref_seq.pdbx_auth_seq_align_end       65 
# 
loop_
_struct_ref_seq_dif.align_id 
_struct_ref_seq_dif.pdbx_pdb_id_code 
_struct_ref_seq_dif.mon_id 
_struct_ref_seq_dif.pdbx_pdb_strand_id 
_struct_ref_seq_dif.seq_num 
_struct_ref_seq_dif.pdbx_pdb_ins_code 
_struct_ref_seq_dif.pdbx_seq_db_name 
_struct_ref_seq_dif.pdbx_seq_db_accession_code 
_struct_ref_seq_dif.db_mon_id 
_struct_ref_seq_dif.pdbx_seq_db_seq_num 
_struct_ref_seq_dif.details 
_struct_ref_seq_dif.pdbx_auth_seq_num 
_struct_ref_seq_dif.pdbx_ordinal 
1 4IYE GLY A 1  ? UNP P85092 ?   ?  'expression tag'      0  1 
1 4IYE ALA A 35 ? UNP P85092 LYS 34 'engineered mutation' 34 2 
# 
_pdbx_struct_assembly.id                   1 
_pdbx_struct_assembly.details              author_and_software_defined_assembly 
_pdbx_struct_assembly.method_details       PISA 
_pdbx_struct_assembly.oligomeric_details   monomeric 
_pdbx_struct_assembly.oligomeric_count     1 
# 
_pdbx_struct_assembly_gen.assembly_id       1 
_pdbx_struct_assembly_gen.oper_expression   1 
_pdbx_struct_assembly_gen.asym_id_list      A,B,C,D,E 
# 
_pdbx_struct_oper_list.id                   1 
_pdbx_struct_oper_list.type                 'identity operation' 
_pdbx_struct_oper_list.name                 1_555 
_pdbx_struct_oper_list.symmetry_operation   x,y,z 
_pdbx_struct_oper_list.matrix[1][1]         1.0000000000 
_pdbx_struct_oper_list.matrix[1][2]         0.0000000000 
_pdbx_struct_oper_list.matrix[1][3]         0.0000000000 
_pdbx_struct_oper_list.vector[1]            0.0000000000 
_pdbx_struct_oper_list.matrix[2][1]         0.0000000000 
_pdbx_struct_oper_list.matrix[2][2]         1.0000000000 
_pdbx_struct_oper_list.matrix[2][3]         0.0000000000 
_pdbx_struct_oper_list.vector[2]            0.0000000000 
_pdbx_struct_oper_list.matrix[3][1]         0.0000000000 
_pdbx_struct_oper_list.matrix[3][2]         0.0000000000 
_pdbx_struct_oper_list.matrix[3][3]         1.0000000000 
_pdbx_struct_oper_list.vector[3]            0.0000000000 
# 
_struct_biol.id        1 
_struct_biol.details   ? 
# 
loop_
_struct_conn.id 
_struct_conn.conn_type_id 
_struct_conn.pdbx_leaving_atom_flag 
_struct_conn.pdbx_PDB_id 
_struct_conn.ptnr1_label_asym_id 
_struct_conn.ptnr1_label_comp_id 
_struct_conn.ptnr1_label_seq_id 
_struct_conn.ptnr1_label_atom_id 
_struct_conn.pdbx_ptnr1_label_alt_id 
_struct_conn.pdbx_ptnr1_PDB_ins_code 
_struct_conn.pdbx_ptnr1_standard_comp_id 
_struct_conn.ptnr1_symmetry 
_struct_conn.ptnr2_label_asym_id 
_struct_conn.ptnr2_label_comp_id 
_struct_conn.ptnr2_label_seq_id 
_struct_conn.ptnr2_label_atom_id 
_struct_conn.pdbx_ptnr2_label_alt_id 
_struct_conn.pdbx_ptnr2_PDB_ins_code 
_struct_conn.ptnr1_auth_asym_id 
_struct_conn.ptnr1_auth_comp_id 
_struct_conn.ptnr1_auth_seq_id 
_struct_conn.ptnr2_auth_asym_id 
_struct_conn.ptnr2_auth_comp_id 
_struct_conn.ptnr2_auth_seq_id 
_struct_conn.ptnr2_symmetry 
_struct_conn.pdbx_ptnr3_label_atom_id 
_struct_conn.pdbx_ptnr3_label_seq_id 
_struct_conn.pdbx_ptnr3_label_comp_id 
_struct_conn.pdbx_ptnr3_label_asym_id 
_struct_conn.pdbx_ptnr3_label_alt_id 
_struct_conn.pdbx_ptnr3_PDB_ins_code 
_struct_conn.details 
_struct_conn.pdbx_dist_value 
_struct_conn.pdbx_value_order 
_struct_conn.pdbx_role 
disulf1 disulf ? ? A CYS 4  SG ? ? ? 1_555 A CYS 25 SG ? ? A CYS 3  A CYS 24 1_555 ? ? ? ? ? ? ? 1.949 ? ? 
disulf2 disulf ? ? A CYS 18 SG ? ? ? 1_555 A CYS 43 SG ? ? A CYS 17 A CYS 42 1_555 ? ? ? ? ? ? ? 1.996 ? ? 
disulf3 disulf ? ? A CYS 47 SG ? ? ? 1_555 A CYS 58 SG ? ? A CYS 46 A CYS 57 1_555 ? ? ? ? ? ? ? 2.002 ? ? 
disulf4 disulf ? ? A CYS 59 SG ? ? ? 1_555 A CYS 64 SG ? ? A CYS 58 A CYS 63 1_555 ? ? ? ? ? ? ? 2.008 ? ? 
# 
_struct_conn_type.id          disulf 
_struct_conn_type.criteria    ? 
_struct_conn_type.reference   ? 
# 
loop_
_pdbx_modification_feature.ordinal 
_pdbx_modification_feature.label_comp_id 
_pdbx_modification_feature.label_asym_id 
_pdbx_modification_feature.label_seq_id 
_pdbx_modification_feature.label_alt_id 
_pdbx_modification_feature.modified_residue_label_comp_id 
_pdbx_modification_feature.modified_residue_label_asym_id 
_pdbx_modification_feature.modified_residue_label_seq_id 
_pdbx_modification_feature.modified_residue_label_alt_id 
_pdbx_modification_feature.auth_comp_id 
_pdbx_modification_feature.auth_asym_id 
_pdbx_modification_feature.auth_seq_id 
_pdbx_modification_feature.PDB_ins_code 
_pdbx_modification_feature.symmetry 
_pdbx_modification_feature.modified_residue_auth_comp_id 
_pdbx_modification_feature.modified_residue_auth_asym_id 
_pdbx_modification_feature.modified_residue_auth_seq_id 
_pdbx_modification_feature.modified_residue_PDB_ins_code 
_pdbx_modification_feature.modified_residue_symmetry 
_pdbx_modification_feature.comp_id_linking_atom 
_pdbx_modification_feature.modified_residue_id_linking_atom 
_pdbx_modification_feature.modified_residue_id 
_pdbx_modification_feature.ref_pcm_id 
_pdbx_modification_feature.ref_comp_id 
_pdbx_modification_feature.type 
_pdbx_modification_feature.category 
1 CYS A 4  ? CYS A 25 ? CYS A 3  ? 1_555 CYS A 24 ? 1_555 SG SG . . . None 'Disulfide bridge' 
2 CYS A 18 ? CYS A 43 ? CYS A 17 ? 1_555 CYS A 42 ? 1_555 SG SG . . . None 'Disulfide bridge' 
3 CYS A 47 ? CYS A 58 ? CYS A 46 ? 1_555 CYS A 57 ? 1_555 SG SG . . . None 'Disulfide bridge' 
4 CYS A 59 ? CYS A 64 ? CYS A 58 ? 1_555 CYS A 63 ? 1_555 SG SG . . . None 'Disulfide bridge' 
# 
loop_
_struct_sheet.id 
_struct_sheet.type 
_struct_sheet.number_strands 
_struct_sheet.details 
A ? 2 ? 
B ? 3 ? 
# 
loop_
_struct_sheet_order.sheet_id 
_struct_sheet_order.range_id_1 
_struct_sheet_order.range_id_2 
_struct_sheet_order.offset 
_struct_sheet_order.sense 
A 1 2 ? anti-parallel 
B 1 2 ? anti-parallel 
B 2 3 ? anti-parallel 
# 
loop_
_struct_sheet_range.sheet_id 
_struct_sheet_range.id 
_struct_sheet_range.beg_label_comp_id 
_struct_sheet_range.beg_label_asym_id 
_struct_sheet_range.beg_label_seq_id 
_struct_sheet_range.pdbx_beg_PDB_ins_code 
_struct_sheet_range.end_label_comp_id 
_struct_sheet_range.end_label_asym_id 
_struct_sheet_range.end_label_seq_id 
_struct_sheet_range.pdbx_end_PDB_ins_code 
_struct_sheet_range.beg_auth_comp_id 
_struct_sheet_range.beg_auth_asym_id 
_struct_sheet_range.beg_auth_seq_id 
_struct_sheet_range.end_auth_comp_id 
_struct_sheet_range.end_auth_asym_id 
_struct_sheet_range.end_auth_seq_id 
A 1 THR A 3  ? SER A 9  ? THR A 2  SER A 8  
A 2 GLY A 12 ? ASP A 17 ? GLY A 11 ASP A 16 
B 1 ILE A 36 ? ALA A 44 ? ILE A 35 ALA A 43 
B 2 LEU A 24 ? VAL A 33 ? LEU A 23 VAL A 32 
B 3 SER A 55 ? CYS A 59 ? SER A 54 CYS A 58 
# 
loop_
_pdbx_struct_sheet_hbond.sheet_id 
_pdbx_struct_sheet_hbond.range_id_1 
_pdbx_struct_sheet_hbond.range_id_2 
_pdbx_struct_sheet_hbond.range_1_label_atom_id 
_pdbx_struct_sheet_hbond.range_1_label_comp_id 
_pdbx_struct_sheet_hbond.range_1_label_asym_id 
_pdbx_struct_sheet_hbond.range_1_label_seq_id 
_pdbx_struct_sheet_hbond.range_1_PDB_ins_code 
_pdbx_struct_sheet_hbond.range_1_auth_atom_id 
_pdbx_struct_sheet_hbond.range_1_auth_comp_id 
_pdbx_struct_sheet_hbond.range_1_auth_asym_id 
_pdbx_struct_sheet_hbond.range_1_auth_seq_id 
_pdbx_struct_sheet_hbond.range_2_label_atom_id 
_pdbx_struct_sheet_hbond.range_2_label_comp_id 
_pdbx_struct_sheet_hbond.range_2_label_asym_id 
_pdbx_struct_sheet_hbond.range_2_label_seq_id 
_pdbx_struct_sheet_hbond.range_2_PDB_ins_code 
_pdbx_struct_sheet_hbond.range_2_auth_atom_id 
_pdbx_struct_sheet_hbond.range_2_auth_comp_id 
_pdbx_struct_sheet_hbond.range_2_auth_asym_id 
_pdbx_struct_sheet_hbond.range_2_auth_seq_id 
A 1 2 N CYS A 4  ? N CYS A 3  O GLU A 16 ? O GLU A 15 
B 1 2 O ASP A 38 ? O ASP A 37 N HIS A 30 ? N HIS A 29 
B 2 3 N ARG A 29 ? N ARG A 28 O SER A 55 ? O SER A 54 
# 
loop_
_struct_site.id 
_struct_site.pdbx_evidence_code 
_struct_site.pdbx_auth_asym_id 
_struct_site.pdbx_auth_comp_id 
_struct_site.pdbx_auth_seq_id 
_struct_site.pdbx_auth_ins_code 
_struct_site.pdbx_num_residues 
_struct_site.details 
AC1 Software A EDO 101 ? 5 'BINDING SITE FOR RESIDUE EDO A 101' 
AC2 Software A PEG 102 ? 6 'BINDING SITE FOR RESIDUE PEG A 102' 
AC3 Software A PEG 103 ? 6 'BINDING SITE FOR RESIDUE PEG A 103' 
# 
loop_
_struct_site_gen.id 
_struct_site_gen.site_id 
_struct_site_gen.pdbx_num_res 
_struct_site_gen.label_comp_id 
_struct_site_gen.label_asym_id 
_struct_site_gen.label_seq_id 
_struct_site_gen.pdbx_auth_ins_code 
_struct_site_gen.auth_comp_id 
_struct_site_gen.auth_asym_id 
_struct_site_gen.auth_seq_id 
_struct_site_gen.label_atom_id 
_struct_site_gen.label_alt_id 
_struct_site_gen.symmetry 
_struct_site_gen.details 
1  AC1 5 GLY A 1  ? GLY A 0   . ? 1_555 ? 
2  AC1 5 ASP A 17 ? ASP A 16  . ? 1_555 ? 
3  AC1 5 ASN A 52 ? ASN A 51  . ? 3_454 ? 
4  AC1 5 HOH E .  ? HOH A 231 . ? 1_555 ? 
5  AC1 5 HOH E .  ? HOH A 261 . ? 6_445 ? 
6  AC2 6 PRO A 19 ? PRO A 18  . ? 1_555 ? 
7  AC2 6 ASP A 20 ? ASP A 19  . ? 1_555 ? 
8  AC2 6 GLN A 22 ? GLN A 21  . ? 1_555 ? 
9  AC2 6 VAL A 33 ? VAL A 32  . ? 6_545 ? 
10 AC2 6 PRO A 34 ? PRO A 33  . ? 1_545 ? 
11 AC2 6 ILE A 36 ? ILE A 35  . ? 1_545 ? 
12 AC3 6 GLY A 12 ? GLY A 11  . ? 2_565 ? 
13 AC3 6 LEU A 24 ? LEU A 23  . ? 1_555 ? 
14 AC3 6 CYS A 47 ? CYS A 46  . ? 1_555 ? 
15 AC3 6 CYS A 58 ? CYS A 57  . ? 1_555 ? 
16 AC3 6 LYS A 60 ? LYS A 59  . ? 5_555 ? 
17 AC3 6 HOH E .  ? HOH A 239 . ? 1_555 ? 
# 
_pdbx_entry_details.entry_id                   4IYE 
_pdbx_entry_details.compound_details           ? 
_pdbx_entry_details.source_details             ? 
_pdbx_entry_details.nonpolymer_details         ? 
_pdbx_entry_details.sequence_details           ? 
_pdbx_entry_details.has_ligand_of_interest     ? 
_pdbx_entry_details.has_protein_modification   Y 
# 
_pdbx_refine_tls.pdbx_refine_id   'X-RAY DIFFRACTION' 
_pdbx_refine_tls.id               1 
_pdbx_refine_tls.details          ? 
_pdbx_refine_tls.method           refined 
_pdbx_refine_tls.origin_x         0.3109 
_pdbx_refine_tls.origin_y         -0.9619 
_pdbx_refine_tls.origin_z         0.7106 
_pdbx_refine_tls.T[1][1]          0.0380 
_pdbx_refine_tls.T[2][2]          0.0068 
_pdbx_refine_tls.T[3][3]          0.0087 
_pdbx_refine_tls.T[1][2]          -0.0154 
_pdbx_refine_tls.T[1][3]          -0.0153 
_pdbx_refine_tls.T[2][3]          0.0072 
_pdbx_refine_tls.L[1][1]          0.1400 
_pdbx_refine_tls.L[2][2]          0.0496 
_pdbx_refine_tls.L[3][3]          0.1345 
_pdbx_refine_tls.L[1][2]          -0.0741 
_pdbx_refine_tls.L[1][3]          0.0348 
_pdbx_refine_tls.L[2][3]          0.0145 
_pdbx_refine_tls.S[1][1]          0.0067 
_pdbx_refine_tls.S[1][2]          -0.0021 
_pdbx_refine_tls.S[1][3]          0.0098 
_pdbx_refine_tls.S[2][1]          -0.0137 
_pdbx_refine_tls.S[2][2]          0.0022 
_pdbx_refine_tls.S[2][3]          -0.0045 
_pdbx_refine_tls.S[3][1]          -0.0039 
_pdbx_refine_tls.S[3][2]          -0.0071 
_pdbx_refine_tls.S[3][3]          -0.0089 
# 
_pdbx_refine_tls_group.pdbx_refine_id      'X-RAY DIFFRACTION' 
_pdbx_refine_tls_group.id                  1 
_pdbx_refine_tls_group.refine_tls_id       1 
_pdbx_refine_tls_group.beg_auth_asym_id    A 
_pdbx_refine_tls_group.beg_auth_seq_id     0 
_pdbx_refine_tls_group.beg_label_asym_id   ? 
_pdbx_refine_tls_group.beg_label_seq_id    ? 
_pdbx_refine_tls_group.end_auth_asym_id    A 
_pdbx_refine_tls_group.end_auth_seq_id     65 
_pdbx_refine_tls_group.end_label_asym_id   ? 
_pdbx_refine_tls_group.end_label_seq_id    ? 
_pdbx_refine_tls_group.selection           ? 
_pdbx_refine_tls_group.selection_details   ? 
# 
loop_
_chem_comp_atom.comp_id 
_chem_comp_atom.atom_id 
_chem_comp_atom.type_symbol 
_chem_comp_atom.pdbx_aromatic_flag 
_chem_comp_atom.pdbx_stereo_config 
_chem_comp_atom.pdbx_ordinal 
ALA N    N N N 1   
ALA CA   C N S 2   
ALA C    C N N 3   
ALA O    O N N 4   
ALA CB   C N N 5   
ALA OXT  O N N 6   
ALA H    H N N 7   
ALA H2   H N N 8   
ALA HA   H N N 9   
ALA HB1  H N N 10  
ALA HB2  H N N 11  
ALA HB3  H N N 12  
ALA HXT  H N N 13  
ARG N    N N N 14  
ARG CA   C N S 15  
ARG C    C N N 16  
ARG O    O N N 17  
ARG CB   C N N 18  
ARG CG   C N N 19  
ARG CD   C N N 20  
ARG NE   N N N 21  
ARG CZ   C N N 22  
ARG NH1  N N N 23  
ARG NH2  N N N 24  
ARG OXT  O N N 25  
ARG H    H N N 26  
ARG H2   H N N 27  
ARG HA   H N N 28  
ARG HB2  H N N 29  
ARG HB3  H N N 30  
ARG HG2  H N N 31  
ARG HG3  H N N 32  
ARG HD2  H N N 33  
ARG HD3  H N N 34  
ARG HE   H N N 35  
ARG HH11 H N N 36  
ARG HH12 H N N 37  
ARG HH21 H N N 38  
ARG HH22 H N N 39  
ARG HXT  H N N 40  
ASN N    N N N 41  
ASN CA   C N S 42  
ASN C    C N N 43  
ASN O    O N N 44  
ASN CB   C N N 45  
ASN CG   C N N 46  
ASN OD1  O N N 47  
ASN ND2  N N N 48  
ASN OXT  O N N 49  
ASN H    H N N 50  
ASN H2   H N N 51  
ASN HA   H N N 52  
ASN HB2  H N N 53  
ASN HB3  H N N 54  
ASN HD21 H N N 55  
ASN HD22 H N N 56  
ASN HXT  H N N 57  
ASP N    N N N 58  
ASP CA   C N S 59  
ASP C    C N N 60  
ASP O    O N N 61  
ASP CB   C N N 62  
ASP CG   C N N 63  
ASP OD1  O N N 64  
ASP OD2  O N N 65  
ASP OXT  O N N 66  
ASP H    H N N 67  
ASP H2   H N N 68  
ASP HA   H N N 69  
ASP HB2  H N N 70  
ASP HB3  H N N 71  
ASP HD2  H N N 72  
ASP HXT  H N N 73  
CYS N    N N N 74  
CYS CA   C N R 75  
CYS C    C N N 76  
CYS O    O N N 77  
CYS CB   C N N 78  
CYS SG   S N N 79  
CYS OXT  O N N 80  
CYS H    H N N 81  
CYS H2   H N N 82  
CYS HA   H N N 83  
CYS HB2  H N N 84  
CYS HB3  H N N 85  
CYS HG   H N N 86  
CYS HXT  H N N 87  
EDO C1   C N N 88  
EDO O1   O N N 89  
EDO C2   C N N 90  
EDO O2   O N N 91  
EDO H11  H N N 92  
EDO H12  H N N 93  
EDO HO1  H N N 94  
EDO H21  H N N 95  
EDO H22  H N N 96  
EDO HO2  H N N 97  
GLN N    N N N 98  
GLN CA   C N S 99  
GLN C    C N N 100 
GLN O    O N N 101 
GLN CB   C N N 102 
GLN CG   C N N 103 
GLN CD   C N N 104 
GLN OE1  O N N 105 
GLN NE2  N N N 106 
GLN OXT  O N N 107 
GLN H    H N N 108 
GLN H2   H N N 109 
GLN HA   H N N 110 
GLN HB2  H N N 111 
GLN HB3  H N N 112 
GLN HG2  H N N 113 
GLN HG3  H N N 114 
GLN HE21 H N N 115 
GLN HE22 H N N 116 
GLN HXT  H N N 117 
GLU N    N N N 118 
GLU CA   C N S 119 
GLU C    C N N 120 
GLU O    O N N 121 
GLU CB   C N N 122 
GLU CG   C N N 123 
GLU CD   C N N 124 
GLU OE1  O N N 125 
GLU OE2  O N N 126 
GLU OXT  O N N 127 
GLU H    H N N 128 
GLU H2   H N N 129 
GLU HA   H N N 130 
GLU HB2  H N N 131 
GLU HB3  H N N 132 
GLU HG2  H N N 133 
GLU HG3  H N N 134 
GLU HE2  H N N 135 
GLU HXT  H N N 136 
GLY N    N N N 137 
GLY CA   C N N 138 
GLY C    C N N 139 
GLY O    O N N 140 
GLY OXT  O N N 141 
GLY H    H N N 142 
GLY H2   H N N 143 
GLY HA2  H N N 144 
GLY HA3  H N N 145 
GLY HXT  H N N 146 
HIS N    N N N 147 
HIS CA   C N S 148 
HIS C    C N N 149 
HIS O    O N N 150 
HIS CB   C N N 151 
HIS CG   C Y N 152 
HIS ND1  N Y N 153 
HIS CD2  C Y N 154 
HIS CE1  C Y N 155 
HIS NE2  N Y N 156 
HIS OXT  O N N 157 
HIS H    H N N 158 
HIS H2   H N N 159 
HIS HA   H N N 160 
HIS HB2  H N N 161 
HIS HB3  H N N 162 
HIS HD1  H N N 163 
HIS HD2  H N N 164 
HIS HE1  H N N 165 
HIS HE2  H N N 166 
HIS HXT  H N N 167 
HOH O    O N N 168 
HOH H1   H N N 169 
HOH H2   H N N 170 
ILE N    N N N 171 
ILE CA   C N S 172 
ILE C    C N N 173 
ILE O    O N N 174 
ILE CB   C N S 175 
ILE CG1  C N N 176 
ILE CG2  C N N 177 
ILE CD1  C N N 178 
ILE OXT  O N N 179 
ILE H    H N N 180 
ILE H2   H N N 181 
ILE HA   H N N 182 
ILE HB   H N N 183 
ILE HG12 H N N 184 
ILE HG13 H N N 185 
ILE HG21 H N N 186 
ILE HG22 H N N 187 
ILE HG23 H N N 188 
ILE HD11 H N N 189 
ILE HD12 H N N 190 
ILE HD13 H N N 191 
ILE HXT  H N N 192 
LEU N    N N N 193 
LEU CA   C N S 194 
LEU C    C N N 195 
LEU O    O N N 196 
LEU CB   C N N 197 
LEU CG   C N N 198 
LEU CD1  C N N 199 
LEU CD2  C N N 200 
LEU OXT  O N N 201 
LEU H    H N N 202 
LEU H2   H N N 203 
LEU HA   H N N 204 
LEU HB2  H N N 205 
LEU HB3  H N N 206 
LEU HG   H N N 207 
LEU HD11 H N N 208 
LEU HD12 H N N 209 
LEU HD13 H N N 210 
LEU HD21 H N N 211 
LEU HD22 H N N 212 
LEU HD23 H N N 213 
LEU HXT  H N N 214 
LYS N    N N N 215 
LYS CA   C N S 216 
LYS C    C N N 217 
LYS O    O N N 218 
LYS CB   C N N 219 
LYS CG   C N N 220 
LYS CD   C N N 221 
LYS CE   C N N 222 
LYS NZ   N N N 223 
LYS OXT  O N N 224 
LYS H    H N N 225 
LYS H2   H N N 226 
LYS HA   H N N 227 
LYS HB2  H N N 228 
LYS HB3  H N N 229 
LYS HG2  H N N 230 
LYS HG3  H N N 231 
LYS HD2  H N N 232 
LYS HD3  H N N 233 
LYS HE2  H N N 234 
LYS HE3  H N N 235 
LYS HZ1  H N N 236 
LYS HZ2  H N N 237 
LYS HZ3  H N N 238 
LYS HXT  H N N 239 
PEG C1   C N N 240 
PEG O1   O N N 241 
PEG C2   C N N 242 
PEG O2   O N N 243 
PEG C3   C N N 244 
PEG C4   C N N 245 
PEG O4   O N N 246 
PEG H11  H N N 247 
PEG H12  H N N 248 
PEG HO1  H N N 249 
PEG H21  H N N 250 
PEG H22  H N N 251 
PEG H31  H N N 252 
PEG H32  H N N 253 
PEG H41  H N N 254 
PEG H42  H N N 255 
PEG HO4  H N N 256 
PHE N    N N N 257 
PHE CA   C N S 258 
PHE C    C N N 259 
PHE O    O N N 260 
PHE CB   C N N 261 
PHE CG   C Y N 262 
PHE CD1  C Y N 263 
PHE CD2  C Y N 264 
PHE CE1  C Y N 265 
PHE CE2  C Y N 266 
PHE CZ   C Y N 267 
PHE OXT  O N N 268 
PHE H    H N N 269 
PHE H2   H N N 270 
PHE HA   H N N 271 
PHE HB2  H N N 272 
PHE HB3  H N N 273 
PHE HD1  H N N 274 
PHE HD2  H N N 275 
PHE HE1  H N N 276 
PHE HE2  H N N 277 
PHE HZ   H N N 278 
PHE HXT  H N N 279 
PRO N    N N N 280 
PRO CA   C N S 281 
PRO C    C N N 282 
PRO O    O N N 283 
PRO CB   C N N 284 
PRO CG   C N N 285 
PRO CD   C N N 286 
PRO OXT  O N N 287 
PRO H    H N N 288 
PRO HA   H N N 289 
PRO HB2  H N N 290 
PRO HB3  H N N 291 
PRO HG2  H N N 292 
PRO HG3  H N N 293 
PRO HD2  H N N 294 
PRO HD3  H N N 295 
PRO HXT  H N N 296 
SER N    N N N 297 
SER CA   C N S 298 
SER C    C N N 299 
SER O    O N N 300 
SER CB   C N N 301 
SER OG   O N N 302 
SER OXT  O N N 303 
SER H    H N N 304 
SER H2   H N N 305 
SER HA   H N N 306 
SER HB2  H N N 307 
SER HB3  H N N 308 
SER HG   H N N 309 
SER HXT  H N N 310 
THR N    N N N 311 
THR CA   C N S 312 
THR C    C N N 313 
THR O    O N N 314 
THR CB   C N R 315 
THR OG1  O N N 316 
THR CG2  C N N 317 
THR OXT  O N N 318 
THR H    H N N 319 
THR H2   H N N 320 
THR HA   H N N 321 
THR HB   H N N 322 
THR HG1  H N N 323 
THR HG21 H N N 324 
THR HG22 H N N 325 
THR HG23 H N N 326 
THR HXT  H N N 327 
TYR N    N N N 328 
TYR CA   C N S 329 
TYR C    C N N 330 
TYR O    O N N 331 
TYR CB   C N N 332 
TYR CG   C Y N 333 
TYR CD1  C Y N 334 
TYR CD2  C Y N 335 
TYR CE1  C Y N 336 
TYR CE2  C Y N 337 
TYR CZ   C Y N 338 
TYR OH   O N N 339 
TYR OXT  O N N 340 
TYR H    H N N 341 
TYR H2   H N N 342 
TYR HA   H N N 343 
TYR HB2  H N N 344 
TYR HB3  H N N 345 
TYR HD1  H N N 346 
TYR HD2  H N N 347 
TYR HE1  H N N 348 
TYR HE2  H N N 349 
TYR HH   H N N 350 
TYR HXT  H N N 351 
VAL N    N N N 352 
VAL CA   C N S 353 
VAL C    C N N 354 
VAL O    O N N 355 
VAL CB   C N N 356 
VAL CG1  C N N 357 
VAL CG2  C N N 358 
VAL OXT  O N N 359 
VAL H    H N N 360 
VAL H2   H N N 361 
VAL HA   H N N 362 
VAL HB   H N N 363 
VAL HG11 H N N 364 
VAL HG12 H N N 365 
VAL HG13 H N N 366 
VAL HG21 H N N 367 
VAL HG22 H N N 368 
VAL HG23 H N N 369 
VAL HXT  H N N 370 
# 
loop_
_chem_comp_bond.comp_id 
_chem_comp_bond.atom_id_1 
_chem_comp_bond.atom_id_2 
_chem_comp_bond.value_order 
_chem_comp_bond.pdbx_aromatic_flag 
_chem_comp_bond.pdbx_stereo_config 
_chem_comp_bond.pdbx_ordinal 
ALA N   CA   sing N N 1   
ALA N   H    sing N N 2   
ALA N   H2   sing N N 3   
ALA CA  C    sing N N 4   
ALA CA  CB   sing N N 5   
ALA CA  HA   sing N N 6   
ALA C   O    doub N N 7   
ALA C   OXT  sing N N 8   
ALA CB  HB1  sing N N 9   
ALA CB  HB2  sing N N 10  
ALA CB  HB3  sing N N 11  
ALA OXT HXT  sing N N 12  
ARG N   CA   sing N N 13  
ARG N   H    sing N N 14  
ARG N   H2   sing N N 15  
ARG CA  C    sing N N 16  
ARG CA  CB   sing N N 17  
ARG CA  HA   sing N N 18  
ARG C   O    doub N N 19  
ARG C   OXT  sing N N 20  
ARG CB  CG   sing N N 21  
ARG CB  HB2  sing N N 22  
ARG CB  HB3  sing N N 23  
ARG CG  CD   sing N N 24  
ARG CG  HG2  sing N N 25  
ARG CG  HG3  sing N N 26  
ARG CD  NE   sing N N 27  
ARG CD  HD2  sing N N 28  
ARG CD  HD3  sing N N 29  
ARG NE  CZ   sing N N 30  
ARG NE  HE   sing N N 31  
ARG CZ  NH1  sing N N 32  
ARG CZ  NH2  doub N N 33  
ARG NH1 HH11 sing N N 34  
ARG NH1 HH12 sing N N 35  
ARG NH2 HH21 sing N N 36  
ARG NH2 HH22 sing N N 37  
ARG OXT HXT  sing N N 38  
ASN N   CA   sing N N 39  
ASN N   H    sing N N 40  
ASN N   H2   sing N N 41  
ASN CA  C    sing N N 42  
ASN CA  CB   sing N N 43  
ASN CA  HA   sing N N 44  
ASN C   O    doub N N 45  
ASN C   OXT  sing N N 46  
ASN CB  CG   sing N N 47  
ASN CB  HB2  sing N N 48  
ASN CB  HB3  sing N N 49  
ASN CG  OD1  doub N N 50  
ASN CG  ND2  sing N N 51  
ASN ND2 HD21 sing N N 52  
ASN ND2 HD22 sing N N 53  
ASN OXT HXT  sing N N 54  
ASP N   CA   sing N N 55  
ASP N   H    sing N N 56  
ASP N   H2   sing N N 57  
ASP CA  C    sing N N 58  
ASP CA  CB   sing N N 59  
ASP CA  HA   sing N N 60  
ASP C   O    doub N N 61  
ASP C   OXT  sing N N 62  
ASP CB  CG   sing N N 63  
ASP CB  HB2  sing N N 64  
ASP CB  HB3  sing N N 65  
ASP CG  OD1  doub N N 66  
ASP CG  OD2  sing N N 67  
ASP OD2 HD2  sing N N 68  
ASP OXT HXT  sing N N 69  
CYS N   CA   sing N N 70  
CYS N   H    sing N N 71  
CYS N   H2   sing N N 72  
CYS CA  C    sing N N 73  
CYS CA  CB   sing N N 74  
CYS CA  HA   sing N N 75  
CYS C   O    doub N N 76  
CYS C   OXT  sing N N 77  
CYS CB  SG   sing N N 78  
CYS CB  HB2  sing N N 79  
CYS CB  HB3  sing N N 80  
CYS SG  HG   sing N N 81  
CYS OXT HXT  sing N N 82  
EDO C1  O1   sing N N 83  
EDO C1  C2   sing N N 84  
EDO C1  H11  sing N N 85  
EDO C1  H12  sing N N 86  
EDO O1  HO1  sing N N 87  
EDO C2  O2   sing N N 88  
EDO C2  H21  sing N N 89  
EDO C2  H22  sing N N 90  
EDO O2  HO2  sing N N 91  
GLN N   CA   sing N N 92  
GLN N   H    sing N N 93  
GLN N   H2   sing N N 94  
GLN CA  C    sing N N 95  
GLN CA  CB   sing N N 96  
GLN CA  HA   sing N N 97  
GLN C   O    doub N N 98  
GLN C   OXT  sing N N 99  
GLN CB  CG   sing N N 100 
GLN CB  HB2  sing N N 101 
GLN CB  HB3  sing N N 102 
GLN CG  CD   sing N N 103 
GLN CG  HG2  sing N N 104 
GLN CG  HG3  sing N N 105 
GLN CD  OE1  doub N N 106 
GLN CD  NE2  sing N N 107 
GLN NE2 HE21 sing N N 108 
GLN NE2 HE22 sing N N 109 
GLN OXT HXT  sing N N 110 
GLU N   CA   sing N N 111 
GLU N   H    sing N N 112 
GLU N   H2   sing N N 113 
GLU CA  C    sing N N 114 
GLU CA  CB   sing N N 115 
GLU CA  HA   sing N N 116 
GLU C   O    doub N N 117 
GLU C   OXT  sing N N 118 
GLU CB  CG   sing N N 119 
GLU CB  HB2  sing N N 120 
GLU CB  HB3  sing N N 121 
GLU CG  CD   sing N N 122 
GLU CG  HG2  sing N N 123 
GLU CG  HG3  sing N N 124 
GLU CD  OE1  doub N N 125 
GLU CD  OE2  sing N N 126 
GLU OE2 HE2  sing N N 127 
GLU OXT HXT  sing N N 128 
GLY N   CA   sing N N 129 
GLY N   H    sing N N 130 
GLY N   H2   sing N N 131 
GLY CA  C    sing N N 132 
GLY CA  HA2  sing N N 133 
GLY CA  HA3  sing N N 134 
GLY C   O    doub N N 135 
GLY C   OXT  sing N N 136 
GLY OXT HXT  sing N N 137 
HIS N   CA   sing N N 138 
HIS N   H    sing N N 139 
HIS N   H2   sing N N 140 
HIS CA  C    sing N N 141 
HIS CA  CB   sing N N 142 
HIS CA  HA   sing N N 143 
HIS C   O    doub N N 144 
HIS C   OXT  sing N N 145 
HIS CB  CG   sing N N 146 
HIS CB  HB2  sing N N 147 
HIS CB  HB3  sing N N 148 
HIS CG  ND1  sing Y N 149 
HIS CG  CD2  doub Y N 150 
HIS ND1 CE1  doub Y N 151 
HIS ND1 HD1  sing N N 152 
HIS CD2 NE2  sing Y N 153 
HIS CD2 HD2  sing N N 154 
HIS CE1 NE2  sing Y N 155 
HIS CE1 HE1  sing N N 156 
HIS NE2 HE2  sing N N 157 
HIS OXT HXT  sing N N 158 
HOH O   H1   sing N N 159 
HOH O   H2   sing N N 160 
ILE N   CA   sing N N 161 
ILE N   H    sing N N 162 
ILE N   H2   sing N N 163 
ILE CA  C    sing N N 164 
ILE CA  CB   sing N N 165 
ILE CA  HA   sing N N 166 
ILE C   O    doub N N 167 
ILE C   OXT  sing N N 168 
ILE CB  CG1  sing N N 169 
ILE CB  CG2  sing N N 170 
ILE CB  HB   sing N N 171 
ILE CG1 CD1  sing N N 172 
ILE CG1 HG12 sing N N 173 
ILE CG1 HG13 sing N N 174 
ILE CG2 HG21 sing N N 175 
ILE CG2 HG22 sing N N 176 
ILE CG2 HG23 sing N N 177 
ILE CD1 HD11 sing N N 178 
ILE CD1 HD12 sing N N 179 
ILE CD1 HD13 sing N N 180 
ILE OXT HXT  sing N N 181 
LEU N   CA   sing N N 182 
LEU N   H    sing N N 183 
LEU N   H2   sing N N 184 
LEU CA  C    sing N N 185 
LEU CA  CB   sing N N 186 
LEU CA  HA   sing N N 187 
LEU C   O    doub N N 188 
LEU C   OXT  sing N N 189 
LEU CB  CG   sing N N 190 
LEU CB  HB2  sing N N 191 
LEU CB  HB3  sing N N 192 
LEU CG  CD1  sing N N 193 
LEU CG  CD2  sing N N 194 
LEU CG  HG   sing N N 195 
LEU CD1 HD11 sing N N 196 
LEU CD1 HD12 sing N N 197 
LEU CD1 HD13 sing N N 198 
LEU CD2 HD21 sing N N 199 
LEU CD2 HD22 sing N N 200 
LEU CD2 HD23 sing N N 201 
LEU OXT HXT  sing N N 202 
LYS N   CA   sing N N 203 
LYS N   H    sing N N 204 
LYS N   H2   sing N N 205 
LYS CA  C    sing N N 206 
LYS CA  CB   sing N N 207 
LYS CA  HA   sing N N 208 
LYS C   O    doub N N 209 
LYS C   OXT  sing N N 210 
LYS CB  CG   sing N N 211 
LYS CB  HB2  sing N N 212 
LYS CB  HB3  sing N N 213 
LYS CG  CD   sing N N 214 
LYS CG  HG2  sing N N 215 
LYS CG  HG3  sing N N 216 
LYS CD  CE   sing N N 217 
LYS CD  HD2  sing N N 218 
LYS CD  HD3  sing N N 219 
LYS CE  NZ   sing N N 220 
LYS CE  HE2  sing N N 221 
LYS CE  HE3  sing N N 222 
LYS NZ  HZ1  sing N N 223 
LYS NZ  HZ2  sing N N 224 
LYS NZ  HZ3  sing N N 225 
LYS OXT HXT  sing N N 226 
PEG C1  O1   sing N N 227 
PEG C1  C2   sing N N 228 
PEG C1  H11  sing N N 229 
PEG C1  H12  sing N N 230 
PEG O1  HO1  sing N N 231 
PEG C2  O2   sing N N 232 
PEG C2  H21  sing N N 233 
PEG C2  H22  sing N N 234 
PEG O2  C3   sing N N 235 
PEG C3  C4   sing N N 236 
PEG C3  H31  sing N N 237 
PEG C3  H32  sing N N 238 
PEG C4  O4   sing N N 239 
PEG C4  H41  sing N N 240 
PEG C4  H42  sing N N 241 
PEG O4  HO4  sing N N 242 
PHE N   CA   sing N N 243 
PHE N   H    sing N N 244 
PHE N   H2   sing N N 245 
PHE CA  C    sing N N 246 
PHE CA  CB   sing N N 247 
PHE CA  HA   sing N N 248 
PHE C   O    doub N N 249 
PHE C   OXT  sing N N 250 
PHE CB  CG   sing N N 251 
PHE CB  HB2  sing N N 252 
PHE CB  HB3  sing N N 253 
PHE CG  CD1  doub Y N 254 
PHE CG  CD2  sing Y N 255 
PHE CD1 CE1  sing Y N 256 
PHE CD1 HD1  sing N N 257 
PHE CD2 CE2  doub Y N 258 
PHE CD2 HD2  sing N N 259 
PHE CE1 CZ   doub Y N 260 
PHE CE1 HE1  sing N N 261 
PHE CE2 CZ   sing Y N 262 
PHE CE2 HE2  sing N N 263 
PHE CZ  HZ   sing N N 264 
PHE OXT HXT  sing N N 265 
PRO N   CA   sing N N 266 
PRO N   CD   sing N N 267 
PRO N   H    sing N N 268 
PRO CA  C    sing N N 269 
PRO CA  CB   sing N N 270 
PRO CA  HA   sing N N 271 
PRO C   O    doub N N 272 
PRO C   OXT  sing N N 273 
PRO CB  CG   sing N N 274 
PRO CB  HB2  sing N N 275 
PRO CB  HB3  sing N N 276 
PRO CG  CD   sing N N 277 
PRO CG  HG2  sing N N 278 
PRO CG  HG3  sing N N 279 
PRO CD  HD2  sing N N 280 
PRO CD  HD3  sing N N 281 
PRO OXT HXT  sing N N 282 
SER N   CA   sing N N 283 
SER N   H    sing N N 284 
SER N   H2   sing N N 285 
SER CA  C    sing N N 286 
SER CA  CB   sing N N 287 
SER CA  HA   sing N N 288 
SER C   O    doub N N 289 
SER C   OXT  sing N N 290 
SER CB  OG   sing N N 291 
SER CB  HB2  sing N N 292 
SER CB  HB3  sing N N 293 
SER OG  HG   sing N N 294 
SER OXT HXT  sing N N 295 
THR N   CA   sing N N 296 
THR N   H    sing N N 297 
THR N   H2   sing N N 298 
THR CA  C    sing N N 299 
THR CA  CB   sing N N 300 
THR CA  HA   sing N N 301 
THR C   O    doub N N 302 
THR C   OXT  sing N N 303 
THR CB  OG1  sing N N 304 
THR CB  CG2  sing N N 305 
THR CB  HB   sing N N 306 
THR OG1 HG1  sing N N 307 
THR CG2 HG21 sing N N 308 
THR CG2 HG22 sing N N 309 
THR CG2 HG23 sing N N 310 
THR OXT HXT  sing N N 311 
TYR N   CA   sing N N 312 
TYR N   H    sing N N 313 
TYR N   H2   sing N N 314 
TYR CA  C    sing N N 315 
TYR CA  CB   sing N N 316 
TYR CA  HA   sing N N 317 
TYR C   O    doub N N 318 
TYR C   OXT  sing N N 319 
TYR CB  CG   sing N N 320 
TYR CB  HB2  sing N N 321 
TYR CB  HB3  sing N N 322 
TYR CG  CD1  doub Y N 323 
TYR CG  CD2  sing Y N 324 
TYR CD1 CE1  sing Y N 325 
TYR CD1 HD1  sing N N 326 
TYR CD2 CE2  doub Y N 327 
TYR CD2 HD2  sing N N 328 
TYR CE1 CZ   doub Y N 329 
TYR CE1 HE1  sing N N 330 
TYR CE2 CZ   sing Y N 331 
TYR CE2 HE2  sing N N 332 
TYR CZ  OH   sing N N 333 
TYR OH  HH   sing N N 334 
TYR OXT HXT  sing N N 335 
VAL N   CA   sing N N 336 
VAL N   H    sing N N 337 
VAL N   H2   sing N N 338 
VAL CA  C    sing N N 339 
VAL CA  CB   sing N N 340 
VAL CA  HA   sing N N 341 
VAL C   O    doub N N 342 
VAL C   OXT  sing N N 343 
VAL CB  CG1  sing N N 344 
VAL CB  CG2  sing N N 345 
VAL CB  HB   sing N N 346 
VAL CG1 HG11 sing N N 347 
VAL CG1 HG12 sing N N 348 
VAL CG1 HG13 sing N N 349 
VAL CG2 HG21 sing N N 350 
VAL CG2 HG22 sing N N 351 
VAL CG2 HG23 sing N N 352 
VAL OXT HXT  sing N N 353 
# 
_pdbx_initial_refinement_model.id               1 
_pdbx_initial_refinement_model.entity_id_list   ? 
_pdbx_initial_refinement_model.type             'experimental model' 
_pdbx_initial_refinement_model.source_name      PDB 
_pdbx_initial_refinement_model.accession_code   1FF4 
_pdbx_initial_refinement_model.details          'PDB ENTRY 1FF4 without loop 1 tip' 
# 
_atom_sites.entry_id                    4IYE 
_atom_sites.fract_transf_matrix[1][1]   0.01756332 
_atom_sites.fract_transf_matrix[1][2]   0.01419496 
_atom_sites.fract_transf_matrix[1][3]   0.02108979 
_atom_sites.fract_transf_matrix[2][1]   0.00761409 
_atom_sites.fract_transf_matrix[2][2]   -0.01461950 
_atom_sites.fract_transf_matrix[2][3]   0.02613511 
_atom_sites.fract_transf_matrix[3][1]   0.01243881 
_atom_sites.fract_transf_matrix[3][2]   -0.00546473 
_atom_sites.fract_transf_matrix[3][3]   -0.00668074 
_atom_sites.fract_transf_vector[1]      -0.244708 
_atom_sites.fract_transf_vector[2]      0.351635 
_atom_sites.fract_transf_vector[3]      0.195807 
# 
loop_
_atom_type.symbol 
C 
N 
O 
S 
# 
loop_
_atom_site.group_PDB 
_atom_site.id 
_atom_site.type_symbol 
_atom_site.label_atom_id 
_atom_site.label_alt_id 
_atom_site.label_comp_id 
_atom_site.label_asym_id 
_atom_site.label_entity_id 
_atom_site.label_seq_id 
_atom_site.pdbx_PDB_ins_code 
_atom_site.Cartn_x 
_atom_site.Cartn_y 
_atom_site.Cartn_z 
_atom_site.occupancy 
_atom_site.B_iso_or_equiv 
_atom_site.pdbx_formal_charge 
_atom_site.auth_seq_id 
_atom_site.auth_comp_id 
_atom_site.auth_asym_id 
_atom_site.auth_atom_id 
_atom_site.pdbx_PDB_model_num 
ATOM   1   N N   . GLY A 1 1  ? -8.716  10.406  -10.098 1.00 29.72 ? 0   GLY A N   1 
ATOM   2   C CA  . GLY A 1 1  ? -7.317  9.966   -10.319 1.00 27.18 ? 0   GLY A CA  1 
ATOM   3   C C   . GLY A 1 1  ? -7.217  8.499   -10.020 1.00 20.95 ? 0   GLY A C   1 
ATOM   4   O O   . GLY A 1 1  ? -8.219  7.802   -9.964  1.00 21.62 ? 0   GLY A O   1 
ATOM   5   N N   . LEU A 1 2  ? -6.002  8.040   -9.832  1.00 22.01 ? 1   LEU A N   1 
ATOM   6   C CA  . LEU A 1 2  ? -5.774  6.695   -9.394  1.00 23.78 ? 1   LEU A CA  1 
ATOM   7   C C   . LEU A 1 2  ? -6.374  6.470   -8.010  1.00 20.83 ? 1   LEU A C   1 
ATOM   8   O O   . LEU A 1 2  ? -6.163  7.219   -7.108  1.00 21.24 ? 1   LEU A O   1 
ATOM   9   C CB  . LEU A 1 2  ? -4.281  6.412   -9.360  1.00 22.18 ? 1   LEU A CB  1 
ATOM   10  C CG  . LEU A 1 2  ? -3.856  5.049   -8.825  1.00 20.53 ? 1   LEU A CG  1 
ATOM   11  C CD1 . LEU A 1 2  ? -4.245  3.951   -9.773  1.00 17.82 ? 1   LEU A CD1 1 
ATOM   12  C CD2 . LEU A 1 2  ? -2.362  4.994   -8.559  1.00 20.00 ? 1   LEU A CD2 1 
ATOM   13  N N   . THR A 1 3  ? -7.072  5.374   -7.876  1.00 20.32 ? 2   THR A N   1 
ATOM   14  C CA  . THR A 1 3  ? -7.609  4.923   -6.627  1.00 19.47 ? 2   THR A CA  1 
ATOM   15  C C   . THR A 1 3  ? -6.735  3.833   -5.996  1.00 17.43 ? 2   THR A C   1 
ATOM   16  O O   . THR A 1 3  ? -6.380  2.877   -6.651  1.00 15.30 ? 2   THR A O   1 
ATOM   17  C CB  . THR A 1 3  ? -9.051  4.415   -6.851  1.00 23.84 ? 2   THR A CB  1 
ATOM   18  O OG1 . THR A 1 3  ? -9.930  5.542   -6.900  1.00 28.09 ? 2   THR A OG1 1 
ATOM   19  C CG2 . THR A 1 3  ? -9.475  3.584   -5.709  1.00 30.28 ? 2   THR A CG2 1 
ATOM   20  N N   . CYS A 1 4  ? -6.397  3.976   -4.714  1.00 15.29 ? 3   CYS A N   1 
ATOM   21  C CA  . CYS A 1 4  ? -5.674  2.949   -3.992  1.00 16.79 ? 3   CYS A CA  1 
ATOM   22  C C   . CYS A 1 4  ? -6.312  2.625   -2.630  1.00 17.69 ? 3   CYS A C   1 
ATOM   23  O O   . CYS A 1 4  ? -6.902  3.465   -1.981  1.00 15.07 ? 3   CYS A O   1 
ATOM   24  C CB  . CYS A 1 4  ? -4.218  3.350   -3.695  1.00 15.81 ? 3   CYS A CB  1 
ATOM   25  S SG  . CYS A 1 4  ? -3.206  3.807   -5.094  1.00 16.91 ? 3   CYS A SG  1 
ATOM   26  N N   . VAL A 1 5  ? -6.132  1.390   -2.199  1.00 18.30 ? 4   VAL A N   1 
ATOM   27  C CA  . VAL A 1 5  ? -6.444  0.986   -0.814  1.00 14.36 ? 4   VAL A CA  1 
ATOM   28  C C   . VAL A 1 5  ? -5.423  1.646   0.090   1.00 13.80 ? 4   VAL A C   1 
ATOM   29  O O   . VAL A 1 5  ? -4.223  1.564   -0.152  1.00 11.70 ? 4   VAL A O   1 
ATOM   30  C CB  . VAL A 1 5  ? -6.405  -0.557  -0.648  1.00 12.58 ? 4   VAL A CB  1 
ATOM   31  C CG1 . VAL A 1 5  ? -6.834  -0.982  0.699   1.00 14.20 ? 4   VAL A CG1 1 
ATOM   32  C CG2 . VAL A 1 5  ? -7.331  -1.225  -1.627  1.00 12.57 ? 4   VAL A CG2 1 
ATOM   33  N N   . THR A 1 6  ? -5.910  2.394   1.064   1.00 14.94 ? 5   THR A N   1 
ATOM   34  C CA  . THR A 1 6  ? -5.023  2.953   2.059   1.00 12.91 ? 5   THR A CA  1 
ATOM   35  C C   . THR A 1 6  ? -5.179  2.218   3.358   1.00 13.02 ? 5   THR A C   1 
ATOM   36  O O   . THR A 1 6  ? -4.367  2.359   4.209   1.00 13.18 ? 5   THR A O   1 
ATOM   37  C CB  . THR A 1 6  ? -5.203  4.473   2.241   1.00 18.01 ? 5   THR A CB  1 
ATOM   38  O OG1 . THR A 1 6  ? -6.512  4.741   2.676   1.00 19.15 ? 5   THR A OG1 1 
ATOM   39  C CG2 . THR A 1 6  ? -5.032  5.198   0.943   1.00 18.84 ? 5   THR A CG2 1 
ATOM   40  N N   . SER A 1 7  ? -6.109  1.282   3.499   1.00 14.26 ? 6   SER A N   1 
ATOM   41  C CA  . SER A 1 7  ? -6.183  0.482   4.713   1.00 15.93 ? 6   SER A CA  1 
ATOM   42  C C   . SER A 1 7  ? -7.008  -0.730  4.441   1.00 15.86 ? 6   SER A C   1 
ATOM   43  O O   . SER A 1 7  ? -7.982  -0.656  3.755   1.00 12.63 ? 6   SER A O   1 
ATOM   44  C CB  . SER A 1 7  ? -6.787  1.309   5.843   1.00 20.17 ? 6   SER A CB  1 
ATOM   45  O OG  . SER A 1 7  ? -6.960  0.539   6.978   1.00 21.38 ? 6   SER A OG  1 
ATOM   46  N N   . LYS A 1 8  ? -6.566  -1.883  4.902   1.00 18.43 ? 7   LYS A N   1 
ATOM   47  C CA  . LYS A 1 8  ? -7.396  -3.084  4.819   1.00 17.02 ? 7   LYS A CA  1 
ATOM   48  C C   . LYS A 1 8  ? -7.212  -4.037  6.006   1.00 16.86 ? 7   LYS A C   1 
ATOM   49  O O   . LYS A 1 8  ? -6.126  -4.439  6.321   1.00 17.59 ? 7   LYS A O   1 
ATOM   50  C CB  . LYS A 1 8  ? -7.132  -3.761  3.488   1.00 19.88 ? 7   LYS A CB  1 
ATOM   51  C CG  . LYS A 1 8  ? -7.957  -5.013  3.279   1.00 23.72 ? 7   LYS A CG  1 
ATOM   52  C CD  . LYS A 1 8  ? -7.905  -5.499  1.853   1.00 25.06 ? 7   LYS A CD  1 
ATOM   53  C CE  . LYS A 1 8  ? -8.814  -6.703  1.725   1.00 27.09 ? 7   LYS A CE  1 
ATOM   54  N NZ  . LYS A 1 8  ? -9.057  -7.085  0.325   1.00 26.66 ? 7   LYS A NZ  1 
ATOM   55  N N   . SER A 1 9  ? -8.303  -4.407  6.659   1.00 16.79 ? 8   SER A N   1 
ATOM   56  C CA  . SER A 1 9  ? -8.220  -5.185  7.859   1.00 17.69 ? 8   SER A CA  1 
ATOM   57  C C   . SER A 1 9  ? -9.558  -5.774  8.238   1.00 20.39 ? 8   SER A C   1 
ATOM   58  O O   . SER A 1 9  ? -10.532 -5.644  7.497   1.00 24.05 ? 8   SER A O   1 
ATOM   59  C CB  . SER A 1 9  ? -7.723  -4.300  9.012   1.00 16.84 ? 8   SER A CB  1 
ATOM   60  O OG  . SER A 1 9  ? -8.661  -3.281  9.283   1.00 14.62 ? 8   SER A OG  1 
ATOM   61  N N   . ILE A 1 10 ? -9.610  -6.406  9.416   1.00 20.35 ? 9   ILE A N   1 
ATOM   62  C CA  . ILE A 1 10 ? -10.871 -6.914  9.968   1.00 20.16 ? 9   ILE A CA  1 
ATOM   63  C C   . ILE A 1 10 ? -11.874 -5.799  10.286  1.00 20.55 ? 9   ILE A C   1 
ATOM   64  O O   . ILE A 1 10 ? -13.052 -6.047  10.423  1.00 24.51 ? 9   ILE A O   1 
ATOM   65  C CB  . ILE A 1 10 ? -10.655 -7.747  11.237  1.00 22.28 ? 9   ILE A CB  1 
ATOM   66  C CG1 . ILE A 1 10 ? -9.938  -6.912  12.294  1.00 20.79 ? 9   ILE A CG1 1 
ATOM   67  C CG2 . ILE A 1 10 ? -9.918  -9.028  10.901  1.00 22.71 ? 9   ILE A CG2 1 
ATOM   68  C CD1 . ILE A 1 10 ? -9.701  -7.662  13.573  1.00 25.83 ? 9   ILE A CD1 1 
ATOM   69  N N   . PHE A 1 11 ? -11.406 -4.573  10.379  1.00 20.99 ? 10  PHE A N   1 
ATOM   70  C CA  . PHE A 1 11 ? -12.285 -3.404  10.544  1.00 22.87 ? 10  PHE A CA  1 
ATOM   71  C C   . PHE A 1 11 ? -12.723 -2.761  9.234   1.00 21.76 ? 10  PHE A C   1 
ATOM   72  O O   . PHE A 1 11 ? -13.253 -1.685  9.265   1.00 29.11 ? 10  PHE A O   1 
ATOM   73  C CB  . PHE A 1 11 ? -11.589 -2.352  11.421  1.00 18.49 ? 10  PHE A CB  1 
ATOM   74  C CG  . PHE A 1 11 ? -11.072 -2.917  12.688  1.00 17.98 ? 10  PHE A CG  1 
ATOM   75  C CD1 . PHE A 1 11 ? -9.713  -3.004  12.915  1.00 15.34 ? 10  PHE A CD1 1 
ATOM   76  C CD2 . PHE A 1 11 ? -11.954 -3.449  13.630  1.00 18.91 ? 10  PHE A CD2 1 
ATOM   77  C CE1 . PHE A 1 11 ? -9.230  -3.556  14.064  1.00 17.73 ? 10  PHE A CE1 1 
ATOM   78  C CE2 . PHE A 1 11 ? -11.475 -3.986  14.798  1.00 18.55 ? 10  PHE A CE2 1 
ATOM   79  C CZ  . PHE A 1 11 ? -10.119 -4.047  15.001  1.00 18.93 ? 10  PHE A CZ  1 
ATOM   80  N N   . GLY A 1 12 ? -12.474 -3.397  8.100   1.00 20.38 ? 11  GLY A N   1 
ATOM   81  C CA  . GLY A 1 12 ? -12.815 -2.814  6.813   1.00 20.03 ? 11  GLY A CA  1 
ATOM   82  C C   . GLY A 1 12 ? -11.740 -2.343  5.846   1.00 18.66 ? 11  GLY A C   1 
ATOM   83  O O   . GLY A 1 12 ? -10.583 -2.625  6.000   1.00 18.35 ? 11  GLY A O   1 
ATOM   84  N N   . ILE A 1 13 ? -12.178 -1.604  4.824   1.00 17.37 ? 12  ILE A N   1 
ATOM   85  C CA  . ILE A 1 13 ? -11.363 -1.215  3.682   1.00 15.22 ? 12  ILE A CA  1 
ATOM   86  C C   . ILE A 1 13 ? -11.502 0.270   3.430   1.00 14.71 ? 12  ILE A C   1 
ATOM   87  O O   . ILE A 1 13 ? -12.590 0.760   3.169   1.00 14.83 ? 12  ILE A O   1 
ATOM   88  C CB  . ILE A 1 13 ? -11.740 -2.000  2.390   1.00 13.69 ? 12  ILE A CB  1 
ATOM   89  C CG1 . ILE A 1 13 ? -11.726 -3.513  2.671   1.00 17.05 ? 12  ILE A CG1 1 
ATOM   90  C CG2 . ILE A 1 13 ? -10.699 -1.771  1.351   1.00 11.43 ? 12  ILE A CG2 1 
ATOM   91  C CD1 . ILE A 1 13 ? -12.334 -4.382  1.578   1.00 19.56 ? 12  ILE A CD1 1 
ATOM   92  N N   . THR A 1 14 ? -10.393 0.984   3.501   1.00 15.60 ? 13  THR A N   1 
ATOM   93  C CA  . THR A 1 14 ? -10.339 2.388   3.125   1.00 11.85 ? 13  THR A CA  1 
ATOM   94  C C   . THR A 1 14 ? -9.689  2.533   1.756   1.00 10.93 ? 13  THR A C   1 
ATOM   95  O O   . THR A 1 14 ? -8.691  1.901   1.395   1.00 10.62 ? 13  THR A O   1 
ATOM   96  C CB  . THR A 1 14 ? -9.610  3.222   4.160   1.00 13.19 ? 13  THR A CB  1 
ATOM   97  O OG1 . THR A 1 14 ? -10.124 2.918   5.458   1.00 16.32 ? 13  THR A OG1 1 
ATOM   98  C CG2 . THR A 1 14 ? -9.774  4.704   3.865   1.00 11.17 ? 13  THR A CG2 1 
ATOM   99  N N   . THR A 1 15 ? -10.321 3.378   0.964   1.00 12.33 ? 14  THR A N   1 
ATOM   100 C CA  . THR A 1 15 ? -9.891  3.632   -0.388  1.00 14.66 ? 14  THR A CA  1 
ATOM   101 C C   . THR A 1 15 ? -9.772  5.133   -0.591  1.00 14.84 ? 14  THR A C   1 
ATOM   102 O O   . THR A 1 15 ? -10.581 5.892   -0.091  1.00 10.73 ? 14  THR A O   1 
ATOM   103 C CB  . THR A 1 15 ? -10.904 3.069   -1.396  1.00 18.29 ? 14  THR A CB  1 
ATOM   104 O OG1 . THR A 1 15 ? -10.643 1.682   -1.625  1.00 19.10 ? 14  THR A OG1 1 
ATOM   105 C CG2 . THR A 1 15 ? -10.803 3.808   -2.695  1.00 22.29 ? 14  THR A CG2 1 
ATOM   106 N N   . GLU A 1 16 ? -8.750  5.545   -1.325  1.00 15.88 ? 15  GLU A N   1 
ATOM   107 C CA  . GLU A 1 16 ? -8.502  6.949   -1.547  1.00 14.67 ? 15  GLU A CA  1 
ATOM   108 C C   . GLU A 1 16 ? -8.322  7.299   -3.011  1.00 15.74 ? 15  GLU A C   1 
ATOM   109 O O   . GLU A 1 16 ? -7.685  6.569   -3.757  1.00 18.12 ? 15  GLU A O   1 
ATOM   110 C CB  . GLU A 1 16 ? -7.258  7.385   -0.789  1.00 15.39 ? 15  GLU A CB  1 
ATOM   111 C CG  . GLU A 1 16 ? -6.826  8.802   -1.082  1.00 17.38 ? 15  GLU A CG  1 
ATOM   112 C CD  . GLU A 1 16 ? -5.764  9.276   -0.117  1.00 23.74 ? 15  GLU A CD  1 
ATOM   113 O OE1 . GLU A 1 16 ? -6.086  9.432   1.065   1.00 32.11 ? 15  GLU A OE1 1 
ATOM   114 O OE2 . GLU A 1 16 ? -4.614  9.471   -0.526  1.00 25.27 ? 15  GLU A OE2 1 
ATOM   115 N N   . ASP A 1 17 ? -8.855  8.447   -3.397  1.00 16.73 ? 16  ASP A N   1 
ATOM   116 C CA  . ASP A 1 17 ? -8.580  9.009   -4.705  1.00 17.51 ? 16  ASP A CA  1 
ATOM   117 C C   . ASP A 1 17 ? -7.293  9.769   -4.497  1.00 16.23 ? 16  ASP A C   1 
ATOM   118 O O   . ASP A 1 17 ? -7.251  10.769  -3.801  1.00 14.28 ? 16  ASP A O   1 
ATOM   119 C CB  . ASP A 1 17 ? -9.693  9.965   -5.118  1.00 18.52 ? 16  ASP A CB  1 
ATOM   120 C CG  . ASP A 1 17 ? -9.549  10.465  -6.545  1.00 21.69 ? 16  ASP A CG  1 
ATOM   121 O OD1 . ASP A 1 17 ? -10.498 11.088  -7.028  1.00 27.18 ? 16  ASP A OD1 1 
ATOM   122 O OD2 . ASP A 1 17 ? -8.510  10.244  -7.181  1.00 18.23 ? 16  ASP A OD2 1 
ATOM   123 N N   . CYS A 1 18 ? -6.236  9.264   -5.101  1.00 15.74 ? 17  CYS A N   1 
ATOM   124 C CA  . CYS A 1 18 ? -4.880  9.673   -4.755  1.00 19.46 ? 17  CYS A CA  1 
ATOM   125 C C   . CYS A 1 18 ? -4.578  11.102  -5.079  1.00 18.62 ? 17  CYS A C   1 
ATOM   126 O O   . CYS A 1 18 ? -4.990  11.554  -6.127  1.00 22.29 ? 17  CYS A O   1 
ATOM   127 C CB  . CYS A 1 18 ? -3.864  8.833   -5.506  1.00 20.40 ? 17  CYS A CB  1 
ATOM   128 S SG  . CYS A 1 18 ? -3.809  7.097   -5.017  1.00 19.59 ? 17  CYS A SG  1 
ATOM   129 N N   . PRO A 1 19 ? -3.816  11.783  -4.208  1.00 19.38 ? 18  PRO A N   1 
ATOM   130 C CA  . PRO A 1 19 ? -3.372  13.154  -4.393  1.00 23.38 ? 18  PRO A CA  1 
ATOM   131 C C   . PRO A 1 19 ? -2.616  13.281  -5.683  1.00 30.94 ? 18  PRO A C   1 
ATOM   132 O O   . PRO A 1 19 ? -1.892  12.364  -6.037  1.00 35.21 ? 18  PRO A O   1 
ATOM   133 C CB  . PRO A 1 19 ? -2.410  13.351  -3.246  1.00 18.90 ? 18  PRO A CB  1 
ATOM   134 C CG  . PRO A 1 19 ? -2.927  12.505  -2.178  1.00 20.84 ? 18  PRO A CG  1 
ATOM   135 C CD  . PRO A 1 19 ? -3.339  11.261  -2.904  1.00 20.89 ? 18  PRO A CD  1 
ATOM   136 N N   . ASP A 1 20 ? -2.781  14.385  -6.403  1.00 34.28 ? 19  ASP A N   1 
ATOM   137 C CA  A ASP A 1 20 ? -2.167  14.573  -7.716  0.42 40.65 ? 19  ASP A CA  1 
ATOM   138 C CA  B ASP A 1 20 ? -2.177  14.482  -7.721  0.58 39.36 ? 19  ASP A CA  1 
ATOM   139 C C   . ASP A 1 20 ? -0.666  14.339  -7.582  1.00 38.33 ? 19  ASP A C   1 
ATOM   140 O O   . ASP A 1 20 ? -0.059  14.688  -6.546  1.00 35.90 ? 19  ASP A O   1 
ATOM   141 C CB  A ASP A 1 20 ? -2.467  15.998  -8.230  0.42 39.67 ? 19  ASP A CB  1 
ATOM   142 C CB  B ASP A 1 20 ? -2.538  15.788  -8.443  0.58 40.60 ? 19  ASP A CB  1 
ATOM   143 C CG  A ASP A 1 20 ? -2.002  16.244  -9.663  0.42 41.58 ? 19  ASP A CG  1 
ATOM   144 C CG  B ASP A 1 20 ? -1.907  16.987  -7.807  0.58 39.14 ? 19  ASP A CG  1 
ATOM   145 O OD1 A ASP A 1 20 ? -2.402  15.487  -10.587 0.42 34.97 ? 19  ASP A OD1 1 
ATOM   146 O OD1 B ASP A 1 20 ? -1.764  16.948  -6.560  0.58 36.06 ? 19  ASP A OD1 1 
ATOM   147 O OD2 A ASP A 1 20 ? -1.270  17.238  -9.868  0.42 43.15 ? 19  ASP A OD2 1 
ATOM   148 O OD2 B ASP A 1 20 ? -1.553  17.944  -8.541  0.58 37.21 ? 19  ASP A OD2 1 
ATOM   149 N N   . GLY A 1 21 ? -0.067  13.775  -8.622  1.00 37.61 ? 20  GLY A N   1 
ATOM   150 C CA  . GLY A 1 21 ? 1.334   13.446  -8.586  1.00 37.25 ? 20  GLY A CA  1 
ATOM   151 C C   . GLY A 1 21 ? 1.640   12.180  -7.806  1.00 37.38 ? 20  GLY A C   1 
ATOM   152 O O   . GLY A 1 21 ? 2.799   11.897  -7.540  1.00 32.65 ? 20  GLY A O   1 
ATOM   153 N N   . GLN A 1 22 ? 0.608   11.415  -7.438  1.00 32.35 ? 21  GLN A N   1 
ATOM   154 C CA  . GLN A 1 22 ? 0.803   10.107  -6.840  1.00 24.90 ? 21  GLN A CA  1 
ATOM   155 C C   . GLN A 1 22 ? 0.067   9.076   -7.672  1.00 24.39 ? 21  GLN A C   1 
ATOM   156 O O   . GLN A 1 22 ? -1.106  8.829   -7.408  1.00 23.49 ? 21  GLN A O   1 
ATOM   157 C CB  . GLN A 1 22 ? 0.294   10.111  -5.424  1.00 20.80 ? 21  GLN A CB  1 
ATOM   158 C CG  . GLN A 1 22 ? 1.098   11.043  -4.570  1.00 20.19 ? 21  GLN A CG  1 
ATOM   159 C CD  . GLN A 1 22 ? 0.724   11.036  -3.132  1.00 23.25 ? 21  GLN A CD  1 
ATOM   160 O OE1 . GLN A 1 22 ? 0.280   10.050  -2.579  1.00 21.75 ? 21  GLN A OE1 1 
ATOM   161 N NE2 . GLN A 1 22 ? 0.912   12.169  -2.499  1.00 29.79 ? 21  GLN A NE2 1 
ATOM   162 N N   . ASN A 1 23 ? 0.754   8.529   -8.689  1.00 19.80 ? 22  ASN A N   1 
ATOM   163 C CA  . ASN A 1 23 ? 0.139   7.653   -9.706  1.00 23.95 ? 22  ASN A CA  1 
ATOM   164 C C   . ASN A 1 23 ? 0.555   6.212   -9.464  1.00 21.95 ? 22  ASN A C   1 
ATOM   165 O O   . ASN A 1 23 ? 0.459   5.343   -10.328 1.00 19.98 ? 22  ASN A O   1 
ATOM   166 C CB  . ASN A 1 23 ? 0.491   8.123   -11.130 1.00 30.80 ? 22  ASN A CB  1 
ATOM   167 C CG  . ASN A 1 23 ? -0.645  7.868   -12.157 1.00 39.85 ? 22  ASN A CG  1 
ATOM   168 O OD1 . ASN A 1 23 ? -1.835  8.134   -11.881 1.00 36.30 ? 22  ASN A OD1 1 
ATOM   169 N ND2 . ASN A 1 23 ? -0.266  7.407   -13.374 1.00 35.90 ? 22  ASN A ND2 1 
ATOM   170 N N   . LEU A 1 24 ? 0.934   5.953   -8.226  1.00 21.40 ? 23  LEU A N   1 
ATOM   171 C CA  . LEU A 1 24 ? 1.325   4.624   -7.804  1.00 26.03 ? 23  LEU A CA  1 
ATOM   172 C C   . LEU A 1 24 ? 0.611   4.201   -6.517  1.00 18.32 ? 23  LEU A C   1 
ATOM   173 O O   . LEU A 1 24 ? 0.374   5.002   -5.685  1.00 17.35 ? 23  LEU A O   1 
ATOM   174 C CB  . LEU A 1 24 ? 2.810   4.759   -7.578  1.00 29.81 ? 23  LEU A CB  1 
ATOM   175 C CG  . LEU A 1 24 ? 3.713   3.637   -7.299  1.00 27.26 ? 23  LEU A CG  1 
ATOM   176 C CD1 . LEU A 1 24 ? 5.046   3.991   -7.934  1.00 30.87 ? 23  LEU A CD1 1 
ATOM   177 C CD2 . LEU A 1 24 ? 3.835   3.537   -5.823  1.00 23.33 ? 23  LEU A CD2 1 
ATOM   178 N N   . CYS A 1 25 ? 0.252   2.914   -6.408  1.00 18.46 ? 24  CYS A N   1 
ATOM   179 C CA  . CYS A 1 25 ? -0.203  2.294   -5.184  1.00 17.21 ? 24  CYS A CA  1 
ATOM   180 C C   . CYS A 1 25 ? 0.870   1.334   -4.644  1.00 16.47 ? 24  CYS A C   1 
ATOM   181 O O   . CYS A 1 25 ? 1.616   0.759   -5.375  1.00 17.47 ? 24  CYS A O   1 
ATOM   182 C CB  . CYS A 1 25 ? -1.442  1.434   -5.407  1.00 17.17 ? 24  CYS A CB  1 
ATOM   183 S SG  . CYS A 1 25 ? -2.891  2.172   -6.107  1.00 17.11 ? 24  CYS A SG  1 
ATOM   184 N N   . PHE A 1 26 ? 0.935   1.174   -3.334  1.00 17.44 ? 25  PHE A N   1 
ATOM   185 C CA  . PHE A 1 26 ? 1.876   0.281   -2.731  1.00 15.46 ? 25  PHE A CA  1 
ATOM   186 C C   . PHE A 1 26 ? 1.263   -0.526  -1.594  1.00 14.44 ? 25  PHE A C   1 
ATOM   187 O O   . PHE A 1 26 ? 0.281   -0.122  -0.990  1.00 13.18 ? 25  PHE A O   1 
ATOM   188 C CB  . PHE A 1 26 ? 3.079   1.066   -2.205  1.00 16.98 ? 25  PHE A CB  1 
ATOM   189 C CG  . PHE A 1 26 ? 2.822   1.829   -0.942  1.00 17.86 ? 25  PHE A CG  1 
ATOM   190 C CD1 . PHE A 1 26 ? 2.864   1.204   0.268   1.00 18.67 ? 25  PHE A CD1 1 
ATOM   191 C CD2 . PHE A 1 26 ? 2.619   3.177   -0.978  1.00 19.88 ? 25  PHE A CD2 1 
ATOM   192 C CE1 . PHE A 1 26 ? 2.666   1.886   1.426   1.00 14.12 ? 25  PHE A CE1 1 
ATOM   193 C CE2 . PHE A 1 26 ? 2.396   3.864   0.181   1.00 19.13 ? 25  PHE A CE2 1 
ATOM   194 C CZ  . PHE A 1 26 ? 2.434   3.207   1.391   1.00 16.21 ? 25  PHE A CZ  1 
ATOM   195 N N   . LYS A 1 27 ? 1.891   -1.657  -1.325  1.00 13.99 ? 26  LYS A N   1 
ATOM   196 C CA  . LYS A 1 27 ? 1.480   -2.568  -0.279  1.00 12.37 ? 26  LYS A CA  1 
ATOM   197 C C   . LYS A 1 27 ? 2.747   -3.158  0.334   1.00 13.10 ? 26  LYS A C   1 
ATOM   198 O O   . LYS A 1 27 ? 3.446   -3.948  -0.310  1.00 11.28 ? 26  LYS A O   1 
ATOM   199 C CB  . LYS A 1 27 ? 0.601   -3.672  -0.829  1.00 11.55 ? 26  LYS A CB  1 
ATOM   200 C CG  . LYS A 1 27 ? 0.180   -4.670  0.241   1.00 16.07 ? 26  LYS A CG  1 
ATOM   201 C CD  . LYS A 1 27 ? -0.967  -5.533  -0.263  1.00 20.96 ? 26  LYS A CD  1 
ATOM   202 C CE  . LYS A 1 27 ? -0.679  -7.011  -0.200  1.00 25.30 ? 26  LYS A CE  1 
ATOM   203 N NZ  . LYS A 1 27 ? -1.850  -7.888  -0.543  1.00 32.83 ? 26  LYS A NZ  1 
ATOM   204 N N   . ARG A 1 28 ? 3.059   -2.718  1.560   1.00 13.66 ? 27  ARG A N   1 
ATOM   205 C CA  . ARG A 1 28 ? 4.208   -3.199  2.306   1.00 13.11 ? 27  ARG A CA  1 
ATOM   206 C C   . ARG A 1 28 ? 3.847   -4.377  3.229   1.00 15.53 ? 27  ARG A C   1 
ATOM   207 O O   . ARG A 1 28 ? 2.848   -4.343  3.948   1.00 16.72 ? 27  ARG A O   1 
ATOM   208 C CB  . ARG A 1 28 ? 4.769   -2.056  3.150   1.00 13.53 ? 27  ARG A CB  1 
ATOM   209 C CG  . ARG A 1 28 ? 5.953   -2.421  4.067   1.00 12.66 ? 27  ARG A CG  1 
ATOM   210 C CD  . ARG A 1 28 ? 6.239   -1.280  5.023   1.00 17.57 ? 27  ARG A CD  1 
ATOM   211 N NE  . ARG A 1 28 ? 6.735   -0.096  4.317   1.00 20.41 ? 27  ARG A NE  1 
ATOM   212 C CZ  . ARG A 1 28 ? 6.014   0.977   3.968   1.00 25.37 ? 27  ARG A CZ  1 
ATOM   213 N NH1 . ARG A 1 28 ? 4.735   1.084   4.288   1.00 21.77 ? 27  ARG A NH1 1 
ATOM   214 N NH2 . ARG A 1 28 ? 6.604   2.000   3.322   1.00 28.12 ? 27  ARG A NH2 1 
ATOM   215 N N   . ARG A 1 29 ? 4.686   -5.408  3.223   1.00 15.02 ? 28  ARG A N   1 
ATOM   216 C CA  . ARG A 1 29 ? 4.493   -6.555  4.086   1.00 15.40 ? 28  ARG A CA  1 
ATOM   217 C C   . ARG A 1 29 ? 5.601   -6.567  5.159   1.00 15.70 ? 28  ARG A C   1 
ATOM   218 O O   . ARG A 1 29 ? 6.805   -6.583  4.830   1.00 13.75 ? 28  ARG A O   1 
ATOM   219 C CB  . ARG A 1 29 ? 4.527   -7.782  3.239   1.00 15.79 ? 28  ARG A CB  1 
ATOM   220 C CG  . ARG A 1 29 ? 4.387   -9.063  3.997   1.00 23.55 ? 28  ARG A CG  1 
ATOM   221 C CD  . ARG A 1 29 ? 3.748   -10.060 3.085   1.00 34.23 ? 28  ARG A CD  1 
ATOM   222 N NE  . ARG A 1 29 ? 3.852   -11.397 3.628   1.00 42.60 ? 28  ARG A NE  1 
ATOM   223 C CZ  . ARG A 1 29 ? 2.927   -12.009 4.373   1.00 47.09 ? 28  ARG A CZ  1 
ATOM   224 N NH1 . ARG A 1 29 ? 3.173   -13.257 4.781   1.00 61.29 ? 28  ARG A NH1 1 
ATOM   225 N NH2 . ARG A 1 29 ? 1.776   -11.394 4.725   1.00 43.66 ? 28  ARG A NH2 1 
ATOM   226 N N   . HIS A 1 30 ? 5.194   -6.523  6.430   1.00 16.06 ? 29  HIS A N   1 
ATOM   227 C CA  . HIS A 1 30 ? 6.135   -6.337  7.533   1.00 17.14 ? 29  HIS A CA  1 
ATOM   228 C C   . HIS A 1 30 ? 6.005   -7.393  8.589   1.00 17.02 ? 29  HIS A C   1 
ATOM   229 O O   . HIS A 1 30 ? 4.981   -7.537  9.207   1.00 16.38 ? 29  HIS A O   1 
ATOM   230 C CB  . HIS A 1 30 ? 5.928   -4.999  8.225   1.00 16.02 ? 29  HIS A CB  1 
ATOM   231 C CG  . HIS A 1 30 ? 6.734   -4.844  9.479   1.00 17.21 ? 29  HIS A CG  1 
ATOM   232 N ND1 . HIS A 1 30 ? 8.105   -4.845  9.488   1.00 17.92 ? 29  HIS A ND1 1 
ATOM   233 C CD2 . HIS A 1 30 ? 6.357   -4.635  10.757  1.00 22.32 ? 29  HIS A CD2 1 
ATOM   234 C CE1 . HIS A 1 30 ? 8.545   -4.682  10.721  1.00 22.23 ? 29  HIS A CE1 1 
ATOM   235 N NE2 . HIS A 1 30 ? 7.503   -4.545  11.509  1.00 25.64 ? 29  HIS A NE2 1 
ATOM   236 N N   . TYR A 1 31 ? 7.084   -8.089  8.833   1.00 19.67 ? 30  TYR A N   1 
ATOM   237 C CA  . TYR A 1 31 ? 7.067   -9.166  9.773   1.00 24.54 ? 30  TYR A CA  1 
ATOM   238 C C   . TYR A 1 31 ? 7.107   -8.586  11.160  1.00 25.64 ? 30  TYR A C   1 
ATOM   239 O O   . TYR A 1 31 ? 8.052   -7.917  11.500  1.00 33.59 ? 30  TYR A O   1 
ATOM   240 C CB  . TYR A 1 31 ? 8.259   -10.056 9.494   1.00 29.13 ? 30  TYR A CB  1 
ATOM   241 C CG  . TYR A 1 31 ? 8.530   -11.087 10.532  1.00 35.20 ? 30  TYR A CG  1 
ATOM   242 C CD1 . TYR A 1 31 ? 8.017   -12.367 10.424  1.00 34.21 ? 30  TYR A CD1 1 
ATOM   243 C CD2 . TYR A 1 31 ? 9.340   -10.789 11.619  1.00 39.50 ? 30  TYR A CD2 1 
ATOM   244 C CE1 . TYR A 1 31 ? 8.272   -13.310 11.398  1.00 36.22 ? 30  TYR A CE1 1 
ATOM   245 C CE2 . TYR A 1 31 ? 9.607   -11.737 12.595  1.00 45.16 ? 30  TYR A CE2 1 
ATOM   246 C CZ  . TYR A 1 31 ? 9.082   -13.003 12.476  1.00 40.15 ? 30  TYR A CZ  1 
ATOM   247 O OH  . TYR A 1 31 ? 9.343   -13.956 13.441  1.00 49.46 ? 30  TYR A OH  1 
ATOM   248 N N   . VAL A 1 32 ? 6.066   -8.798  11.948  1.00 22.31 ? 31  VAL A N   1 
ATOM   249 C CA  . VAL A 1 32 ? 6.071   -8.390  13.349  1.00 30.12 ? 31  VAL A CA  1 
ATOM   250 C C   . VAL A 1 32 ? 6.502   -9.566  14.243  1.00 35.18 ? 31  VAL A C   1 
ATOM   251 O O   . VAL A 1 32 ? 7.344   -9.427  15.133  1.00 43.10 ? 31  VAL A O   1 
ATOM   252 C CB  . VAL A 1 32 ? 4.685   -7.904  13.799  1.00 31.80 ? 31  VAL A CB  1 
ATOM   253 C CG1 . VAL A 1 32 ? 4.720   -7.323  15.208  1.00 37.25 ? 31  VAL A CG1 1 
ATOM   254 C CG2 . VAL A 1 32 ? 4.149   -6.866  12.853  1.00 31.26 ? 31  VAL A CG2 1 
ATOM   255 N N   . VAL A 1 33 ? 5.904   -10.730 14.028  1.00 36.80 ? 32  VAL A N   1 
ATOM   256 C CA  . VAL A 1 33 ? 6.268   -11.899 14.820  1.00 43.38 ? 32  VAL A CA  1 
ATOM   257 C C   . VAL A 1 33 ? 6.032   -13.134 13.963  1.00 47.42 ? 32  VAL A C   1 
ATOM   258 O O   . VAL A 1 33 ? 5.412   -13.016 12.909  1.00 46.67 ? 32  VAL A O   1 
ATOM   259 C CB  . VAL A 1 33 ? 5.514   -11.998 16.173  1.00 50.53 ? 32  VAL A CB  1 
ATOM   260 C CG1 . VAL A 1 33 ? 6.518   -11.985 17.310  1.00 45.47 ? 32  VAL A CG1 1 
ATOM   261 C CG2 . VAL A 1 33 ? 4.575   -10.854 16.414  1.00 60.66 ? 32  VAL A CG2 1 
ATOM   262 N N   . PRO A 1 34 ? 6.512   -14.317 14.411  1.00 52.11 ? 33  PRO A N   1 
ATOM   263 C CA  . PRO A 1 34 ? 6.799   -15.419 13.492  1.00 57.14 ? 33  PRO A CA  1 
ATOM   264 C C   . PRO A 1 34 ? 5.760   -15.612 12.418  1.00 50.73 ? 33  PRO A C   1 
ATOM   265 O O   . PRO A 1 34 ? 6.079   -15.534 11.227  1.00 63.88 ? 33  PRO A O   1 
ATOM   266 C CB  . PRO A 1 34 ? 6.921   -16.666 14.415  1.00 66.97 ? 33  PRO A CB  1 
ATOM   267 C CG  . PRO A 1 34 ? 6.781   -16.180 15.814  1.00 48.96 ? 33  PRO A CG  1 
ATOM   268 C CD  . PRO A 1 34 ? 6.808   -14.691 15.808  1.00 49.80 ? 33  PRO A CD  1 
ATOM   269 N N   . ALA A 1 35 ? 4.520   -15.821 12.811  1.00 48.13 ? 34  ALA A N   1 
ATOM   270 C CA  . ALA A 1 35 ? 3.504   -16.072 11.811  1.00 52.85 ? 34  ALA A CA  1 
ATOM   271 C C   . ALA A 1 35 ? 2.637   -14.851 11.531  1.00 46.37 ? 34  ALA A C   1 
ATOM   272 O O   . ALA A 1 35 ? 1.602   -14.963 10.864  1.00 46.49 ? 34  ALA A O   1 
ATOM   273 C CB  . ALA A 1 35 ? 2.663   -17.233 12.259  1.00 64.13 ? 34  ALA A CB  1 
ATOM   274 N N   . ILE A 1 36 ? 3.071   -13.685 12.017  1.00 43.00 ? 35  ILE A N   1 
ATOM   275 C CA  . ILE A 1 36 ? 2.260   -12.461 11.936  1.00 37.54 ? 35  ILE A CA  1 
ATOM   276 C C   . ILE A 1 36 ? 2.937   -11.346 11.145  1.00 28.13 ? 35  ILE A C   1 
ATOM   277 O O   . ILE A 1 36 ? 4.039   -10.936 11.432  1.00 23.39 ? 35  ILE A O   1 
ATOM   278 C CB  . ILE A 1 36 ? 1.913   -11.938 13.330  1.00 33.77 ? 35  ILE A CB  1 
ATOM   279 C CG1 . ILE A 1 36 ? 1.351   -13.080 14.191  1.00 39.52 ? 35  ILE A CG1 1 
ATOM   280 C CG2 . ILE A 1 36 ? 0.910   -10.799 13.212  1.00 35.14 ? 35  ILE A CG2 1 
ATOM   281 C CD1 . ILE A 1 36 ? 0.863   -12.649 15.553  1.00 37.79 ? 35  ILE A CD1 1 
ATOM   282 N N   . TYR A 1 37 ? 2.203   -10.841 10.173  1.00 26.90 ? 36  TYR A N   1 
ATOM   283 C CA  . TYR A 1 37 ? 2.666   -9.870  9.223   1.00 26.92 ? 36  TYR A CA  1 
ATOM   284 C C   . TYR A 1 37 ? 1.709   -8.704  9.221   1.00 25.14 ? 36  TYR A C   1 
ATOM   285 O O   . TYR A 1 37 ? 0.517   -8.867  9.138   1.00 24.38 ? 36  TYR A O   1 
ATOM   286 C CB  . TYR A 1 37 ? 2.705   -10.475 7.813   1.00 36.46 ? 36  TYR A CB  1 
ATOM   287 C CG  . TYR A 1 37 ? 3.870   -11.403 7.619   1.00 35.94 ? 36  TYR A CG  1 
ATOM   288 C CD1 . TYR A 1 37 ? 5.137   -10.894 7.295   1.00 38.00 ? 36  TYR A CD1 1 
ATOM   289 C CD2 . TYR A 1 37 ? 3.734   -12.779 7.773   1.00 33.15 ? 36  TYR A CD2 1 
ATOM   290 C CE1 . TYR A 1 37 ? 6.223   -11.733 7.133   1.00 39.00 ? 36  TYR A CE1 1 
ATOM   291 C CE2 . TYR A 1 37 ? 4.824   -13.623 7.597   1.00 38.65 ? 36  TYR A CE2 1 
ATOM   292 C CZ  . TYR A 1 37 ? 6.054   -13.089 7.280   1.00 40.15 ? 36  TYR A CZ  1 
ATOM   293 O OH  . TYR A 1 37 ? 7.131   -13.920 7.123   1.00 51.69 ? 36  TYR A OH  1 
ATOM   294 N N   . ASP A 1 38 ? 2.248   -7.515  9.325   1.00 23.09 ? 37  ASP A N   1 
ATOM   295 C CA  . ASP A 1 38 ? 1.450   -6.317  9.262   1.00 22.57 ? 37  ASP A CA  1 
ATOM   296 C C   . ASP A 1 38 ? 1.555   -5.779  7.837   1.00 20.82 ? 37  ASP A C   1 
ATOM   297 O O   . ASP A 1 38 ? 2.648   -5.594  7.322   1.00 24.49 ? 37  ASP A O   1 
ATOM   298 C CB  . ASP A 1 38 ? 2.033   -5.332  10.256  1.00 31.09 ? 37  ASP A CB  1 
ATOM   299 C CG  . ASP A 1 38 ? 1.044   -4.375  10.767  1.00 34.96 ? 37  ASP A CG  1 
ATOM   300 O OD1 . ASP A 1 38 ? -0.082  -4.827  10.965  1.00 44.32 ? 37  ASP A OD1 1 
ATOM   301 O OD2 . ASP A 1 38 ? 1.412   -3.196  10.989  1.00 32.67 ? 37  ASP A OD2 1 
ATOM   302 N N   . SER A 1 39 ? 0.419   -5.542  7.196   1.00 19.84 ? 38  SER A N   1 
ATOM   303 C CA  . SER A 1 39 ? 0.372   -4.921  5.884   1.00 19.67 ? 38  SER A CA  1 
ATOM   304 C C   . SER A 1 39 ? 0.021   -3.442  5.916   1.00 20.24 ? 38  SER A C   1 
ATOM   305 O O   . SER A 1 39 ? -0.895  -3.009  6.599   1.00 20.51 ? 38  SER A O   1 
ATOM   306 C CB  . SER A 1 39 ? -0.614  -5.665  4.993   1.00 20.52 ? 38  SER A CB  1 
ATOM   307 O OG  . SER A 1 39 ? -0.008  -6.854  4.583   1.00 19.78 ? 38  SER A OG  1 
ATOM   308 N N   . THR A 1 40 ? 0.746   -2.663  5.137   1.00 19.18 ? 39  THR A N   1 
ATOM   309 C CA  . THR A 1 40 ? 0.489   -1.265  5.047   1.00 21.43 ? 39  THR A CA  1 
ATOM   310 C C   . THR A 1 40 ? 0.321   -0.849  3.578   1.00 20.28 ? 39  THR A C   1 
ATOM   311 O O   . THR A 1 40 ? 1.039   -1.302  2.724   1.00 17.85 ? 39  THR A O   1 
ATOM   312 C CB  . THR A 1 40 ? 1.592   -0.480  5.747   1.00 25.26 ? 39  THR A CB  1 
ATOM   313 O OG1 . THR A 1 40 ? 2.837   -0.828  5.192   1.00 27.50 ? 39  THR A OG1 1 
ATOM   314 C CG2 . THR A 1 40 ? 1.616   -0.830  7.187   1.00 25.30 ? 39  THR A CG2 1 
ATOM   315 N N   . ARG A 1 41 ? -0.635  0.024   3.312   1.00 15.01 ? 40  ARG A N   1 
ATOM   316 C CA  . ARG A 1 41 ? -1.000  0.366   1.963   1.00 15.55 ? 40  ARG A CA  1 
ATOM   317 C C   . ARG A 1 41 ? -1.167  1.866   1.742   1.00 15.94 ? 40  ARG A C   1 
ATOM   318 O O   . ARG A 1 41 ? -1.454  2.615   2.653   1.00 18.14 ? 40  ARG A O   1 
ATOM   319 C CB  . ARG A 1 41 ? -2.299  -0.378  1.597   1.00 15.45 ? 40  ARG A CB  1 
ATOM   320 C CG  . ARG A 1 41 ? -2.240  -1.910  1.616   1.00 14.15 ? 40  ARG A CG  1 
ATOM   321 C CD  . ARG A 1 41 ? -3.653  -2.460  1.454   1.00 14.58 ? 40  ARG A CD  1 
ATOM   322 N NE  . ARG A 1 41 ? -3.769  -3.918  1.351   1.00 16.12 ? 40  ARG A NE  1 
ATOM   323 C CZ  . ARG A 1 41 ? -3.683  -4.779  2.362   1.00 18.21 ? 40  ARG A CZ  1 
ATOM   324 N NH1 . ARG A 1 41 ? -3.431  -4.373  3.592   1.00 18.66 ? 40  ARG A NH1 1 
ATOM   325 N NH2 . ARG A 1 41 ? -3.837  -6.063  2.133   1.00 24.44 ? 40  ARG A NH2 1 
ATOM   326 N N   . GLY A 1 42 ? -0.999  2.317   0.505   1.00 16.18 ? 41  GLY A N   1 
ATOM   327 C CA  . GLY A 1 42 ? -1.239  3.720   0.232   1.00 13.72 ? 41  GLY A CA  1 
ATOM   328 C C   . GLY A 1 42 ? -0.961  4.151   -1.162  1.00 13.67 ? 41  GLY A C   1 
ATOM   329 O O   . GLY A 1 42 ? -0.654  3.353   -2.018  1.00 13.12 ? 41  GLY A O   1 
ATOM   330 N N   . CYS A 1 43 ? -1.122  5.444   -1.380  1.00 15.38 ? 42  CYS A N   1 
ATOM   331 C CA  . CYS A 1 43 ? -0.728  6.096   -2.611  1.00 18.39 ? 42  CYS A CA  1 
ATOM   332 C C   . CYS A 1 43 ? 0.674   6.620   -2.410  1.00 18.46 ? 42  CYS A C   1 
ATOM   333 O O   . CYS A 1 43 ? 1.056   6.979   -1.309  1.00 22.65 ? 42  CYS A O   1 
ATOM   334 C CB  . CYS A 1 43 ? -1.646  7.283   -2.939  1.00 17.81 ? 42  CYS A CB  1 
ATOM   335 S SG  . CYS A 1 43 ? -3.442  7.038   -3.056  1.00 17.72 ? 42  CYS A SG  1 
ATOM   336 N N   . ALA A 1 44 ? 1.449   6.652   -3.482  1.00 22.19 ? 43  ALA A N   1 
ATOM   337 C CA  . ALA A 1 44 ? 2.753   7.321   -3.470  1.00 24.75 ? 43  ALA A CA  1 
ATOM   338 C C   . ALA A 1 44 ? 3.134   7.845   -4.859  1.00 26.19 ? 43  ALA A C   1 
ATOM   339 O O   . ALA A 1 44 ? 2.624   7.383   -5.876  1.00 28.33 ? 43  ALA A O   1 
ATOM   340 C CB  . ALA A 1 44 ? 3.843   6.407   -2.919  1.00 22.19 ? 43  ALA A CB  1 
ATOM   341 N N   . ALA A 1 45 ? 3.999   8.851   -4.858  1.00 23.76 ? 44  ALA A N   1 
ATOM   342 C CA  . ALA A 1 45 ? 4.585   9.412   -6.038  1.00 27.98 ? 44  ALA A CA  1 
ATOM   343 C C   . ALA A 1 45 ? 5.646   8.460   -6.592  1.00 25.78 ? 44  ALA A C   1 
ATOM   344 O O   . ALA A 1 45 ? 5.752   8.294   -7.797  1.00 27.43 ? 44  ALA A O   1 
ATOM   345 C CB  . ALA A 1 45 ? 5.194   10.773  -5.695  1.00 29.37 ? 44  ALA A CB  1 
ATOM   346 N N   . THR A 1 46 ? 6.430   7.861   -5.698  1.00 24.93 ? 45  THR A N   1 
ATOM   347 C CA  . THR A 1 46 ? 7.408   6.861   -6.064  1.00 25.12 ? 45  THR A CA  1 
ATOM   348 C C   . THR A 1 46 ? 7.336   5.659   -5.125  1.00 24.02 ? 45  THR A C   1 
ATOM   349 O O   . THR A 1 46 ? 6.872   5.749   -3.995  1.00 23.82 ? 45  THR A O   1 
ATOM   350 C CB  . THR A 1 46 ? 8.852   7.402   -6.060  1.00 28.12 ? 45  THR A CB  1 
ATOM   351 O OG1 . THR A 1 46 ? 9.134   8.011   -4.814  1.00 31.61 ? 45  THR A OG1 1 
ATOM   352 C CG2 . THR A 1 46 ? 9.060   8.433   -7.149  1.00 32.32 ? 45  THR A CG2 1 
ATOM   353 N N   . CYS A 1 47 ? 7.816   4.528   -5.600  1.00 20.55 ? 46  CYS A N   1 
ATOM   354 C CA  . CYS A 1 47 ? 7.720   3.321   -4.823  1.00 22.59 ? 46  CYS A CA  1 
ATOM   355 C C   . CYS A 1 47 ? 8.646   3.410   -3.601  1.00 21.86 ? 46  CYS A C   1 
ATOM   356 O O   . CYS A 1 47 ? 9.812   3.726   -3.726  1.00 23.37 ? 46  CYS A O   1 
ATOM   357 C CB  . CYS A 1 47 ? 8.053   2.136   -5.688  1.00 21.07 ? 46  CYS A CB  1 
ATOM   358 S SG  . CYS A 1 47 ? 7.681   0.581   -4.893  1.00 25.30 ? 46  CYS A SG  1 
ATOM   359 N N   . PRO A 1 48 ? 8.096   3.210   -2.411  1.00 20.60 ? 47  PRO A N   1 
ATOM   360 C CA  . PRO A 1 48 ? 8.942   3.274   -1.222  1.00 22.01 ? 47  PRO A CA  1 
ATOM   361 C C   . PRO A 1 48 ? 9.948   2.127   -1.159  1.00 22.77 ? 47  PRO A C   1 
ATOM   362 O O   . PRO A 1 48 ? 9.656   0.993   -1.634  1.00 19.59 ? 47  PRO A O   1 
ATOM   363 C CB  . PRO A 1 48 ? 7.936   3.204   -0.060  1.00 21.02 ? 47  PRO A CB  1 
ATOM   364 C CG  . PRO A 1 48 ? 6.649   2.812   -0.652  1.00 20.13 ? 47  PRO A CG  1 
ATOM   365 C CD  . PRO A 1 48 ? 6.672   3.288   -2.065  1.00 21.33 ? 47  PRO A CD  1 
ATOM   366 N N   . ILE A 1 49 ? 11.106  2.410   -0.587  1.00 19.55 ? 48  ILE A N   1 
ATOM   367 C CA  . ILE A 1 49 ? 12.183  1.438   -0.493  1.00 22.86 ? 48  ILE A CA  1 
ATOM   368 C C   . ILE A 1 49 ? 11.982  0.648   0.810   1.00 20.44 ? 48  ILE A C   1 
ATOM   369 O O   . ILE A 1 49 ? 11.791  1.263   1.850   1.00 23.68 ? 48  ILE A O   1 
ATOM   370 C CB  . ILE A 1 49 ? 13.570  2.124   -0.448  1.00 29.92 ? 48  ILE A CB  1 
ATOM   371 C CG1 . ILE A 1 49 ? 13.714  3.192   -1.559  1.00 26.64 ? 48  ILE A CG1 1 
ATOM   372 C CG2 . ILE A 1 49 ? 14.702  1.072   -0.503  1.00 26.22 ? 48  ILE A CG2 1 
ATOM   373 C CD1 . ILE A 1 49 ? 13.662  2.643   -2.965  1.00 27.10 ? 48  ILE A CD1 1 
ATOM   374 N N   . PRO A 1 50 ? 11.990  -0.691  0.740   1.00 16.40 ? 49  PRO A N   1 
ATOM   375 C CA  . PRO A 1 50 ? 11.728  -1.560  1.880   1.00 18.68 ? 49  PRO A CA  1 
ATOM   376 C C   . PRO A 1 50 ? 12.884  -1.614  2.831   1.00 20.28 ? 49  PRO A C   1 
ATOM   377 O O   . PRO A 1 50 ? 14.006  -1.634  2.393   1.00 23.01 ? 49  PRO A O   1 
ATOM   378 C CB  . PRO A 1 50 ? 11.524  -2.937  1.261   1.00 14.27 ? 49  PRO A CB  1 
ATOM   379 C CG  . PRO A 1 50 ? 12.284  -2.875  -0.011  1.00 17.16 ? 49  PRO A CG  1 
ATOM   380 C CD  . PRO A 1 50 ? 12.164  -1.465  -0.494  1.00 16.64 ? 49  PRO A CD  1 
ATOM   381 N N   . GLU A 1 51 ? 12.568  -1.649  4.119   1.00 23.87 ? 50  GLU A N   1 
ATOM   382 C CA  . GLU A 1 51 ? 13.539  -1.739  5.210   1.00 25.56 ? 50  GLU A CA  1 
ATOM   383 C C   . GLU A 1 51 ? 13.043  -2.784  6.131   1.00 20.67 ? 50  GLU A C   1 
ATOM   384 O O   . GLU A 1 51 ? 11.914  -3.215  6.021   1.00 20.31 ? 50  GLU A O   1 
ATOM   385 C CB  . GLU A 1 51 ? 13.600  -0.429  6.001   1.00 26.32 ? 50  GLU A CB  1 
ATOM   386 C CG  . GLU A 1 51 ? 13.954  0.775   5.169   1.00 30.45 ? 50  GLU A CG  1 
ATOM   387 C CD  . GLU A 1 51 ? 14.469  1.902   6.024   1.00 39.36 ? 50  GLU A CD  1 
ATOM   388 O OE1 . GLU A 1 51 ? 13.662  2.729   6.491   1.00 41.92 ? 50  GLU A OE1 1 
ATOM   389 O OE2 . GLU A 1 51 ? 15.697  1.933   6.229   1.00 50.62 ? 50  GLU A OE2 1 
ATOM   390 N N   . ASN A 1 52 ? 13.877  -3.163  7.071   1.00 19.83 ? 51  ASN A N   1 
ATOM   391 C CA  . ASN A 1 52 ? 13.458  -4.067  8.111   1.00 18.92 ? 51  ASN A CA  1 
ATOM   392 C C   . ASN A 1 52 ? 13.106  -5.407  7.563   1.00 15.92 ? 51  ASN A C   1 
ATOM   393 O O   . ASN A 1 52 ? 12.263  -6.101  8.104   1.00 15.81 ? 51  ASN A O   1 
ATOM   394 C CB  . ASN A 1 52 ? 12.281  -3.505  8.925   1.00 18.62 ? 51  ASN A CB  1 
ATOM   395 C CG  . ASN A 1 52 ? 12.538  -2.095  9.474   1.00 24.13 ? 51  ASN A CG  1 
ATOM   396 O OD1 . ASN A 1 52 ? 11.679  -1.207  9.356   1.00 25.93 ? 51  ASN A OD1 1 
ATOM   397 N ND2 . ASN A 1 52 ? 13.707  -1.875  10.065  1.00 22.22 ? 51  ASN A ND2 1 
ATOM   398 N N   . TYR A 1 53 ? 13.803  -5.805  6.525   1.00 18.12 ? 52  TYR A N   1 
ATOM   399 C CA  . TYR A 1 53 ? 13.545  -7.100  5.875   1.00 18.89 ? 52  TYR A CA  1 
ATOM   400 C C   . TYR A 1 53 ? 12.132  -7.153  5.266   1.00 18.37 ? 52  TYR A C   1 
ATOM   401 O O   . TYR A 1 53 ? 11.605  -8.232  4.992   1.00 17.26 ? 52  TYR A O   1 
ATOM   402 C CB  . TYR A 1 53 ? 13.804  -8.243  6.854   1.00 18.37 ? 52  TYR A CB  1 
ATOM   403 C CG  . TYR A 1 53 ? 15.234  -8.282  7.296   1.00 21.96 ? 52  TYR A CG  1 
ATOM   404 C CD1 . TYR A 1 53 ? 16.209  -8.769  6.460   1.00 23.53 ? 52  TYR A CD1 1 
ATOM   405 C CD2 . TYR A 1 53 ? 15.618  -7.813  8.543   1.00 25.07 ? 52  TYR A CD2 1 
ATOM   406 C CE1 . TYR A 1 53 ? 17.530  -8.808  6.843   1.00 29.62 ? 52  TYR A CE1 1 
ATOM   407 C CE2 . TYR A 1 53 ? 16.944  -7.858  8.948   1.00 27.50 ? 52  TYR A CE2 1 
ATOM   408 C CZ  . TYR A 1 53 ? 17.897  -8.354  8.099   1.00 31.85 ? 52  TYR A CZ  1 
ATOM   409 O OH  . TYR A 1 53 ? 19.219  -8.392  8.511   1.00 35.63 ? 52  TYR A OH  1 
ATOM   410 N N   . ASP A 1 54 ? 11.516  -5.988  5.060   1.00 16.79 ? 53  ASP A N   1 
ATOM   411 C CA  . ASP A 1 54 ? 10.173  -5.954  4.502   1.00 15.91 ? 53  ASP A CA  1 
ATOM   412 C C   . ASP A 1 54 ? 10.245  -6.245  3.035   1.00 15.65 ? 53  ASP A C   1 
ATOM   413 O O   . ASP A 1 54 ? 11.309  -6.268  2.434   1.00 13.24 ? 53  ASP A O   1 
ATOM   414 C CB  . ASP A 1 54 ? 9.538   -4.574  4.658   1.00 18.17 ? 53  ASP A CB  1 
ATOM   415 C CG  . ASP A 1 54 ? 9.262   -4.201  6.098   1.00 17.94 ? 53  ASP A CG  1 
ATOM   416 O OD1 . ASP A 1 54 ? 9.425   -5.004  7.054   1.00 15.40 ? 53  ASP A OD1 1 
ATOM   417 O OD2 . ASP A 1 54 ? 8.895   -3.056  6.268   1.00 14.64 ? 53  ASP A OD2 1 
ATOM   418 N N   . SER A 1 55 ? 9.091   -6.490  2.452   1.00 16.34 ? 54  SER A N   1 
ATOM   419 C CA  . SER A 1 55 ? 8.952   -6.483  1.007   1.00 17.66 ? 54  SER A CA  1 
ATOM   420 C C   . SER A 1 55 ? 7.824   -5.532  0.650   1.00 13.58 ? 54  SER A C   1 
ATOM   421 O O   . SER A 1 55 ? 6.931   -5.327  1.423   1.00 14.31 ? 54  SER A O   1 
ATOM   422 C CB  . SER A 1 55 ? 8.698   -7.878  0.435   1.00 19.84 ? 54  SER A CB  1 
ATOM   423 O OG  . SER A 1 55 ? 7.401   -8.262  0.749   1.00 23.48 ? 54  SER A OG  1 
ATOM   424 N N   . ILE A 1 56 ? 7.926   -4.888  -0.510  1.00 15.54 ? 55  ILE A N   1 
ATOM   425 C CA  . ILE A 1 56 ? 6.956   -3.866  -0.917  1.00 13.07 ? 55  ILE A CA  1 
ATOM   426 C C   . ILE A 1 56 ? 6.557   -4.103  -2.355  1.00 14.23 ? 55  ILE A C   1 
ATOM   427 O O   . ILE A 1 56 ? 7.423   -4.274  -3.183  1.00 12.35 ? 55  ILE A O   1 
ATOM   428 C CB  . ILE A 1 56 ? 7.550   -2.450  -0.756  1.00 13.17 ? 55  ILE A CB  1 
ATOM   429 C CG1 . ILE A 1 56 ? 7.677   -2.134  0.751   1.00 15.48 ? 55  ILE A CG1 1 
ATOM   430 C CG2 . ILE A 1 56 ? 6.646   -1.430  -1.399  1.00 15.86 ? 55  ILE A CG2 1 
ATOM   431 C CD1 . ILE A 1 56 ? 8.350   -0.835  1.146   1.00 14.86 ? 55  ILE A CD1 1 
ATOM   432 N N   . HIS A 1 57 ? 5.240   -4.176  -2.633  1.00 14.41 ? 56  HIS A N   1 
ATOM   433 C CA  . HIS A 1 57 ? 4.753   -4.267  -3.962  1.00 14.35 ? 56  HIS A CA  1 
ATOM   434 C C   . HIS A 1 57 ? 4.130   -2.957  -4.405  1.00 14.16 ? 56  HIS A C   1 
ATOM   435 O O   . HIS A 1 57 ? 3.299   -2.407  -3.732  1.00 15.27 ? 56  HIS A O   1 
ATOM   436 C CB  . HIS A 1 57 ? 3.685   -5.348  -4.072  1.00 16.69 ? 56  HIS A CB  1 
ATOM   437 C CG  . HIS A 1 57 ? 3.148   -5.540  -5.454  1.00 17.10 ? 56  HIS A CG  1 
ATOM   438 N ND1 . HIS A 1 57 ? 3.786   -6.297  -6.406  1.00 18.61 ? 56  HIS A ND1 1 
ATOM   439 C CD2 . HIS A 1 57 ? 1.992   -5.126  -6.024  1.00 19.86 ? 56  HIS A CD2 1 
ATOM   440 C CE1 . HIS A 1 57 ? 3.064   -6.307  -7.512  1.00 16.56 ? 56  HIS A CE1 1 
ATOM   441 N NE2 . HIS A 1 57 ? 1.961   -5.629  -7.297  1.00 17.40 ? 56  HIS A NE2 1 
ATOM   442 N N   . CYS A 1 58 ? 4.489   -2.528  -5.605  1.00 16.34 ? 57  CYS A N   1 
ATOM   443 C CA  . CYS A 1 58 ? 4.006   -1.301  -6.212  1.00 15.73 ? 57  CYS A CA  1 
ATOM   444 C C   . CYS A 1 58 ? 3.407   -1.614  -7.585  1.00 15.47 ? 57  CYS A C   1 
ATOM   445 O O   . CYS A 1 58 ? 3.881   -2.474  -8.307  1.00 15.15 ? 57  CYS A O   1 
ATOM   446 C CB  . CYS A 1 58 ? 5.139   -0.274  -6.316  1.00 15.90 ? 57  CYS A CB  1 
ATOM   447 S SG  . CYS A 1 58 ? 5.683   0.546   -4.767  1.00 17.08 ? 57  CYS A SG  1 
ATOM   448 N N   . CYS A 1 59 ? 2.336   -0.910  -7.906  1.00 15.50 ? 58  CYS A N   1 
ATOM   449 C CA  . CYS A 1 59 ? 1.524   -1.182  -9.060  1.00 15.51 ? 58  CYS A CA  1 
ATOM   450 C C   . CYS A 1 59 ? 0.770   0.093   -9.450  1.00 16.83 ? 58  CYS A C   1 
ATOM   451 O O   . CYS A 1 59 ? 0.744   1.041   -8.711  1.00 14.78 ? 58  CYS A O   1 
ATOM   452 C CB  . CYS A 1 59 ? 0.572   -2.349  -8.800  1.00 16.60 ? 58  CYS A CB  1 
ATOM   453 S SG  . CYS A 1 59 ? -0.434  -2.209  -7.298  1.00 20.01 ? 58  CYS A SG  1 
ATOM   454 N N   . LYS A 1 60 ? 0.160   0.126   -10.625 1.00 18.78 ? 59  LYS A N   1 
ATOM   455 C CA  . LYS A 1 60 ? -0.323  1.400   -11.178 1.00 22.08 ? 59  LYS A CA  1 
ATOM   456 C C   . LYS A 1 60 ? -1.753  1.379   -11.752 1.00 22.71 ? 59  LYS A C   1 
ATOM   457 O O   . LYS A 1 60 ? -2.076  2.200   -12.592 1.00 21.74 ? 59  LYS A O   1 
ATOM   458 C CB  . LYS A 1 60 ? 0.664   1.896   -12.262 1.00 24.91 ? 59  LYS A CB  1 
ATOM   459 C CG  . LYS A 1 60 ? 2.116   2.034   -11.781 1.00 28.82 ? 59  LYS A CG  1 
ATOM   460 C CD  . LYS A 1 60 ? 2.953   2.933   -12.685 1.00 24.97 ? 59  LYS A CD  1 
ATOM   461 C CE  . LYS A 1 60 ? 2.400   4.340   -12.730 1.00 27.13 ? 59  LYS A CE  1 
ATOM   462 N NZ  . LYS A 1 60 ? 3.375   5.249   -13.335 1.00 35.19 ? 59  LYS A NZ  1 
ATOM   463 N N   . THR A 1 61 ? -2.584  0.439   -11.302 1.00 23.83 ? 60  THR A N   1 
ATOM   464 C CA  . THR A 1 61 ? -3.993  0.398   -11.650 1.00 20.90 ? 60  THR A CA  1 
ATOM   465 C C   . THR A 1 61 ? -4.893  0.581   -10.407 1.00 21.73 ? 60  THR A C   1 
ATOM   466 O O   . THR A 1 61 ? -4.435  0.425   -9.284  1.00 18.32 ? 60  THR A O   1 
ATOM   467 C CB  . THR A 1 61 ? -4.380  -0.847  -12.529 1.00 21.35 ? 60  THR A CB  1 
ATOM   468 O OG1 . THR A 1 61 ? -3.951  -2.077  -11.963 1.00 18.84 ? 60  THR A OG1 1 
ATOM   469 C CG2 . THR A 1 61 ? -3.783  -0.740  -13.914 1.00 17.86 ? 60  THR A CG2 1 
ATOM   470 N N   . ASP A 1 62 ? -6.169  0.922   -10.619 1.00 22.20 ? 61  ASP A N   1 
ATOM   471 C CA  . ASP A 1 62 ? -7.064  1.255   -9.512  1.00 18.56 ? 61  ASP A CA  1 
ATOM   472 C C   . ASP A 1 62 ? -7.181  0.069   -8.590  1.00 18.32 ? 61  ASP A C   1 
ATOM   473 O O   . ASP A 1 62 ? -7.561  -1.014  -9.050  1.00 19.09 ? 61  ASP A O   1 
ATOM   474 C CB  . ASP A 1 62 ? -8.463  1.615   -10.004 1.00 22.28 ? 61  ASP A CB  1 
ATOM   475 C CG  . ASP A 1 62 ? -8.526  2.948   -10.739 1.00 27.53 ? 61  ASP A CG  1 
ATOM   476 O OD1 . ASP A 1 62 ? -7.723  3.860   -10.428 1.00 27.33 ? 61  ASP A OD1 1 
ATOM   477 O OD2 . ASP A 1 62 ? -9.402  3.073   -11.630 1.00 30.87 ? 61  ASP A OD2 1 
ATOM   478 N N   . LYS A 1 63 ? -6.852  0.277   -7.305  1.00 17.68 ? 62  LYS A N   1 
ATOM   479 C CA  . LYS A 1 63 ? -7.006  -0.741  -6.253  1.00 19.99 ? 62  LYS A CA  1 
ATOM   480 C C   . LYS A 1 63 ? -6.203  -2.003  -6.521  1.00 18.06 ? 62  LYS A C   1 
ATOM   481 O O   . LYS A 1 63 ? -6.538  -3.092  -6.057  1.00 20.95 ? 62  LYS A O   1 
ATOM   482 C CB  . LYS A 1 63 ? -8.495  -1.108  -6.047  1.00 22.45 ? 62  LYS A CB  1 
ATOM   483 C CG  . LYS A 1 63 ? -9.309  -0.015  -5.394  1.00 26.00 ? 62  LYS A CG  1 
ATOM   484 C CD  . LYS A 1 63 ? -10.698 -0.449  -5.027  1.00 25.63 ? 62  LYS A CD  1 
ATOM   485 C CE  . LYS A 1 63 ? -11.616 -0.556  -6.213  1.00 30.08 ? 62  LYS A CE  1 
ATOM   486 N NZ  . LYS A 1 63 ? -12.960 -1.085  -5.812  1.00 39.54 ? 62  LYS A NZ  1 
ATOM   487 N N   . CYS A 1 64 ? -5.108  -1.839  -7.233  1.00 14.56 ? 63  CYS A N   1 
ATOM   488 C CA  . CYS A 1 64 ? -4.172  -2.916  -7.492  1.00 17.35 ? 63  CYS A CA  1 
ATOM   489 C C   . CYS A 1 64 ? -3.455  -3.380  -6.222  1.00 18.10 ? 63  CYS A C   1 
ATOM   490 O O   . CYS A 1 64 ? -2.856  -4.420  -6.214  1.00 24.63 ? 63  CYS A O   1 
ATOM   491 C CB  . CYS A 1 64 ? -3.123  -2.455  -8.514  1.00 17.03 ? 63  CYS A CB  1 
ATOM   492 S SG  . CYS A 1 64 ? -1.984  -1.137  -7.990  1.00 16.05 ? 63  CYS A SG  1 
ATOM   493 N N   . ASN A 1 65 ? -3.523  -2.621  -5.158  1.00 16.14 ? 64  ASN A N   1 
ATOM   494 C CA  . ASN A 1 65 ? -2.753  -2.917  -3.958  1.00 15.50 ? 64  ASN A CA  1 
ATOM   495 C C   . ASN A 1 65 ? -3.653  -3.536  -2.872  1.00 18.49 ? 64  ASN A C   1 
ATOM   496 O O   . ASN A 1 65 ? -3.386  -3.458  -1.677  1.00 20.42 ? 64  ASN A O   1 
ATOM   497 C CB  . ASN A 1 65 ? -2.065  -1.656  -3.487  1.00 14.32 ? 64  ASN A CB  1 
ATOM   498 C CG  . ASN A 1 65 ? -3.026  -0.655  -2.903  1.00 13.38 ? 64  ASN A CG  1 
ATOM   499 O OD1 . ASN A 1 65 ? -4.112  -0.495  -3.409  1.00 10.46 ? 64  ASN A OD1 1 
ATOM   500 N ND2 . ASN A 1 65 ? -2.625  0.021   -1.824  1.00 13.55 ? 64  ASN A ND2 1 
ATOM   501 N N   . GLU A 1 66 ? -4.729  -4.155  -3.316  1.00 19.08 ? 65  GLU A N   1 
ATOM   502 C CA  . GLU A 1 66 ? -5.605  -4.930  -2.469  1.00 24.27 ? 65  GLU A CA  1 
ATOM   503 C C   . GLU A 1 66 ? -4.794  -6.003  -1.695  1.00 26.89 ? 65  GLU A C   1 
ATOM   504 O O   . GLU A 1 66 ? -5.036  -6.292  -0.515  1.00 28.36 ? 65  GLU A O   1 
ATOM   505 C CB  . GLU A 1 66 ? -6.675  -5.538  -3.358  1.00 34.24 ? 65  GLU A CB  1 
ATOM   506 C CG  . GLU A 1 66 ? -7.922  -5.965  -2.646  1.00 40.93 ? 65  GLU A CG  1 
ATOM   507 C CD  . GLU A 1 66 ? -8.796  -4.807  -2.238  1.00 29.87 ? 65  GLU A CD  1 
ATOM   508 O OE1 . GLU A 1 66 ? -9.378  -4.116  -3.107  1.00 27.79 ? 65  GLU A OE1 1 
ATOM   509 O OE2 . GLU A 1 66 ? -8.905  -4.625  -1.021  1.00 29.46 ? 65  GLU A OE2 1 
ATOM   510 O OXT . GLU A 1 66 ? -3.826  -6.573  -2.199  1.00 25.93 ? 65  GLU A OXT 1 
HETATM 511 C C1  . EDO B 2 .  ? -9.939  13.869  -9.139  1.00 43.02 ? 101 EDO A C1  1 
HETATM 512 O O1  . EDO B 2 .  ? -8.885  13.804  -10.106 1.00 46.38 ? 101 EDO A O1  1 
HETATM 513 C C2  . EDO B 2 .  ? -11.009 12.846  -9.510  1.00 45.97 ? 101 EDO A C2  1 
HETATM 514 O O2  . EDO B 2 .  ? -12.340 13.370  -9.332  1.00 47.99 ? 101 EDO A O2  1 
HETATM 515 C C1  . PEG C 3 .  ? -0.201  16.093  -3.784  1.00 59.81 ? 102 PEG A C1  1 
HETATM 516 O O1  . PEG C 3 .  ? -0.973  16.775  -2.850  1.00 61.20 ? 102 PEG A O1  1 
HETATM 517 C C2  . PEG C 3 .  ? 1.112   15.574  -3.321  1.00 62.43 ? 102 PEG A C2  1 
HETATM 518 O O2  . PEG C 3 .  ? 1.915   14.935  -4.239  1.00 59.74 ? 102 PEG A O2  1 
HETATM 519 C C3  . PEG C 3 .  ? 3.245   14.727  -3.930  1.00 63.66 ? 102 PEG A C3  1 
HETATM 520 C C4  . PEG C 3 .  ? 4.141   14.373  -5.068  1.00 65.44 ? 102 PEG A C4  1 
HETATM 521 O O4  . PEG C 3 .  ? 5.509   14.517  -4.915  1.00 67.30 ? 102 PEG A O4  1 
HETATM 522 C C1  . PEG D 3 .  ? 4.858   -1.347  -12.727 1.00 42.86 ? 103 PEG A C1  1 
HETATM 523 O O1  . PEG D 3 .  ? 3.633   -1.804  -13.195 1.00 43.64 ? 103 PEG A O1  1 
HETATM 524 C C2  . PEG D 3 .  ? 4.918   -0.723  -11.355 1.00 38.80 ? 103 PEG A C2  1 
HETATM 525 O O2  . PEG D 3 .  ? 5.480   0.517   -11.218 1.00 40.78 ? 103 PEG A O2  1 
HETATM 526 C C3  . PEG D 3 .  ? 5.566   1.118   -9.986  1.00 41.37 ? 103 PEG A C3  1 
HETATM 527 C C4  . PEG D 3 .  ? 6.692   0.698   -9.106  1.00 41.17 ? 103 PEG A C4  1 
HETATM 528 O O4  . PEG D 3 .  ? 7.929   1.301   -9.140  1.00 41.35 ? 103 PEG A O4  1 
HETATM 529 O O   . HOH E 4 .  ? 9.756   -1.110  4.723   1.00 24.59 ? 201 HOH A O   1 
HETATM 530 O O   . HOH E 4 .  ? 3.712   -2.835  6.884   1.00 27.07 ? 202 HOH A O   1 
HETATM 531 O O   . HOH E 4 .  ? -2.356  0.906   5.547   1.00 25.32 ? 203 HOH A O   1 
HETATM 532 O O   . HOH E 4 .  ? -1.747  7.142   0.707   1.00 32.80 ? 204 HOH A O   1 
HETATM 533 O O   . HOH E 4 .  ? 0.795   -8.149  2.497   1.00 36.76 ? 205 HOH A O   1 
HETATM 534 O O   . HOH E 4 .  ? -2.543  -6.706  -4.516  1.00 34.04 ? 206 HOH A O   1 
HETATM 535 O O   . HOH E 4 .  ? -1.460  -2.965  -11.919 1.00 31.03 ? 207 HOH A O   1 
HETATM 536 O O   . HOH E 4 .  ? 4.371   -1.672  9.555   1.00 35.59 ? 208 HOH A O   1 
HETATM 537 O O   . HOH E 4 .  ? -1.826  -5.121  -10.641 1.00 32.47 ? 209 HOH A O   1 
HETATM 538 O O   . HOH E 4 .  ? 10.291  -1.112  -3.475  1.00 33.64 ? 210 HOH A O   1 
HETATM 539 O O   . HOH E 4 .  ? 9.461   2.004   3.227   1.00 28.73 ? 211 HOH A O   1 
HETATM 540 O O   . HOH E 4 .  ? 9.188   -1.645  8.488   1.00 27.36 ? 212 HOH A O   1 
HETATM 541 O O   . HOH E 4 .  ? -12.084 -3.477  -2.292  1.00 34.84 ? 213 HOH A O   1 
HETATM 542 O O   . HOH E 4 .  ? 20.203  -6.882  10.692  1.00 41.38 ? 214 HOH A O   1 
HETATM 543 O O   . HOH E 4 .  ? -3.550  -1.782  5.199   1.00 24.72 ? 215 HOH A O   1 
HETATM 544 O O   . HOH E 4 .  ? -6.390  12.263  -1.784  1.00 23.72 ? 216 HOH A O   1 
HETATM 545 O O   . HOH E 4 .  ? 9.467   -7.663  7.687   1.00 23.05 ? 217 HOH A O   1 
HETATM 546 O O   . HOH E 4 .  ? -6.407  2.426   -13.446 1.00 31.76 ? 218 HOH A O   1 
HETATM 547 O O   . HOH E 4 .  ? 2.898   7.476   -13.702 1.00 31.61 ? 219 HOH A O   1 
HETATM 548 O O   . HOH E 4 .  ? 5.614   -14.446 4.417   1.00 44.44 ? 220 HOH A O   1 
HETATM 549 O O   . HOH E 4 .  ? 7.463   6.729   -1.454  1.00 34.27 ? 221 HOH A O   1 
HETATM 550 O O   . HOH E 4 .  ? 8.780   4.400   -8.237  1.00 35.85 ? 222 HOH A O   1 
HETATM 551 O O   . HOH E 4 .  ? 4.599   9.806   -2.397  1.00 37.77 ? 223 HOH A O   1 
HETATM 552 O O   . HOH E 4 .  ? 6.416   8.819   -3.147  1.00 54.02 ? 224 HOH A O   1 
HETATM 553 O O   . HOH E 4 .  ? -13.106 1.107   0.192   1.00 30.55 ? 225 HOH A O   1 
HETATM 554 O O   . HOH E 4 .  ? -11.205 -8.357  0.745   1.00 40.97 ? 226 HOH A O   1 
HETATM 555 O O   . HOH E 4 .  ? 3.652   9.411   -9.677  1.00 42.11 ? 227 HOH A O   1 
HETATM 556 O O   . HOH E 4 .  ? 11.311  2.709   -5.165  1.00 41.54 ? 228 HOH A O   1 
HETATM 557 O O   . HOH E 4 .  ? -0.291  9.648   0.485   1.00 43.85 ? 229 HOH A O   1 
HETATM 558 O O   . HOH E 4 .  ? -2.903  10.780  1.453   1.00 47.54 ? 230 HOH A O   1 
HETATM 559 O O   . HOH E 4 .  ? -13.133 11.038  -11.055 1.00 46.64 ? 231 HOH A O   1 
HETATM 560 O O   . HOH E 4 .  ? -11.365 8.985   -10.408 1.00 47.86 ? 232 HOH A O   1 
HETATM 561 O O   . HOH E 4 .  ? 6.370   -16.805 9.134   1.00 46.86 ? 233 HOH A O   1 
HETATM 562 O O   . HOH E 4 .  ? -1.530  -2.568  9.108   1.00 35.21 ? 234 HOH A O   1 
HETATM 563 O O   . HOH E 4 .  ? -9.277  -0.951  7.791   1.00 29.63 ? 235 HOH A O   1 
HETATM 564 O O   . HOH E 4 .  ? -7.131  7.233   3.119   1.00 29.96 ? 236 HOH A O   1 
HETATM 565 O O   . HOH E 4 .  ? -1.492  12.616  -10.475 1.00 40.02 ? 237 HOH A O   1 
HETATM 566 O O   . HOH E 4 .  ? -3.170  10.951  -8.106  1.00 50.12 ? 238 HOH A O   1 
HETATM 567 O O   . HOH E 4 .  ? 1.539   -1.722  -12.138 1.00 36.22 ? 239 HOH A O   1 
HETATM 568 O O   . HOH E 4 .  ? 0.353   -1.936  -14.491 1.00 43.21 ? 240 HOH A O   1 
HETATM 569 O O   . HOH E 4 .  ? -6.693  4.936   -12.597 1.00 28.30 ? 241 HOH A O   1 
HETATM 570 O O   . HOH E 4 .  ? -0.354  -15.836 9.267   1.00 67.63 ? 242 HOH A O   1 
HETATM 571 O O   . HOH E 4 .  ? -13.779 -1.125  -1.315  1.00 33.85 ? 243 HOH A O   1 
HETATM 572 O O   . HOH E 4 .  ? 10.858  6.349   -3.228  1.00 51.62 ? 244 HOH A O   1 
HETATM 573 O O   . HOH E 4 .  ? -6.303  5.154   5.556   1.00 36.94 ? 245 HOH A O   1 
HETATM 574 O O   . HOH E 4 .  ? -2.207  -6.109  8.852   1.00 42.86 ? 246 HOH A O   1 
HETATM 575 O O   . HOH E 4 .  ? -3.928  -2.983  9.212   1.00 36.13 ? 247 HOH A O   1 
HETATM 576 O O   . HOH E 4 .  ? 11.175  5.126   0.832   1.00 43.48 ? 248 HOH A O   1 
HETATM 577 O O   . HOH E 4 .  ? 7.572   -4.490  14.232  1.00 35.77 ? 249 HOH A O   1 
HETATM 578 O O   . HOH E 4 .  ? 8.178   -6.973  15.346  1.00 60.44 ? 250 HOH A O   1 
HETATM 579 O O   . HOH E 4 .  ? 8.173   10.972  -3.599  1.00 47.18 ? 251 HOH A O   1 
HETATM 580 O O   . HOH E 4 .  ? 9.131   -9.773  5.699   1.00 47.32 ? 252 HOH A O   1 
HETATM 581 O O   . HOH E 4 .  ? 11.248  -11.985 7.309   1.00 66.85 ? 253 HOH A O   1 
HETATM 582 O O   . HOH E 4 .  ? -0.718  -12.456 3.850   1.00 44.33 ? 254 HOH A O   1 
HETATM 583 O O   . HOH E 4 .  ? -0.398  -12.898 9.605   1.00 50.69 ? 255 HOH A O   1 
HETATM 584 O O   . HOH E 4 .  ? -2.702  -16.503 7.938   1.00 55.54 ? 256 HOH A O   1 
HETATM 585 O O   . HOH E 4 .  ? -3.616  9.412   -10.177 1.00 46.40 ? 257 HOH A O   1 
HETATM 586 O O   . HOH E 4 .  ? -6.735  -7.330  10.450  1.00 31.32 ? 258 HOH A O   1 
HETATM 587 O O   . HOH E 4 .  ? 10.802  -4.609  13.044  1.00 54.65 ? 259 HOH A O   1 
HETATM 588 O O   . HOH E 4 .  ? -5.700  -8.561  8.505   1.00 53.86 ? 260 HOH A O   1 
HETATM 589 O O   . HOH E 4 .  ? -0.919  -5.993  -7.970  1.00 30.37 ? 261 HOH A O   1 
HETATM 590 O O   . HOH E 4 .  ? 0.772   -10.646 2.260   1.00 60.04 ? 262 HOH A O   1 
HETATM 591 O O   . HOH E 4 .  ? 6.699   -11.128 1.778   1.00 57.77 ? 263 HOH A O   1 
HETATM 592 O O   . HOH E 4 .  ? 8.208   -10.382 3.572   1.00 45.83 ? 264 HOH A O   1 
HETATM 593 O O   . HOH E 4 .  ? 11.396  -8.467  9.577   1.00 44.17 ? 265 HOH A O   1 
HETATM 594 O O   . HOH E 4 .  ? 12.718  -10.469 9.447   1.00 44.29 ? 266 HOH A O   1 
HETATM 595 O O   . HOH E 4 .  ? 3.452   -6.683  -0.334  1.00 37.75 ? 267 HOH A O   1 
HETATM 596 O O   . HOH E 4 .  ? -3.829  8.407   3.627   1.00 52.36 ? 268 HOH A O   1 
HETATM 597 O O   . HOH E 4 .  ? 3.309   8.224   -0.066  1.00 54.09 ? 269 HOH A O   1 
HETATM 598 O O   . HOH E 4 .  ? -8.441  1.347   -14.972 1.00 47.39 ? 270 HOH A O   1 
# 
loop_
_atom_site_anisotrop.id 
_atom_site_anisotrop.type_symbol 
_atom_site_anisotrop.pdbx_label_atom_id 
_atom_site_anisotrop.pdbx_label_alt_id 
_atom_site_anisotrop.pdbx_label_comp_id 
_atom_site_anisotrop.pdbx_label_asym_id 
_atom_site_anisotrop.pdbx_label_seq_id 
_atom_site_anisotrop.pdbx_PDB_ins_code 
_atom_site_anisotrop.U[1][1] 
_atom_site_anisotrop.U[2][2] 
_atom_site_anisotrop.U[3][3] 
_atom_site_anisotrop.U[1][2] 
_atom_site_anisotrop.U[1][3] 
_atom_site_anisotrop.U[2][3] 
_atom_site_anisotrop.pdbx_auth_seq_id 
_atom_site_anisotrop.pdbx_auth_comp_id 
_atom_site_anisotrop.pdbx_auth_asym_id 
_atom_site_anisotrop.pdbx_auth_atom_id 
1   N N   . GLY A 1  ? 0.5409 0.3367 0.2516 0.0553  0.0232  0.0828  0  GLY A N   
2   C CA  . GLY A 1  ? 0.4950 0.3097 0.2281 0.0216  -0.0218 0.0353  0  GLY A CA  
3   C C   . GLY A 1  ? 0.3888 0.2963 0.1107 0.0168  -0.0440 0.0589  0  GLY A C   
4   O O   . GLY A 1  ? 0.4043 0.2517 0.1654 0.0598  -0.0426 0.0826  0  GLY A O   
5   N N   . LEU A 2  ? 0.3831 0.2619 0.1914 0.0084  -0.0050 0.0438  1  LEU A N   
6   C CA  . LEU A 2  ? 0.3867 0.2735 0.2432 0.0084  -0.0355 0.0550  1  LEU A CA  
7   C C   . LEU A 2  ? 0.3456 0.2165 0.2290 0.0191  -0.0222 0.0201  1  LEU A C   
8   O O   . LEU A 2  ? 0.3721 0.2493 0.1856 -0.0065 0.0090  0.0274  1  LEU A O   
9   C CB  . LEU A 2  ? 0.3714 0.2888 0.1822 0.0269  -0.0178 0.0318  1  LEU A CB  
10  C CG  . LEU A 2  ? 0.3274 0.2679 0.1845 -0.0117 -0.0206 0.0488  1  LEU A CG  
11  C CD1 . LEU A 2  ? 0.2937 0.2486 0.1346 0.0377  -0.0631 0.0589  1  LEU A CD1 
12  C CD2 . LEU A 2  ? 0.3052 0.2230 0.2313 -0.0516 -0.0442 0.0475  1  LEU A CD2 
13  N N   . THR A 3  ? 0.2781 0.2796 0.2141 0.0106  -0.0147 -0.0003 2  THR A N   
14  C CA  . THR A 3  ? 0.3327 0.2434 0.1636 0.0205  -0.0594 -0.0120 2  THR A CA  
15  C C   . THR A 3  ? 0.2975 0.1983 0.1662 -0.0382 -0.0513 0.0261  2  THR A C   
16  O O   . THR A 3  ? 0.2880 0.2045 0.0887 0.0119  -0.0645 0.0888  2  THR A O   
17  C CB  . THR A 3  ? 0.3470 0.3136 0.2450 -0.0146 -0.0624 0.0447  2  THR A CB  
18  O OG1 . THR A 3  ? 0.3732 0.4184 0.2757 0.0169  -0.0554 0.0202  2  THR A OG1 
19  C CG2 . THR A 3  ? 0.4285 0.3492 0.3728 -0.0621 -0.0598 0.1267  2  THR A CG2 
20  N N   . CYS A 4  ? 0.2559 0.1314 0.1935 -0.0769 -0.1004 0.0311  3  CYS A N   
21  C CA  . CYS A 4  ? 0.2621 0.1788 0.1967 -0.0303 -0.0751 0.0341  3  CYS A CA  
22  C C   . CYS A 4  ? 0.2688 0.2059 0.1973 0.0160  -0.0480 0.0304  3  CYS A C   
23  O O   . CYS A 4  ? 0.2475 0.2202 0.1048 -0.0195 -0.1217 -0.0271 3  CYS A O   
24  C CB  . CYS A 4  ? 0.2626 0.1563 0.1817 -0.0329 -0.0705 0.0514  3  CYS A CB  
25  S SG  . CYS A 4  ? 0.2663 0.1750 0.2009 -0.0414 -0.0518 0.0036  3  CYS A SG  
26  N N   . VAL A 5  ? 0.2871 0.2178 0.1905 -0.0345 -0.0468 0.0611  4  VAL A N   
27  C CA  . VAL A 5  ? 0.2180 0.1577 0.1696 -0.0329 -0.0630 0.0087  4  VAL A CA  
28  C C   . VAL A 5  ? 0.2279 0.1165 0.1798 -0.0167 -0.0763 0.0110  4  VAL A C   
29  O O   . VAL A 5  ? 0.2383 0.0859 0.1202 -0.0869 -0.0752 -0.0045 4  VAL A O   
30  C CB  . VAL A 5  ? 0.1929 0.1577 0.1274 -0.0336 -0.0635 0.0059  4  VAL A CB  
31  C CG1 . VAL A 5  ? 0.2763 0.1325 0.1306 -0.0122 -0.0435 -0.0049 4  VAL A CG1 
32  C CG2 . VAL A 5  ? 0.1714 0.1694 0.1369 -0.0656 -0.0364 0.0086  4  VAL A CG2 
33  N N   . THR A 6  ? 0.2331 0.1801 0.1543 -0.0777 -0.0563 -0.0036 5  THR A N   
34  C CA  . THR A 6  ? 0.1558 0.1676 0.1669 -0.0530 -0.0685 0.0467  5  THR A CA  
35  C C   . THR A 6  ? 0.1967 0.1527 0.1450 -0.0494 -0.0741 0.0168  5  THR A C   
36  O O   . THR A 6  ? 0.2198 0.1239 0.1569 -0.0493 -0.0753 0.0086  5  THR A O   
37  C CB  . THR A 6  ? 0.2475 0.2183 0.2184 -0.0131 -0.0157 0.0072  5  THR A CB  
38  O OG1 . THR A 6  ? 0.2617 0.2335 0.2325 -0.0126 -0.0160 0.0072  5  THR A OG1 
39  C CG2 . THR A 6  ? 0.2587 0.2279 0.2290 -0.0129 -0.0154 0.0074  5  THR A CG2 
40  N N   . SER A 7  ? 0.2128 0.1499 0.1791 -0.0480 -0.0586 0.0085  6  SER A N   
41  C CA  . SER A 7  ? 0.2545 0.1512 0.1994 -0.0280 -0.0959 0.0318  6  SER A CA  
42  C C   . SER A 7  ? 0.2257 0.2030 0.1738 -0.0729 -0.0670 0.0565  6  SER A C   
43  O O   . SER A 7  ? 0.1718 0.1346 0.1732 -0.0604 -0.0567 0.0309  6  SER A O   
44  C CB  . SER A 7  ? 0.2923 0.2561 0.2178 -0.0141 -0.0296 0.0521  6  SER A CB  
45  O OG  . SER A 7  ? 0.2880 0.2608 0.2635 -0.0467 -0.0581 0.0729  6  SER A OG  
46  N N   . LYS A 8  ? 0.2434 0.2255 0.2313 -0.0486 -0.0948 0.0382  7  LYS A N   
47  C CA  . LYS A 8  ? 0.2599 0.1649 0.2216 -0.0183 -0.0820 0.0219  7  LYS A CA  
48  C C   . LYS A 8  ? 0.2471 0.1974 0.1960 -0.0523 -0.0725 0.0121  7  LYS A C   
49  O O   . LYS A 8  ? 0.2675 0.1856 0.2150 -0.0216 -0.0414 0.0495  7  LYS A O   
50  C CB  . LYS A 8  ? 0.3119 0.1583 0.2850 0.0065  -0.0441 0.0060  7  LYS A CB  
51  C CG  . LYS A 8  ? 0.2765 0.2825 0.3420 -0.0633 -0.0728 0.0252  7  LYS A CG  
52  C CD  . LYS A 8  ? 0.3298 0.2523 0.3699 -0.0076 -0.0599 -0.0237 7  LYS A CD  
53  C CE  . LYS A 8  ? 0.3847 0.2717 0.3726 -0.0307 -0.0704 -0.0214 7  LYS A CE  
54  N NZ  . LYS A 8  ? 0.3779 0.3170 0.3179 0.0168  -0.1224 0.0412  7  LYS A NZ  
55  N N   . SER A 9  ? 0.2562 0.1951 0.1867 -0.0295 -0.0593 0.0140  8  SER A N   
56  C CA  . SER A 9  ? 0.2589 0.1887 0.2244 -0.0149 -0.0500 0.0324  8  SER A CA  
57  C C   . SER A 9  ? 0.2898 0.2089 0.2760 -0.0614 -0.0462 0.0297  8  SER A C   
58  O O   . SER A 9  ? 0.3898 0.2895 0.2345 0.0070  -0.0725 0.0606  8  SER A O   
59  C CB  . SER A 9  ? 0.2332 0.1805 0.2258 -0.0586 -0.0542 0.0504  8  SER A CB  
60  O OG  . SER A 9  ? 0.1789 0.1786 0.1979 -0.1071 -0.0795 0.0404  8  SER A OG  
61  N N   . ILE A 10 ? 0.2740 0.2767 0.2224 -0.0305 -0.0807 0.0142  9  ILE A N   
62  C CA  . ILE A 10 ? 0.2933 0.2709 0.2016 -0.0531 -0.0734 0.0174  9  ILE A CA  
63  C C   . ILE A 10 ? 0.3600 0.2571 0.1635 -0.0409 -0.0444 0.0360  9  ILE A C   
64  O O   . ILE A 10 ? 0.3727 0.3212 0.2372 0.0123  -0.0476 0.0604  9  ILE A O   
65  C CB  . ILE A 10 ? 0.2946 0.2627 0.2890 -0.0286 -0.0454 0.0619  9  ILE A CB  
66  C CG1 . ILE A 10 ? 0.2536 0.2445 0.2914 -0.0351 -0.0429 0.0836  9  ILE A CG1 
67  C CG2 . ILE A 10 ? 0.4083 0.2628 0.1918 -0.0090 0.0066  0.0810  9  ILE A CG2 
68  C CD1 . ILE A 10 ? 0.4051 0.3206 0.2557 -0.0388 -0.1314 0.0655  9  ILE A CD1 
69  N N   . PHE A 11 ? 0.2996 0.2718 0.2258 -0.0605 -0.0594 0.0356  10 PHE A N   
70  C CA  . PHE A 11 ? 0.3077 0.3147 0.2464 -0.0378 -0.0435 0.0212  10 PHE A CA  
71  C C   . PHE A 11 ? 0.2854 0.2921 0.2492 -0.0334 -0.0254 0.0397  10 PHE A C   
72  O O   . PHE A 11 ? 0.3366 0.3404 0.4290 -0.0005 -0.0579 0.0419  10 PHE A O   
73  C CB  . PHE A 11 ? 0.2756 0.1906 0.2361 -0.0268 -0.0049 0.0470  10 PHE A CB  
74  C CG  . PHE A 11 ? 0.2840 0.1698 0.2293 -0.0449 -0.0362 0.0076  10 PHE A CG  
75  C CD1 . PHE A 11 ? 0.2782 0.0939 0.2106 -0.0466 -0.0227 0.0461  10 PHE A CD1 
76  C CD2 . PHE A 11 ? 0.3019 0.1951 0.2212 -0.0281 -0.0316 0.0236  10 PHE A CD2 
77  C CE1 . PHE A 11 ? 0.3345 0.2254 0.1136 -0.0164 -0.0473 -0.0329 10 PHE A CE1 
78  C CE2 . PHE A 11 ? 0.3028 0.1398 0.2619 -0.0304 -0.0574 0.0260  10 PHE A CE2 
79  C CZ  . PHE A 11 ? 0.2864 0.2032 0.2293 -0.0318 -0.0587 0.0332  10 PHE A CZ  
80  N N   . GLY A 12 ? 0.2765 0.2438 0.2537 -0.0455 -0.1070 0.0045  11 GLY A N   
81  C CA  . GLY A 12 ? 0.2344 0.2281 0.2982 -0.0251 -0.0789 0.0426  11 GLY A CA  
82  C C   . GLY A 12 ? 0.2359 0.2050 0.2677 -0.0502 -0.0947 0.0107  11 GLY A C   
83  O O   . GLY A 12 ? 0.2367 0.1926 0.2677 -0.0346 -0.1187 -0.0024 11 GLY A O   
84  N N   . ILE A 13 ? 0.2166 0.2290 0.2141 -0.0872 -0.0755 0.0015  12 ILE A N   
85  C CA  . ILE A 13 ? 0.2226 0.1664 0.1894 -0.0432 -0.0863 0.0026  12 ILE A CA  
86  C C   . ILE A 13 ? 0.2248 0.1717 0.1621 -0.0532 -0.0814 0.0115  12 ILE A C   
87  O O   . ILE A 13 ? 0.2486 0.1228 0.1917 -0.0278 -0.0559 -0.0168 12 ILE A O   
88  C CB  . ILE A 13 ? 0.1980 0.1577 0.1643 -0.0450 -0.0637 0.0179  12 ILE A CB  
89  C CG1 . ILE A 13 ? 0.2757 0.1771 0.1949 -0.0589 -0.0798 0.0352  12 ILE A CG1 
90  C CG2 . ILE A 13 ? 0.2435 0.0670 0.1238 -0.0487 -0.0712 0.0565  12 ILE A CG2 
91  C CD1 . ILE A 13 ? 0.3301 0.2199 0.1930 -0.1380 -0.0445 0.0248  12 ILE A CD1 
92  N N   . THR A 14 ? 0.2051 0.1562 0.2315 -0.0272 -0.0935 0.0627  13 THR A N   
93  C CA  . THR A 14 ? 0.1463 0.1431 0.1609 -0.0327 -0.0860 0.0376  13 THR A CA  
94  C C   . THR A 14 ? 0.1571 0.0913 0.1666 -0.0651 -0.0788 0.0294  13 THR A C   
95  O O   . THR A 14 ? 0.1714 0.0569 0.1750 -0.0512 -0.1009 0.0584  13 THR A O   
96  C CB  . THR A 14 ? 0.2206 0.1414 0.1389 -0.0242 -0.0686 0.0096  13 THR A CB  
97  O OG1 . THR A 14 ? 0.2490 0.1950 0.1758 -0.0478 -0.0466 0.0217  13 THR A OG1 
98  C CG2 . THR A 14 ? 0.2195 0.1307 0.0739 -0.0615 -0.0535 -0.0197 13 THR A CG2 
99  N N   . THR A 15 ? 0.1485 0.1584 0.1616 -0.0641 -0.0835 0.0580  14 THR A N   
100 C CA  . THR A 15 ? 0.2338 0.1740 0.1490 -0.0151 -0.0440 -0.0081 14 THR A CA  
101 C C   . THR A 15 ? 0.2324 0.1827 0.1485 -0.0130 -0.0584 0.0227  14 THR A C   
102 O O   . THR A 15 ? 0.2320 0.0784 0.0973 -0.0263 -0.0867 0.0495  14 THR A O   
103 C CB  . THR A 15 ? 0.2417 0.2350 0.2181 -0.0513 -0.0983 0.0229  14 THR A CB  
104 O OG1 . THR A 15 ? 0.2890 0.2356 0.2008 -0.0082 -0.1024 0.0022  14 THR A OG1 
105 C CG2 . THR A 15 ? 0.3170 0.2764 0.2536 -0.1057 -0.1069 0.0631  14 THR A CG2 
106 N N   . GLU A 16 ? 0.2125 0.1976 0.1930 -0.0282 -0.0987 0.0646  15 GLU A N   
107 C CA  . GLU A 16 ? 0.2252 0.1575 0.1747 0.0063  -0.0591 0.0168  15 GLU A CA  
108 C C   . GLU A 16 ? 0.2700 0.1635 0.1643 -0.0371 -0.0712 0.0085  15 GLU A C   
109 O O   . GLU A 16 ? 0.2651 0.2272 0.1961 -0.0358 -0.0470 0.0449  15 GLU A O   
110 C CB  . GLU A 16 ? 0.2503 0.1923 0.1422 -0.0034 -0.0758 0.0458  15 GLU A CB  
111 C CG  . GLU A 16 ? 0.2931 0.2187 0.1483 -0.0196 -0.0510 0.0709  15 GLU A CG  
112 C CD  . GLU A 16 ? 0.3258 0.2792 0.2967 -0.0704 -0.0795 -0.0053 15 GLU A CD  
113 O OE1 . GLU A 16 ? 0.4471 0.4295 0.3432 -0.0592 -0.0905 0.0237  15 GLU A OE1 
114 O OE2 . GLU A 16 ? 0.3889 0.3204 0.2506 -0.0475 -0.0270 -0.0303 15 GLU A OE2 
115 N N   . ASP A 17 ? 0.2571 0.1990 0.1792 -0.0058 -0.0570 0.0130  16 ASP A N   
116 C CA  . ASP A 17 ? 0.3041 0.2084 0.1525 -0.0082 -0.0497 -0.0114 16 ASP A CA  
117 C C   . ASP A 17 ? 0.2898 0.1752 0.1514 -0.0012 -0.0429 0.0554  16 ASP A C   
118 O O   . ASP A 17 ? 0.2636 0.1256 0.1533 0.0191  -0.0675 0.0931  16 ASP A O   
119 C CB  . ASP A 17 ? 0.3329 0.1994 0.1715 0.0041  -0.0736 -0.0350 16 ASP A CB  
120 C CG  . ASP A 17 ? 0.3230 0.2847 0.2161 -0.0386 -0.0469 0.0438  16 ASP A CG  
121 O OD1 . ASP A 17 ? 0.4772 0.3168 0.2384 0.0753  0.0006  0.0399  16 ASP A OD1 
122 O OD2 . ASP A 17 ? 0.3111 0.2663 0.1151 0.0565  -0.1237 0.0098  16 ASP A OD2 
123 N N   . CYS A 18 ? 0.2720 0.1733 0.1528 0.0068  -0.0412 0.0822  17 CYS A N   
124 C CA  . CYS A 18 ? 0.3071 0.2046 0.2275 -0.0162 -0.0491 0.0409  17 CYS A CA  
125 C C   . CYS A 18 ? 0.2876 0.1945 0.2253 0.0077  0.0212  0.0512  17 CYS A C   
126 O O   . CYS A 18 ? 0.3059 0.1991 0.3420 0.0683  -0.0026 0.1244  17 CYS A O   
127 C CB  . CYS A 18 ? 0.3120 0.2119 0.2511 -0.0375 -0.0119 0.0358  17 CYS A CB  
128 S SG  . CYS A 18 ? 0.3419 0.1962 0.2061 -0.0016 -0.0669 0.0099  17 CYS A SG  
129 N N   . PRO A 19 ? 0.2906 0.2018 0.2438 0.0015  0.0337  0.0359  18 PRO A N   
130 C CA  . PRO A 19 ? 0.4222 0.1592 0.3069 0.0196  -0.0457 0.0431  18 PRO A CA  
131 C C   . PRO A 19 ? 0.4130 0.3120 0.4504 -0.0001 0.0205  0.0843  18 PRO A C   
132 O O   . PRO A 19 ? 0.5180 0.1941 0.6257 0.0458  0.0191  0.2526  18 PRO A O   
133 C CB  . PRO A 19 ? 0.3543 0.0338 0.3300 -0.0069 -0.0417 -0.0014 18 PRO A CB  
134 C CG  . PRO A 19 ? 0.3007 0.2276 0.2635 -0.0388 -0.0009 -0.0068 18 PRO A CG  
135 C CD  . PRO A 19 ? 0.2823 0.2258 0.2855 0.0105  -0.0434 -0.0236 18 PRO A CD  
136 N N   . ASP A 20 ? 0.4334 0.3119 0.5569 -0.0083 0.0517  0.1289  19 ASP A N   
137 C CA  A ASP A 20 ? 0.5750 0.4457 0.5233 0.0265  0.0509  0.0819  19 ASP A CA  
138 C CA  B ASP A 20 ? 0.5726 0.3965 0.5263 0.0244  0.0471  0.0732  19 ASP A CA  
139 C C   . ASP A 20 ? 0.6014 0.3312 0.5238 0.0293  0.0210  0.1225  19 ASP A C   
140 O O   . ASP A 20 ? 0.5916 0.3241 0.4483 -0.1052 0.0084  0.1448  19 ASP A O   
141 C CB  A ASP A 20 ? 0.6357 0.3755 0.4957 0.0657  0.0268  0.1018  19 ASP A CB  
142 C CB  B ASP A 20 ? 0.6459 0.3785 0.5179 0.0747  -0.0466 0.0955  19 ASP A CB  
143 C CG  A ASP A 20 ? 0.5589 0.4342 0.5865 0.0301  0.0837  0.0996  19 ASP A CG  
144 C CG  B ASP A 20 ? 0.5740 0.3513 0.5616 0.0213  0.0089  0.1123  19 ASP A CG  
145 O OD1 A ASP A 20 ? 0.4645 0.2637 0.6002 0.0533  0.1044  0.1225  19 ASP A OD1 
146 O OD1 B ASP A 20 ? 0.5906 0.2449 0.5344 -0.0488 0.0292  -0.0471 19 ASP A OD1 
147 O OD2 A ASP A 20 ? 0.6951 0.3152 0.6289 0.0280  0.0842  0.0038  19 ASP A OD2 
148 O OD2 B ASP A 20 ? 0.4995 0.5251 0.3893 0.0888  0.1396  0.1169  19 ASP A OD2 
149 N N   . GLY A 21 ? 0.6143 0.2650 0.5498 -0.0323 0.1547  0.2468  20 GLY A N   
150 C CA  . GLY A 21 ? 0.5065 0.3380 0.5708 -0.0801 0.0575  0.1097  20 GLY A CA  
151 C C   . GLY A 21 ? 0.4427 0.4057 0.5718 -0.0066 0.0023  0.1554  20 GLY A C   
152 O O   . GLY A 21 ? 0.3783 0.2798 0.5822 -0.1358 -0.0050 0.0735  20 GLY A O   
153 N N   . GLN A 22 ? 0.4462 0.2586 0.5242 0.0089  -0.0364 0.0710  21 GLN A N   
154 C CA  . GLN A 22 ? 0.3399 0.3034 0.3027 -0.0345 -0.0268 0.0850  21 GLN A CA  
155 C C   . GLN A 22 ? 0.3591 0.2088 0.3587 -0.0163 -0.0137 0.0615  21 GLN A C   
156 O O   . GLN A 22 ? 0.3696 0.1574 0.3656 0.0079  0.0004  0.0543  21 GLN A O   
157 C CB  . GLN A 22 ? 0.2443 0.2261 0.3199 0.0494  -0.0262 0.0676  21 GLN A CB  
158 C CG  . GLN A 22 ? 0.3037 0.1060 0.3575 0.0182  0.0114  0.0430  21 GLN A CG  
159 C CD  . GLN A 22 ? 0.2955 0.2383 0.3495 -0.0259 -0.0290 0.0516  21 GLN A CD  
160 O OE1 . GLN A 22 ? 0.3411 0.1441 0.3411 -0.0405 -0.0860 0.0307  21 GLN A OE1 
161 N NE2 . GLN A 22 ? 0.4327 0.3034 0.3956 -0.0888 -0.0075 0.0347  21 GLN A NE2 
162 N N   . ASN A 23 ? 0.3131 0.1855 0.2534 -0.0122 -0.0196 0.1254  22 ASN A N   
163 C CA  . ASN A 23 ? 0.3352 0.2815 0.2929 0.0077  0.0014  0.0707  22 ASN A CA  
164 C C   . ASN A 23 ? 0.3086 0.2703 0.2548 -0.0078 0.0196  0.0562  22 ASN A C   
165 O O   . ASN A 23 ? 0.2947 0.2316 0.2329 0.0150  -0.0032 0.0821  22 ASN A O   
166 C CB  . ASN A 23 ? 0.4447 0.4222 0.3033 0.0574  0.0396  0.0830  22 ASN A CB  
167 C CG  . ASN A 23 ? 0.4917 0.5645 0.4576 -0.0004 0.0094  0.0614  22 ASN A CG  
168 O OD1 . ASN A 23 ? 0.4757 0.4815 0.4222 -0.0110 0.0108  0.2063  22 ASN A OD1 
169 N ND2 . ASN A 23 ? 0.5783 0.4552 0.3305 -0.0354 -0.0588 0.1596  22 ASN A ND2 
170 N N   . LEU A 24 ? 0.2764 0.2464 0.2902 -0.0045 -0.0408 0.0441  23 LEU A N   
171 C CA  . LEU A 24 ? 0.3689 0.2903 0.3298 -0.0068 -0.0134 0.0982  23 LEU A CA  
172 C C   . LEU A 24 ? 0.2487 0.1996 0.2476 -0.0324 -0.0530 -0.0089 23 LEU A C   
173 O O   . LEU A 24 ? 0.2619 0.2046 0.1924 -0.0518 -0.0031 0.0196  23 LEU A O   
174 C CB  . LEU A 24 ? 0.3903 0.3372 0.4050 0.0061  -0.0222 0.0384  23 LEU A CB  
175 C CG  . LEU A 24 ? 0.3830 0.3239 0.3287 -0.0033 -0.0284 0.0550  23 LEU A CG  
176 C CD1 . LEU A 24 ? 0.3728 0.2885 0.5115 -0.0559 0.0023  0.0214  23 LEU A CD1 
177 C CD2 . LEU A 24 ? 0.2576 0.3142 0.3144 -0.0620 -0.0028 0.0339  23 LEU A CD2 
178 N N   . CYS A 25 ? 0.2501 0.2093 0.2420 0.0093  -0.0403 0.0590  24 CYS A N   
179 C CA  . CYS A 25 ? 0.2840 0.2027 0.1670 -0.0214 -0.0496 -0.0047 24 CYS A CA  
180 C C   . CYS A 25 ? 0.2722 0.1798 0.1737 -0.0349 -0.0425 -0.0113 24 CYS A C   
181 O O   . CYS A 25 ? 0.3000 0.1692 0.1943 -0.0174 -0.0394 -0.0147 24 CYS A O   
182 C CB  . CYS A 25 ? 0.2663 0.2166 0.1693 -0.0208 -0.0625 -0.0215 24 CYS A CB  
183 S SG  . CYS A 25 ? 0.2811 0.1925 0.1764 -0.0119 -0.0570 0.0301  24 CYS A SG  
184 N N   . PHE A 26 ? 0.2404 0.2250 0.1973 -0.0400 -0.0420 0.0526  25 PHE A N   
185 C CA  . PHE A 26 ? 0.2456 0.1585 0.1828 -0.0481 -0.0440 0.0099  25 PHE A CA  
186 C C   . PHE A 26 ? 0.2515 0.1274 0.1696 -0.0521 -0.0525 0.0047  25 PHE A C   
187 O O   . PHE A 26 ? 0.2241 0.1528 0.1239 -0.0734 -0.0560 0.0577  25 PHE A O   
188 C CB  . PHE A 26 ? 0.2563 0.1922 0.1966 -0.0794 -0.0251 0.0111  25 PHE A CB  
189 C CG  . PHE A 26 ? 0.2877 0.1985 0.1923 -0.0138 -0.0444 0.0233  25 PHE A CG  
190 C CD1 . PHE A 26 ? 0.2712 0.2652 0.1730 -0.0435 -0.0228 0.0176  25 PHE A CD1 
191 C CD2 . PHE A 26 ? 0.3144 0.1988 0.2419 -0.0428 -0.0346 -0.0297 25 PHE A CD2 
192 C CE1 . PHE A 26 ? 0.1841 0.1525 0.1998 -0.0575 -0.0667 0.0013  25 PHE A CE1 
193 C CE2 . PHE A 26 ? 0.2836 0.2252 0.2180 -0.0849 -0.0288 -0.0165 25 PHE A CE2 
194 C CZ  . PHE A 26 ? 0.1994 0.1723 0.2439 -0.0233 -0.0656 0.0078  25 PHE A CZ  
195 N N   . LYS A 27 ? 0.2123 0.1570 0.1620 -0.0520 -0.0796 0.0310  26 LYS A N   
196 C CA  . LYS A 27 ? 0.1913 0.1600 0.1187 -0.0407 -0.0548 0.0151  26 LYS A CA  
197 C C   . LYS A 27 ? 0.2265 0.1559 0.1151 -0.0122 -0.0543 0.0444  26 LYS A C   
198 O O   . LYS A 27 ? 0.1948 0.1202 0.1134 -0.0496 -0.0865 0.0397  26 LYS A O   
199 C CB  . LYS A 27 ? 0.2037 0.1240 0.1111 -0.0171 -0.0368 0.0171  26 LYS A CB  
200 C CG  . LYS A 27 ? 0.2502 0.1847 0.1754 -0.0395 -0.0440 0.0715  26 LYS A CG  
201 C CD  . LYS A 27 ? 0.3219 0.2579 0.2166 -0.0499 -0.1185 0.0368  26 LYS A CD  
202 C CE  . LYS A 27 ? 0.3078 0.2835 0.3699 0.0112  -0.1057 0.0369  26 LYS A CE  
203 N NZ  . LYS A 27 ? 0.3771 0.3140 0.5562 -0.0490 -0.0165 -0.1810 26 LYS A NZ  
204 N N   . ARG A 28 ? 0.2109 0.1512 0.1570 -0.0481 -0.0615 0.0182  27 ARG A N   
205 C CA  . ARG A 28 ? 0.1995 0.1600 0.1384 -0.0332 -0.0538 -0.0036 27 ARG A CA  
206 C C   . ARG A 28 ? 0.2740 0.1507 0.1652 -0.0424 -0.0529 -0.0026 27 ARG A C   
207 O O   . ARG A 28 ? 0.2674 0.1843 0.1835 -0.0277 -0.0473 0.0275  27 ARG A O   
208 C CB  . ARG A 28 ? 0.1905 0.1558 0.1676 -0.0460 -0.0621 0.0077  27 ARG A CB  
209 C CG  . ARG A 28 ? 0.2035 0.1340 0.1434 -0.0210 -0.0501 0.0390  27 ARG A CG  
210 C CD  . ARG A 28 ? 0.2452 0.2349 0.1871 -0.0196 -0.0928 -0.0023 27 ARG A CD  
211 N NE  . ARG A 28 ? 0.3127 0.2188 0.2439 -0.0485 -0.0430 -0.0158 27 ARG A NE  
212 C CZ  . ARG A 28 ? 0.3132 0.3239 0.3267 -0.0050 -0.0348 0.0358  27 ARG A CZ  
213 N NH1 . ARG A 28 ? 0.2740 0.2476 0.3056 -0.0833 -0.1133 0.0298  27 ARG A NH1 
214 N NH2 . ARG A 28 ? 0.4519 0.2589 0.3575 -0.0227 -0.0524 0.0112  27 ARG A NH2 
215 N N   . ARG A 29 ? 0.2573 0.1888 0.1242 -0.0412 -0.0724 0.0195  28 ARG A N   
216 C CA  . ARG A 29 ? 0.2291 0.1768 0.1791 -0.0468 -0.0674 0.0280  28 ARG A CA  
217 C C   . ARG A 29 ? 0.2617 0.1727 0.1620 0.0072  -0.0715 0.0266  28 ARG A C   
218 O O   . ARG A 29 ? 0.2545 0.1260 0.1419 -0.0075 -0.0817 0.0258  28 ARG A O   
219 C CB  . ARG A 29 ? 0.2401 0.2416 0.1179 0.0170  -0.0703 0.0357  28 ARG A CB  
220 C CG  . ARG A 29 ? 0.3666 0.2903 0.2379 -0.0857 0.0150  0.0608  28 ARG A CG  
221 C CD  . ARG A 29 ? 0.4781 0.4103 0.4121 -0.0709 -0.0727 -0.0248 28 ARG A CD  
222 N NE  . ARG A 29 ? 0.6901 0.4659 0.4624 -0.0104 -0.0203 -0.0168 28 ARG A NE  
223 C CZ  . ARG A 29 ? 0.6366 0.6496 0.5029 -0.0145 -0.0420 0.0750  28 ARG A CZ  
224 N NH1 . ARG A 29 ? 0.9711 0.6310 0.7266 -0.0590 -0.0309 0.1237  28 ARG A NH1 
225 N NH2 . ARG A 29 ? 0.5460 0.5040 0.6088 -0.1233 -0.0219 0.0699  28 ARG A NH2 
226 N N   . HIS A 30 ? 0.2516 0.1877 0.1706 -0.0341 -0.0618 0.0031  29 HIS A N   
227 C CA  . HIS A 30 ? 0.2473 0.2156 0.1883 -0.0156 -0.0689 0.0014  29 HIS A CA  
228 C C   . HIS A 30 ? 0.2704 0.1959 0.1803 -0.0409 -0.0708 -0.0190 29 HIS A C   
229 O O   . HIS A 30 ? 0.2664 0.2001 0.1558 -0.0486 -0.0766 0.0227  29 HIS A O   
230 C CB  . HIS A 30 ? 0.1858 0.2321 0.1908 -0.0056 -0.0467 -0.0098 29 HIS A CB  
231 C CG  . HIS A 30 ? 0.2779 0.2223 0.1535 0.0502  -0.0594 0.0489  29 HIS A CG  
232 N ND1 . HIS A 30 ? 0.2808 0.2255 0.1743 0.0086  -0.0876 -0.0063 29 HIS A ND1 
233 C CD2 . HIS A 30 ? 0.3502 0.3318 0.1659 0.0440  -0.0842 -0.0271 29 HIS A CD2 
234 C CE1 . HIS A 30 ? 0.3397 0.3434 0.1613 -0.0216 -0.0588 -0.0486 29 HIS A CE1 
235 N NE2 . HIS A 30 ? 0.2947 0.4308 0.2484 -0.0494 -0.0418 -0.0445 29 HIS A NE2 
236 N N   . TYR A 31 ? 0.2822 0.2430 0.2218 -0.0118 -0.0733 -0.0320 30 TYR A N   
237 C CA  . TYR A 31 ? 0.3172 0.3415 0.2735 -0.0310 -0.0631 0.0389  30 TYR A CA  
238 C C   . TYR A 31 ? 0.3606 0.3089 0.3048 0.0509  -0.0826 -0.0005 30 TYR A C   
239 O O   . TYR A 31 ? 0.3903 0.4557 0.4302 0.0240  -0.0887 0.0110  30 TYR A O   
240 C CB  . TYR A 31 ? 0.4724 0.3777 0.2567 0.0446  -0.0307 -0.0245 30 TYR A CB  
241 C CG  . TYR A 31 ? 0.5198 0.4540 0.3637 0.0513  -0.0442 0.0626  30 TYR A CG  
242 C CD1 . TYR A 31 ? 0.4084 0.4845 0.4067 0.0435  -0.0966 0.0197  30 TYR A CD1 
243 C CD2 . TYR A 31 ? 0.6481 0.5254 0.3273 0.0971  -0.0413 -0.0036 30 TYR A CD2 
244 C CE1 . TYR A 31 ? 0.5406 0.3820 0.4534 0.0912  -0.0371 -0.0363 30 TYR A CE1 
245 C CE2 . TYR A 31 ? 0.5357 0.5853 0.5946 0.0075  -0.2072 0.1014  30 TYR A CE2 
246 C CZ  . TYR A 31 ? 0.6067 0.5271 0.3916 0.0825  -0.0272 -0.0029 30 TYR A CZ  
247 O OH  . TYR A 31 ? 0.5137 0.7334 0.6321 0.0490  -0.0683 0.1922  30 TYR A OH  
248 N N   . VAL A 32 ? 0.3484 0.2564 0.2426 -0.0160 -0.1269 0.0589  31 VAL A N   
249 C CA  . VAL A 32 ? 0.4380 0.4011 0.3053 -0.0299 -0.0510 -0.0287 31 VAL A CA  
250 C C   . VAL A 32 ? 0.5059 0.5222 0.3083 -0.0148 0.0306  0.0614  31 VAL A C   
251 O O   . VAL A 32 ? 0.4593 0.7447 0.4334 -0.0213 0.0211  0.0701  31 VAL A O   
252 C CB  . VAL A 32 ? 0.4137 0.4093 0.3850 -0.0305 -0.0991 0.0138  31 VAL A CB  
253 C CG1 . VAL A 32 ? 0.5670 0.5497 0.2985 0.0356  -0.0653 0.0453  31 VAL A CG1 
254 C CG2 . VAL A 32 ? 0.4536 0.4234 0.3107 -0.0495 -0.0110 0.0503  31 VAL A CG2 
255 N N   . VAL A 33 ? 0.5516 0.4358 0.4105 0.0439  0.0181  0.0621  32 VAL A N   
256 C CA  . VAL A 33 ? 0.6272 0.6065 0.4144 0.1798  -0.0477 0.1227  32 VAL A CA  
257 C C   . VAL A 33 ? 0.6825 0.6593 0.4600 0.1003  -0.0086 0.1060  32 VAL A C   
258 O O   . VAL A 33 ? 0.5402 0.7219 0.5109 0.0966  -0.0090 0.0297  32 VAL A O   
259 C CB  . VAL A 33 ? 0.7141 0.7099 0.4959 0.2411  0.0026  0.1469  32 VAL A CB  
260 C CG1 . VAL A 33 ? 0.6653 0.7692 0.2931 0.0672  0.0963  0.1183  32 VAL A CG1 
261 C CG2 . VAL A 33 ? 0.9099 0.8039 0.5910 0.2827  0.1510  -0.0061 32 VAL A CG2 
262 N N   . PRO A 34 ? 0.7624 0.6495 0.5679 0.2088  0.0044  0.0901  33 PRO A N   
263 C CA  . PRO A 34 ? 0.9226 0.6653 0.5827 0.0909  -0.0843 0.0134  33 PRO A CA  
264 C C   . PRO A 34 ? 0.6800 0.5008 0.7465 0.1877  -0.0823 0.0762  33 PRO A C   
265 O O   . PRO A 34 ? 1.0347 0.5855 0.8068 0.1824  -0.0475 0.1089  33 PRO A O   
266 C CB  . PRO A 34 ? 0.9238 1.0858 0.5348 -0.0038 0.0966  0.2940  33 PRO A CB  
267 C CG  . PRO A 34 ? 0.7112 0.6303 0.5187 -0.0620 0.0293  0.2091  33 PRO A CG  
268 C CD  . PRO A 34 ? 0.7876 0.6390 0.4653 0.1151  -0.0159 -0.0662 33 PRO A CD  
269 N N   . ALA A 35 ? 0.6555 0.3617 0.8114 0.0485  -0.0741 -0.1457 34 ALA A N   
270 C CA  . ALA A 35 ? 0.6443 0.5984 0.7651 0.0603  -0.0703 0.0725  34 ALA A CA  
271 C C   . ALA A 35 ? 0.6960 0.5503 0.5153 0.0473  -0.0570 0.0979  34 ALA A C   
272 O O   . ALA A 35 ? 0.6568 0.5773 0.5320 -0.1514 0.0246  -0.0027 34 ALA A O   
273 C CB  . ALA A 35 ? 0.5560 0.8800 1.0004 -0.0136 0.0766  0.1971  34 ALA A CB  
274 N N   . ILE A 36 ? 0.5432 0.5440 0.5465 0.0411  -0.0633 0.0899  35 ILE A N   
275 C CA  . ILE A 36 ? 0.5565 0.4320 0.4377 -0.0184 0.0071  0.0649  35 ILE A CA  
276 C C   . ILE A 36 ? 0.3713 0.3716 0.3257 0.0654  -0.0198 0.0428  35 ILE A C   
277 O O   . ILE A 36 ? 0.3693 0.2094 0.3098 0.0297  -0.0227 0.0609  35 ILE A O   
278 C CB  . ILE A 36 ? 0.4706 0.4023 0.4100 0.0401  -0.0350 0.0709  35 ILE A CB  
279 C CG1 . ILE A 36 ? 0.6086 0.4730 0.4199 0.0495  -0.0241 0.1238  35 ILE A CG1 
280 C CG2 . ILE A 36 ? 0.5250 0.3637 0.4464 -0.0127 0.0553  0.2710  35 ILE A CG2 
281 C CD1 . ILE A 36 ? 0.4781 0.4201 0.5374 -0.0364 0.1235  0.0873  35 ILE A CD1 
282 N N   . TYR A 37 ? 0.3670 0.3616 0.2931 -0.0132 -0.0345 -0.0169 36 TYR A N   
283 C CA  . TYR A 37 ? 0.3488 0.2707 0.4031 -0.0535 -0.0552 -0.0058 36 TYR A CA  
284 C C   . TYR A 37 ? 0.3201 0.3342 0.3010 -0.0263 -0.0501 0.0170  36 TYR A C   
285 O O   . TYR A 37 ? 0.3157 0.2567 0.3538 -0.0377 -0.0978 -0.0415 36 TYR A O   
286 C CB  . TYR A 37 ? 0.4670 0.5003 0.4180 0.0063  -0.0168 -0.0561 36 TYR A CB  
287 C CG  . TYR A 37 ? 0.4856 0.4389 0.4407 0.0075  -0.0263 0.0508  36 TYR A CG  
288 C CD1 . TYR A 37 ? 0.4719 0.3946 0.5770 -0.1409 -0.1095 -0.2143 36 TYR A CD1 
289 C CD2 . TYR A 37 ? 0.4928 0.4034 0.3632 -0.0981 -0.0355 -0.0834 36 TYR A CD2 
290 C CE1 . TYR A 37 ? 0.5141 0.4686 0.4988 -0.0416 0.0030  -0.1129 36 TYR A CE1 
291 C CE2 . TYR A 37 ? 0.5122 0.3949 0.5611 -0.0660 -0.0808 -0.1007 36 TYR A CE2 
292 C CZ  . TYR A 37 ? 0.5542 0.4730 0.4982 -0.0267 0.0240  0.0250  36 TYR A CZ  
293 O OH  . TYR A 37 ? 0.8330 0.5483 0.5823 0.0493  0.0047  -0.1695 36 TYR A OH  
294 N N   . ASP A 38 ? 0.3075 0.3143 0.2555 -0.0027 -0.0620 0.0671  37 ASP A N   
295 C CA  . ASP A 38 ? 0.2749 0.2791 0.3035 -0.0397 -0.0521 0.0484  37 ASP A CA  
296 C C   . ASP A 38 ? 0.3135 0.2037 0.2737 -0.0042 -0.0716 0.0242  37 ASP A C   
297 O O   . ASP A 38 ? 0.3505 0.3173 0.2627 0.0043  -0.0594 0.0390  37 ASP A O   
298 C CB  . ASP A 38 ? 0.4391 0.4077 0.3343 0.0173  -0.1008 -0.0373 37 ASP A CB  
299 C CG  . ASP A 38 ? 0.4401 0.4892 0.3987 0.0155  0.0183  -0.0518 37 ASP A CG  
300 O OD1 . ASP A 38 ? 0.5529 0.5344 0.5965 -0.0875 0.1089  -0.1146 37 ASP A OD1 
301 O OD2 . ASP A 38 ? 0.4571 0.5093 0.2749 0.0266  0.0455  -0.0766 37 ASP A OD2 
302 N N   . SER A 39 ? 0.2749 0.2644 0.2144 -0.0680 -0.0437 0.0170  38 SER A N   
303 C CA  . SER A 39 ? 0.2783 0.2550 0.2138 -0.0371 -0.0390 0.0215  38 SER A CA  
304 C C   . SER A 39 ? 0.2818 0.2735 0.2135 -0.0163 -0.0674 0.0387  38 SER A C   
305 O O   . SER A 39 ? 0.3071 0.2941 0.1780 0.0255  -0.1219 0.0206  38 SER A O   
306 C CB  . SER A 39 ? 0.3289 0.2575 0.1932 -0.0389 -0.0487 0.0312  38 SER A CB  
307 O OG  . SER A 39 ? 0.3772 0.1866 0.1877 -0.0621 0.0378  0.1027  38 SER A OG  
308 N N   . THR A 40 ? 0.2306 0.2527 0.2453 -0.0028 -0.0804 0.0375  39 THR A N   
309 C CA  . THR A 40 ? 0.3219 0.2544 0.2378 -0.0176 -0.0541 0.0009  39 THR A CA  
310 C C   . THR A 40 ? 0.2935 0.2383 0.2384 -0.0089 -0.0375 0.0259  39 THR A C   
311 O O   . THR A 40 ? 0.3275 0.2069 0.1438 -0.0376 -0.0782 0.0103  39 THR A O   
312 C CB  . THR A 40 ? 0.3658 0.3186 0.2751 -0.0372 -0.0756 -0.0260 39 THR A CB  
313 O OG1 . THR A 40 ? 0.3098 0.3630 0.3719 -0.0206 -0.1117 -0.0397 39 THR A OG1 
314 C CG2 . THR A 40 ? 0.3763 0.2704 0.3143 -0.0278 -0.2024 0.0237  39 THR A CG2 
315 N N   . ARG A 41 ? 0.2430 0.1868 0.1401 -0.0602 -0.0549 0.0036  40 ARG A N   
316 C CA  . ARG A 41 ? 0.2453 0.1840 0.1614 -0.0588 -0.0607 -0.0080 40 ARG A CA  
317 C C   . ARG A 41 ? 0.2297 0.1964 0.1795 -0.0275 -0.0568 0.0144  40 ARG A C   
318 O O   . ARG A 41 ? 0.2709 0.2735 0.1448 -0.0229 -0.1092 -0.0185 40 ARG A O   
319 C CB  . ARG A 41 ? 0.2340 0.1734 0.1792 -0.0516 -0.0498 -0.0141 40 ARG A CB  
320 C CG  . ARG A 41 ? 0.1948 0.1699 0.1728 -0.0202 -0.0472 0.0136  40 ARG A CG  
321 C CD  . ARG A 41 ? 0.2216 0.1741 0.1580 -0.0615 -0.0379 -0.0015 40 ARG A CD  
322 N NE  . ARG A 41 ? 0.2687 0.1772 0.1666 -0.0379 -0.0593 -0.0119 40 ARG A NE  
323 C CZ  . ARG A 41 ? 0.2820 0.2052 0.2043 -0.0265 -0.0455 0.0214  40 ARG A CZ  
324 N NH1 . ARG A 41 ? 0.2832 0.2133 0.2125 0.0303  -0.1055 0.0375  40 ARG A NH1 
325 N NH2 . ARG A 41 ? 0.3579 0.2048 0.3660 -0.0078 -0.0125 0.0220  40 ARG A NH2 
326 N N   . GLY A 42 ? 0.2268 0.1746 0.2131 -0.0456 -0.0796 0.0280  41 GLY A N   
327 C CA  . GLY A 42 ? 0.1820 0.1643 0.1749 -0.0417 -0.0668 0.0212  41 GLY A CA  
328 C C   . GLY A 42 ? 0.1974 0.1539 0.1681 -0.0458 -0.0681 0.0027  41 GLY A C   
329 O O   . GLY A 42 ? 0.2515 0.1138 0.1330 0.0138  -0.0679 0.0611  41 GLY A O   
330 N N   . CYS A 43 ? 0.2494 0.1645 0.1703 -0.0283 -0.0822 0.0078  42 CYS A N   
331 C CA  . CYS A 43 ? 0.2653 0.1992 0.2339 -0.0221 -0.0268 0.0504  42 CYS A CA  
332 C C   . CYS A 43 ? 0.2858 0.1554 0.2602 -0.0296 -0.0501 0.0362  42 CYS A C   
333 O O   . CYS A 43 ? 0.4119 0.1947 0.2538 -0.0072 -0.0225 0.0037  42 CYS A O   
334 C CB  . CYS A 43 ? 0.3070 0.1102 0.2594 -0.0509 0.0023  0.0405  42 CYS A CB  
335 S SG  . CYS A 43 ? 0.3040 0.1649 0.2041 -0.0197 -0.0465 0.0433  42 CYS A SG  
336 N N   . ALA A 44 ? 0.3429 0.2074 0.2925 -0.0265 -0.0119 0.0533  43 ALA A N   
337 C CA  . ALA A 44 ? 0.3745 0.2256 0.3403 -0.0712 -0.0385 0.0218  43 ALA A CA  
338 C C   . ALA A 44 ? 0.3702 0.2749 0.3499 -0.0317 -0.0090 0.0272  43 ALA A C   
339 O O   . ALA A 44 ? 0.4609 0.3152 0.2999 0.0111  0.0125  0.0596  43 ALA A O   
340 C CB  . ALA A 44 ? 0.3240 0.1687 0.3504 -0.0851 -0.0092 -0.0426 43 ALA A CB  
341 N N   . ALA A 45 ? 0.3638 0.2341 0.3045 -0.0059 -0.0390 0.0483  44 ALA A N   
342 C CA  . ALA A 45 ? 0.3603 0.2863 0.4163 -0.0588 0.0190  0.0358  44 ALA A CA  
343 C C   . ALA A 45 ? 0.3693 0.2367 0.3735 -0.0832 -0.0307 -0.0214 44 ALA A C   
344 O O   . ALA A 45 ? 0.4335 0.2398 0.3689 0.0027  -0.0063 0.0002  44 ALA A O   
345 C CB  . ALA A 45 ? 0.2356 0.3319 0.5483 -0.0714 -0.0534 0.0241  44 ALA A CB  
346 N N   . THR A 46 ? 0.4008 0.1727 0.3735 -0.0731 0.0019  -0.0095 45 THR A N   
347 C CA  . THR A 46 ? 0.3755 0.2572 0.3216 -0.0349 0.0141  0.0283  45 THR A CA  
348 C C   . THR A 46 ? 0.3395 0.2582 0.3147 -0.0414 -0.0018 0.0149  45 THR A C   
349 O O   . THR A 46 ? 0.3325 0.2617 0.3106 -0.0177 -0.0069 0.0094  45 THR A O   
350 C CB  . THR A 46 ? 0.4097 0.2911 0.3676 -0.0464 -0.0036 0.0273  45 THR A CB  
351 O OG1 . THR A 46 ? 0.5508 0.3094 0.3406 -0.0796 -0.0167 0.0625  45 THR A OG1 
352 C CG2 . THR A 46 ? 0.2652 0.3674 0.5952 -0.1638 -0.0028 0.1502  45 THR A CG2 
353 N N   . CYS A 47 ? 0.3126 0.2177 0.2505 -0.0673 -0.0274 0.0046  46 CYS A N   
354 C CA  . CYS A 47 ? 0.3095 0.2616 0.2870 -0.0156 -0.0184 0.0359  46 CYS A CA  
355 C C   . CYS A 47 ? 0.3232 0.2443 0.2629 -0.0515 -0.0206 0.0130  46 CYS A C   
356 O O   . CYS A 47 ? 0.3012 0.2935 0.2931 -0.0524 -0.0668 -0.0315 46 CYS A O   
357 C CB  . CYS A 47 ? 0.3168 0.2378 0.2457 0.0056  -0.0966 0.0505  46 CYS A CB  
358 S SG  . CYS A 47 ? 0.3848 0.2408 0.3353 -0.0152 -0.0570 0.0503  46 CYS A SG  
359 N N   . PRO A 48 ? 0.3013 0.2015 0.2798 -0.0298 -0.0325 0.0221  47 PRO A N   
360 C CA  . PRO A 48 ? 0.3690 0.2124 0.2548 -0.0248 -0.0307 -0.0006 47 PRO A CA  
361 C C   . PRO A 48 ? 0.2876 0.2795 0.2980 -0.0407 -0.0360 -0.0181 47 PRO A C   
362 O O   . PRO A 48 ? 0.3388 0.2392 0.1662 -0.0452 0.0346  0.0477  47 PRO A O   
363 C CB  . PRO A 48 ? 0.3123 0.2029 0.2831 -0.0468 -0.0498 -0.0036 47 PRO A CB  
364 C CG  . PRO A 48 ? 0.2633 0.2349 0.2664 -0.0130 -0.0310 0.0157  47 PRO A CG  
365 C CD  . PRO A 48 ? 0.2901 0.2498 0.2703 -0.0238 -0.0525 0.0493  47 PRO A CD  
366 N N   . ILE A 49 ? 0.3029 0.1949 0.2447 -0.0915 -0.0158 -0.0387 48 ILE A N   
367 C CA  . ILE A 49 ? 0.3326 0.2409 0.2950 -0.0504 -0.0444 -0.0007 48 ILE A CA  
368 C C   . ILE A 49 ? 0.2695 0.2423 0.2647 -0.0357 -0.0595 -0.0094 48 ILE A C   
369 O O   . ILE A 49 ? 0.3079 0.3685 0.2231 -0.1001 -0.0219 -0.0066 48 ILE A O   
370 C CB  . ILE A 49 ? 0.3351 0.3667 0.4349 -0.0443 -0.0303 0.0255  48 ILE A CB  
371 C CG1 . ILE A 49 ? 0.3448 0.2814 0.3858 -0.0122 -0.0713 -0.0115 48 ILE A CG1 
372 C CG2 . ILE A 49 ? 0.3722 0.2365 0.3874 -0.0837 -0.0457 -0.1043 48 ILE A CG2 
373 C CD1 . ILE A 49 ? 0.3572 0.3391 0.3330 0.0592  -0.0435 0.0445  48 ILE A CD1 
374 N N   . PRO A 50 ? 0.1992 0.2305 0.1931 -0.0574 -0.0754 0.0032  49 PRO A N   
375 C CA  . PRO A 50 ? 0.2577 0.2402 0.2117 -0.0518 -0.0594 -0.0132 49 PRO A CA  
376 C C   . PRO A 50 ? 0.2629 0.2317 0.2760 -0.0054 -0.0866 -0.0115 49 PRO A C   
377 O O   . PRO A 50 ? 0.2570 0.3235 0.2935 -0.0277 -0.0790 0.0070  49 PRO A O   
378 C CB  . PRO A 50 ? 0.1970 0.1940 0.1509 0.0033  -0.0878 0.0202  49 PRO A CB  
379 C CG  . PRO A 50 ? 0.2531 0.2022 0.1965 -0.0328 -0.0504 -0.0115 49 PRO A CG  
380 C CD  . PRO A 50 ? 0.2215 0.2180 0.1928 -0.0363 -0.0254 0.0181  49 PRO A CD  
381 N N   . GLU A 51 ? 0.3166 0.3003 0.2899 -0.0357 -0.0553 -0.0659 50 GLU A N   
382 C CA  . GLU A 51 ? 0.3428 0.3219 0.3065 -0.0476 -0.0694 -0.0329 50 GLU A CA  
383 C C   . GLU A 51 ? 0.2823 0.3004 0.2025 0.0034  -0.0711 -0.0618 50 GLU A C   
384 O O   . GLU A 51 ? 0.3282 0.2589 0.1844 -0.0535 -0.0527 -0.0430 50 GLU A O   
385 C CB  . GLU A 51 ? 0.4054 0.4174 0.1769 -0.0916 -0.0214 -0.0840 50 GLU A CB  
386 C CG  . GLU A 51 ? 0.2852 0.4225 0.4493 -0.0938 -0.1389 0.0226  50 GLU A CG  
387 C CD  . GLU A 51 ? 0.4555 0.4924 0.5474 -0.0522 -0.0571 -0.1723 50 GLU A CD  
388 O OE1 . GLU A 51 ? 0.6761 0.5320 0.3845 0.0037  0.0883  -0.0807 50 GLU A OE1 
389 O OE2 . GLU A 51 ? 0.5794 0.6980 0.6458 -0.1765 -0.1602 -0.1202 50 GLU A OE2 
390 N N   . ASN A 52 ? 0.3063 0.2414 0.2056 0.0226  -0.0754 -0.0613 51 ASN A N   
391 C CA  . ASN A 52 ? 0.2528 0.2688 0.1971 -0.0189 -0.0888 -0.0302 51 ASN A CA  
392 C C   . ASN A 52 ? 0.2071 0.2746 0.1230 -0.0112 -0.0948 -0.0100 51 ASN A C   
393 O O   . ASN A 52 ? 0.1882 0.2269 0.1857 -0.0456 -0.1286 -0.0582 51 ASN A O   
394 C CB  . ASN A 52 ? 0.2305 0.2490 0.2277 0.0282  -0.1067 0.0558  51 ASN A CB  
395 C CG  . ASN A 52 ? 0.3190 0.3475 0.2501 0.0083  -0.0909 -0.0587 51 ASN A CG  
396 O OD1 . ASN A 52 ? 0.3943 0.3871 0.2036 0.0549  -0.0298 -0.0821 51 ASN A OD1 
397 N ND2 . ASN A 52 ? 0.3131 0.3148 0.2164 0.0270  -0.0759 -0.0673 51 ASN A ND2 
398 N N   . TYR A 53 ? 0.2460 0.3023 0.1400 -0.0217 -0.0909 -0.0358 52 TYR A N   
399 C CA  . TYR A 53 ? 0.2567 0.2401 0.2209 -0.0094 -0.0607 -0.0029 52 TYR A CA  
400 C C   . TYR A 53 ? 0.2664 0.2324 0.1988 0.0054  -0.0699 -0.0130 52 TYR A C   
401 O O   . TYR A 53 ? 0.2555 0.2226 0.1776 0.0199  -0.1083 0.0575  52 TYR A O   
402 C CB  . TYR A 53 ? 0.2755 0.2697 0.1529 0.0192  -0.0543 -0.0138 52 TYR A CB  
403 C CG  . TYR A 53 ? 0.2915 0.3631 0.1797 0.0100  -0.0660 0.0425  52 TYR A CG  
404 C CD1 . TYR A 53 ? 0.3246 0.3359 0.2334 0.0424  -0.0905 -0.0582 52 TYR A CD1 
405 C CD2 . TYR A 53 ? 0.3358 0.3393 0.2773 0.0250  -0.0794 -0.0755 52 TYR A CD2 
406 C CE1 . TYR A 53 ? 0.3427 0.4702 0.3123 0.0490  -0.0700 -0.0176 52 TYR A CE1 
407 C CE2 . TYR A 53 ? 0.3535 0.4823 0.2087 0.0138  -0.0928 -0.0369 52 TYR A CE2 
408 C CZ  . TYR A 53 ? 0.4030 0.5169 0.2900 0.0266  -0.0354 -0.0531 52 TYR A CZ  
409 O OH  . TYR A 53 ? 0.4499 0.6227 0.2810 0.0046  -0.0744 -0.0614 52 TYR A OH  
410 N N   . ASP A 54 ? 0.2600 0.2212 0.1567 -0.0207 -0.0966 0.0347  53 ASP A N   
411 C CA  . ASP A 54 ? 0.2241 0.2033 0.1770 -0.0182 -0.0703 -0.0068 53 ASP A CA  
412 C C   . ASP A 54 ? 0.2394 0.1716 0.1834 -0.0180 -0.0657 -0.0004 53 ASP A C   
413 O O   . ASP A 54 ? 0.2221 0.0949 0.1859 -0.0833 -0.0762 -0.0325 53 ASP A O   
414 C CB  . ASP A 54 ? 0.2712 0.2141 0.2052 -0.0041 -0.0734 0.0104  53 ASP A CB  
415 C CG  . ASP A 54 ? 0.2613 0.2082 0.2122 -0.0093 -0.0487 -0.0049 53 ASP A CG  
416 O OD1 . ASP A 54 ? 0.1990 0.1595 0.2265 -0.0668 -0.1018 -0.0030 53 ASP A OD1 
417 O OD2 . ASP A 54 ? 0.2630 0.1644 0.1288 -0.0118 -0.0397 0.0426  53 ASP A OD2 
418 N N   . SER A 55 ? 0.2503 0.1905 0.1801 -0.0482 -0.0678 -0.0232 54 SER A N   
419 C CA  . SER A 55 ? 0.3041 0.1904 0.1765 -0.0214 -0.0442 0.0458  54 SER A CA  
420 C C   . SER A 55 ? 0.1937 0.1542 0.1679 -0.0823 -0.0593 -0.0077 54 SER A C   
421 O O   . SER A 55 ? 0.2125 0.1710 0.1601 -0.0533 -0.0566 -0.0119 54 SER A O   
422 C CB  . SER A 55 ? 0.3389 0.2355 0.1792 -0.0836 -0.0308 0.0178  54 SER A CB  
423 O OG  . SER A 55 ? 0.3306 0.3103 0.2511 -0.0678 -0.0431 0.0418  54 SER A OG  
424 N N   . ILE A 56 ? 0.3021 0.1507 0.1373 -0.0087 -0.0972 -0.0352 55 ILE A N   
425 C CA  . ILE A 56 ? 0.1956 0.1486 0.1521 -0.0425 -0.0589 0.0018  55 ILE A CA  
426 C C   . ILE A 56 ? 0.2307 0.1692 0.1408 -0.0266 -0.0431 0.0333  55 ILE A C   
427 O O   . ILE A 56 ? 0.1809 0.1577 0.1307 -0.0537 -0.0594 0.0446  55 ILE A O   
428 C CB  . ILE A 56 ? 0.1938 0.1478 0.1585 -0.0435 -0.0518 0.0040  55 ILE A CB  
429 C CG1 . ILE A 56 ? 0.2327 0.1998 0.1554 -0.0663 -0.0544 0.0208  55 ILE A CG1 
430 C CG2 . ILE A 56 ? 0.2856 0.1315 0.1853 -0.0648 -0.0525 0.0935  55 ILE A CG2 
431 C CD1 . ILE A 56 ? 0.2056 0.1917 0.1672 -0.0725 -0.0518 0.0465  55 ILE A CD1 
432 N N   . HIS A 57 ? 0.2435 0.1454 0.1584 -0.0252 -0.0765 0.0218  56 HIS A N   
433 C CA  . HIS A 57 ? 0.2528 0.1470 0.1454 -0.0349 -0.0538 0.0081  56 HIS A CA  
434 C C   . HIS A 57 ? 0.2367 0.1409 0.1605 -0.0394 -0.0667 -0.0054 56 HIS A C   
435 O O   . HIS A 57 ? 0.2605 0.1605 0.1592 -0.0349 -0.0705 0.0075  56 HIS A O   
436 C CB  . HIS A 57 ? 0.2408 0.1840 0.2093 -0.0340 -0.0529 0.0298  56 HIS A CB  
437 C CG  . HIS A 57 ? 0.2510 0.1983 0.2003 -0.0533 -0.0464 0.0192  56 HIS A CG  
438 N ND1 . HIS A 57 ? 0.2769 0.2432 0.1868 -0.0581 -0.0417 -0.0063 56 HIS A ND1 
439 C CD2 . HIS A 57 ? 0.3176 0.2539 0.1830 -0.0081 -0.0654 0.0290  56 HIS A CD2 
440 C CE1 . HIS A 57 ? 0.2984 0.1480 0.1825 -0.0173 -0.0602 -0.0040 56 HIS A CE1 
441 N NE2 . HIS A 57 ? 0.2897 0.1866 0.1846 -0.0122 -0.0736 0.0292  56 HIS A NE2 
442 N N   . CYS A 58 ? 0.2526 0.1536 0.2144 -0.0405 -0.0438 0.0341  57 CYS A N   
443 C CA  . CYS A 58 ? 0.2351 0.1873 0.1748 -0.0011 -0.0591 0.0305  57 CYS A CA  
444 C C   . CYS A 58 ? 0.2490 0.1688 0.1699 -0.0283 -0.0405 0.0173  57 CYS A C   
445 O O   . CYS A 58 ? 0.2893 0.1665 0.1199 -0.0306 -0.0208 0.0471  57 CYS A O   
446 C CB  . CYS A 58 ? 0.2770 0.1788 0.1480 -0.0114 -0.0512 0.0524  57 CYS A CB  
447 S SG  . CYS A 58 ? 0.3014 0.1617 0.1855 -0.0578 -0.0556 0.0248  57 CYS A SG  
448 N N   . CYS A 59 ? 0.2666 0.1795 0.1429 -0.0262 -0.0541 0.0522  58 CYS A N   
449 C CA  . CYS A 59 ? 0.2970 0.1858 0.1063 -0.0101 -0.0283 0.0139  58 CYS A CA  
450 C C   . CYS A 59 ? 0.2783 0.1947 0.1663 -0.0003 -0.0366 0.0191  58 CYS A C   
451 O O   . CYS A 59 ? 0.2802 0.1895 0.0917 0.0076  -0.0922 0.0503  58 CYS A O   
452 C CB  . CYS A 59 ? 0.3045 0.1498 0.1764 -0.0014 -0.0749 0.0309  58 CYS A CB  
453 S SG  . CYS A 59 ? 0.3270 0.2218 0.2113 -0.0356 -0.0812 0.0124  58 CYS A SG  
454 N N   . LYS A 60 ? 0.3030 0.2417 0.1688 0.0146  -0.0501 0.0187  59 LYS A N   
455 C CA  . LYS A 60 ? 0.3440 0.2554 0.2395 0.0148  -0.0487 0.0326  59 LYS A CA  
456 C C   . LYS A 60 ? 0.3613 0.2728 0.2284 0.0184  -0.0655 0.0255  59 LYS A C   
457 O O   . LYS A 60 ? 0.3459 0.2232 0.2569 0.0095  -0.0853 0.0054  59 LYS A O   
458 C CB  . LYS A 60 ? 0.3854 0.2641 0.2970 -0.0166 -0.0381 0.0406  59 LYS A CB  
459 C CG  . LYS A 60 ? 0.4181 0.3446 0.3322 -0.0211 -0.0465 0.0490  59 LYS A CG  
460 C CD  . LYS A 60 ? 0.3242 0.3268 0.2976 -0.0272 -0.0191 0.0277  59 LYS A CD  
461 C CE  . LYS A 60 ? 0.4794 0.3986 0.1528 0.0616  -0.0442 0.1366  59 LYS A CE  
462 N NZ  . LYS A 60 ? 0.3809 0.4571 0.4990 -0.0267 -0.0591 0.1249  59 LYS A NZ  
463 N N   . THR A 61 ? 0.3318 0.3149 0.2585 0.0274  -0.0686 0.0316  60 THR A N   
464 C CA  . THR A 61 ? 0.3356 0.2839 0.1744 0.0297  -0.0877 0.0570  60 THR A CA  
465 C C   . THR A 61 ? 0.3462 0.2727 0.2065 0.0361  -0.0758 0.0425  60 THR A C   
466 O O   . THR A 61 ? 0.2961 0.2398 0.1598 -0.0801 -0.0431 -0.0183 60 THR A O   
467 C CB  . THR A 61 ? 0.2879 0.2977 0.2256 0.0197  -0.0454 0.0074  60 THR A CB  
468 O OG1 . THR A 61 ? 0.3070 0.2676 0.1411 -0.0225 -0.0761 0.0022  60 THR A OG1 
469 C CG2 . THR A 61 ? 0.3020 0.2123 0.1641 -0.0308 -0.0873 -0.0382 60 THR A CG2 
470 N N   . ASP A 62 ? 0.3392 0.2319 0.2723 0.0233  -0.0670 -0.0338 61 ASP A N   
471 C CA  . ASP A 62 ? 0.2956 0.2330 0.1762 -0.0320 -0.0691 0.0295  61 ASP A CA  
472 C C   . ASP A 62 ? 0.2626 0.2274 0.2061 -0.0075 -0.0822 0.0306  61 ASP A C   
473 O O   . ASP A 62 ? 0.2836 0.2712 0.1705 -0.0056 -0.0959 -0.0168 61 ASP A O   
474 C CB  . ASP A 62 ? 0.3064 0.3106 0.2294 -0.0229 -0.0784 0.0213  61 ASP A CB  
475 C CG  . ASP A 62 ? 0.4202 0.3552 0.2705 -0.0204 -0.0331 0.0612  61 ASP A CG  
476 O OD1 . ASP A 62 ? 0.5064 0.3353 0.1967 -0.0064 -0.0328 -0.0300 61 ASP A OD1 
477 O OD2 . ASP A 62 ? 0.4217 0.3767 0.3745 0.0561  -0.0522 0.0590  61 ASP A OD2 
478 N N   . LYS A 63 ? 0.2804 0.1965 0.1948 -0.0500 -0.0529 0.0005  62 LYS A N   
479 C CA  . LYS A 63 ? 0.3105 0.2551 0.1940 -0.0120 -0.0818 0.0192  62 LYS A CA  
480 C C   . LYS A 63 ? 0.2832 0.2517 0.1512 -0.0223 -0.0763 0.0007  62 LYS A C   
481 O O   . LYS A 63 ? 0.3547 0.2599 0.1813 -0.0665 -0.0741 -0.0478 62 LYS A O   
482 C CB  . LYS A 63 ? 0.3812 0.2155 0.2560 -0.0782 -0.0046 0.0534  62 LYS A CB  
483 C CG  . LYS A 63 ? 0.4324 0.2316 0.3238 -0.0628 0.0341  0.0344  62 LYS A CG  
484 C CD  . LYS A 63 ? 0.3447 0.2763 0.3526 -0.0276 -0.0723 -0.0249 62 LYS A CD  
485 C CE  . LYS A 63 ? 0.4716 0.4193 0.2517 -0.0091 -0.0568 0.0321  62 LYS A CE  
486 N NZ  . LYS A 63 ? 0.4795 0.5346 0.4879 -0.0626 -0.0350 -0.0139 62 LYS A NZ  
487 N N   . CYS A 64 ? 0.2791 0.1922 0.0819 -0.0162 -0.0945 0.0652  63 CYS A N   
488 C CA  . CYS A 64 ? 0.2637 0.2036 0.1917 -0.0442 -0.0851 0.0093  63 CYS A CA  
489 C C   . CYS A 64 ? 0.3013 0.2133 0.1728 -0.0386 -0.0740 0.0215  63 CYS A C   
490 O O   . CYS A 64 ? 0.3926 0.2907 0.2524 0.0069  -0.0876 0.0390  63 CYS A O   
491 C CB  . CYS A 64 ? 0.3104 0.1978 0.1387 -0.0233 -0.0589 -0.0096 63 CYS A CB  
492 S SG  . CYS A 64 ? 0.2916 0.1684 0.1495 -0.0319 -0.0730 -0.0162 63 CYS A SG  
493 N N   . ASN A 65 ? 0.2742 0.1706 0.1683 -0.0288 -0.0582 0.0495  64 ASN A N   
494 C CA  . ASN A 65 ? 0.2608 0.1664 0.1616 -0.0099 -0.0637 0.0012  64 ASN A CA  
495 C C   . ASN A 65 ? 0.3334 0.1732 0.1957 -0.0278 -0.0619 0.0188  64 ASN A C   
496 O O   . ASN A 65 ? 0.4295 0.1443 0.2019 -0.0012 -0.0892 0.0034  64 ASN A O   
497 C CB  . ASN A 65 ? 0.2232 0.1597 0.1609 -0.0322 -0.0754 0.0488  64 ASN A CB  
498 C CG  . ASN A 65 ? 0.2021 0.1711 0.1349 -0.0390 -0.0539 0.0469  64 ASN A CG  
499 O OD1 . ASN A 65 ? 0.2195 0.1109 0.0668 -0.0727 -0.0711 0.0422  64 ASN A OD1 
500 N ND2 . ASN A 65 ? 0.1704 0.1660 0.1784 -0.0181 -0.1025 0.0389  64 ASN A ND2 
501 N N   . GLU A 66 ? 0.3219 0.2312 0.1717 -0.0037 -0.0847 0.0326  65 GLU A N   
502 C CA  . GLU A 66 ? 0.4143 0.2504 0.2572 -0.0229 -0.0227 -0.0154 65 GLU A CA  
503 C C   . GLU A 66 ? 0.5040 0.2165 0.3012 0.0059  -0.0385 -0.0288 65 GLU A C   
504 O O   . GLU A 66 ? 0.4376 0.2572 0.3827 -0.0070 -0.0076 0.0980  65 GLU A O   
505 C CB  . GLU A 66 ? 0.4404 0.3990 0.4614 -0.1025 -0.0606 -0.0439 65 GLU A CB  
506 C CG  . GLU A 66 ? 0.5686 0.4031 0.5832 -0.0443 0.0718  -0.0401 65 GLU A CG  
507 C CD  . GLU A 66 ? 0.4371 0.3469 0.3506 -0.0761 -0.1124 -0.0554 65 GLU A CD  
508 O OE1 . GLU A 66 ? 0.4985 0.2338 0.3236 -0.1519 -0.1275 -0.0374 65 GLU A OE1 
509 O OE2 . GLU A 66 ? 0.4376 0.3257 0.3558 -0.1487 0.0264  -0.0213 65 GLU A OE2 
510 O OXT . GLU A 66 ? 0.3920 0.2597 0.3335 -0.0110 -0.0748 0.0165  65 GLU A OXT 
# 
